data_8SQL
#
_entry.id   8SQL
#
loop_
_entity.id
_entity.type
_entity.pdbx_description
1 polymer 'Metal resistance protein YCF1'
2 polymer 'Unknown peptide from Ycf1p R region'
3 non-polymer PHOSPHATIDYLETHANOLAMINE
#
loop_
_entity_poly.entity_id
_entity_poly.type
_entity_poly.pdbx_seq_one_letter_code
_entity_poly.pdbx_strand_id
1 'polypeptide(L)'
;MAGNLVSWACKLCRSPEGFGPISFYGDFTQCFIDGVILNLSAIFMITFGIRDLVNLCKKKHSGIKYRRNWIIVSRMALVL
LEIAFVSLASLNISKEEAENFTIVSQYASTMLSLFVALALHWIEYDRSVVANTVLLFYWLFETFGNFAKLINILIRHTYE
GIWYSGQTGFILTLFQVITCASILLLEALPKKPLMPHQHIHQTLTRRKPNPYDSANIFSRITFSWMSGLMKTGYEKYLVE
ADLYKLPRNFSSEELSQKLEKNWENELKQKSNPSLSWAICRTFGSKMLLAAFFKAIHDVLAFTQPQLLRILIKFVTDYNS
ERQDDHSSLQGFENNHPQKLPIVRGFLIAFAMFLVGFTQTSVLHQYFLNVFNTGMYIKSALTALIYQKSLVLSNEASGLS
STGDIVNLMSVDVQKLQDLTQWLNLIWSGPFQIIICLYSLYKLLGNSMWVGVIILVIMMPLNSFLMRIQKKLQKSQMKYK
DERTRVISEILNNIKSLKLYAWEKPYREKLEEVRNNKELKNLTKLGCYMAVTSFQFNIVPFLVSCCTFAVFVYTEDRALT
TDLVFPALTLFNLLSFPLMIIPMVLNSFIEASVSIGRLFTFFTNEELQPDSVQRLPKVKNIGDVAINIGDDATFLWQRKP
EYKVALKNINFQAKKGNLTCIVGKVGSGKTALLSCMLGDLFRVKGFATVHGSVAYVSQVPWIMNGTVKENILFGHRYDAE
FYEKTIKACALTIDLAILMDGDKTLVGEKGISLSGGQKARLSLARAVYARADTYLLDDPLAAVDEHVARHLIEHVLGPNG
LLHTKTKVLATNKVSALSIADSIALLDNGEITQQGTYDEITKDADSPLWKLLNNYGKKNNGKSNEFGDSSESSVRESSIP
VEGELEQLQKLNDLDFGNSDAISLRRASDATLGSIDFGDDENIAKREHREQGKVKWNIYLEYAKACNPKSVCVFILFIVI
SMFLSVMGNVWLKHWSEVNSRYGSNPNAARYLAIYFALGIGSALATLIQTIVLWVFCTIHASKYLHNLMTNSVLRAPMTF
FETTPIGRILNRFSNDIYKVDALLGRTFSQFFVNAVKVTFTITVICATTWQFIFIIIPLSVFYIYYQQYYLRTSRELRRL
DSITRSPIYSHFQETLGGLATVRGYSQQKRFSHINQCRIDNNMSAFYPSINANRWLAYRLELIGSIIILGAATLSVFRLK
QGTLTAGMVGLSLSYALQITQTLNWIVRMTVEVETNIVSVERIKEYADLKSEAPLIVEGHRPPKEWPSQGDIKFNNYSTR
YRPELDLVLKHINIHIKPNEKVGIVGRTGAGKSSLTLALFRMIEASEGNIVIDNIAINEIGLYDLRHKLSIIPQDSQVFE
GTVRENIDPINQYTDEAIWRALELSHLKEHVLSMSNDGLDAQLTEGGGNLSVGQRQLLCLARAMLVPSKILVLDEATAAV
DVETDKVVQETIRTAFKDRTILTIAHRLNTIMDSDRIIVLDNGKVAEFDSPGQLLSDNKSLFYSLCMEAGLVNENDYKDH
DGDYKDHDIDYKDDDDK
;
A
2 'polypeptide(L)' (UNK)(UNK)(UNK)(UNK)(UNK)(UNK)(UNK)(UNK)(UNK)(UNK)(UNK)(UNK)(UNK) B
#
loop_
_chem_comp.id
_chem_comp.type
_chem_comp.name
_chem_comp.formula
PTY non-polymer PHOSPHATIDYLETHANOLAMINE 'C40 H80 N O8 P'
#
# COMPACT_ATOMS: atom_id res chain seq x y z
N CYS A 10 -36.55 -27.53 -41.59
CA CYS A 10 -36.56 -26.04 -41.73
C CYS A 10 -37.51 -25.42 -40.71
N LYS A 11 -37.25 -24.16 -40.36
CA LYS A 11 -38.08 -23.46 -39.40
C LYS A 11 -39.49 -23.25 -39.94
N LEU A 12 -40.46 -23.31 -39.04
CA LEU A 12 -41.86 -23.16 -39.42
C LEU A 12 -42.63 -22.59 -38.23
N CYS A 13 -43.67 -21.82 -38.53
CA CYS A 13 -44.45 -21.14 -37.50
C CYS A 13 -45.84 -20.83 -38.03
N ARG A 14 -46.74 -20.48 -37.10
CA ARG A 14 -48.15 -20.22 -37.40
C ARG A 14 -48.58 -18.90 -36.76
N SER A 15 -47.80 -17.84 -37.00
CA SER A 15 -48.18 -16.50 -36.59
C SER A 15 -47.81 -15.54 -37.70
N PRO A 16 -48.64 -14.52 -37.97
CA PRO A 16 -48.28 -13.59 -39.05
C PRO A 16 -46.98 -12.87 -38.79
N GLU A 17 -46.67 -12.57 -37.54
CA GLU A 17 -45.35 -12.08 -37.20
C GLU A 17 -44.36 -13.24 -37.21
N GLY A 18 -43.22 -13.01 -37.84
CA GLY A 18 -42.26 -14.08 -38.03
C GLY A 18 -41.71 -14.60 -36.72
N PHE A 19 -41.02 -15.73 -36.82
CA PHE A 19 -40.32 -16.29 -35.68
C PHE A 19 -39.13 -15.45 -35.27
N GLY A 20 -38.73 -14.47 -36.09
CA GLY A 20 -37.58 -13.65 -35.82
C GLY A 20 -37.68 -12.93 -34.50
N PRO A 21 -36.54 -12.55 -33.93
CA PRO A 21 -36.52 -12.04 -32.55
C PRO A 21 -37.35 -10.78 -32.35
N ILE A 22 -37.07 -9.74 -33.14
CA ILE A 22 -37.67 -8.43 -32.94
C ILE A 22 -38.73 -8.21 -34.01
N SER A 23 -39.92 -7.80 -33.59
CA SER A 23 -41.05 -7.62 -34.50
C SER A 23 -40.98 -6.25 -35.16
N PHE A 24 -42.04 -5.89 -35.90
CA PHE A 24 -42.13 -4.56 -36.47
C PHE A 24 -42.06 -3.50 -35.37
N TYR A 25 -42.73 -3.75 -34.25
CA TYR A 25 -42.56 -2.91 -33.09
C TYR A 25 -41.24 -3.27 -32.40
N GLY A 26 -40.89 -2.50 -31.38
CA GLY A 26 -39.60 -2.69 -30.76
C GLY A 26 -39.48 -3.90 -29.87
N ASP A 27 -40.56 -4.61 -29.59
CA ASP A 27 -40.55 -5.72 -28.65
C ASP A 27 -40.26 -7.04 -29.37
N PHE A 28 -40.00 -8.07 -28.56
CA PHE A 28 -39.86 -9.42 -29.10
C PHE A 28 -41.19 -9.91 -29.62
N THR A 29 -41.15 -10.65 -30.72
CA THR A 29 -42.37 -11.20 -31.29
C THR A 29 -42.93 -12.28 -30.37
N GLN A 30 -44.24 -12.52 -30.50
CA GLN A 30 -44.93 -13.47 -29.63
C GLN A 30 -44.29 -14.84 -29.70
N CYS A 31 -43.97 -15.30 -30.91
CA CYS A 31 -43.43 -16.64 -31.06
C CYS A 31 -41.99 -16.75 -30.58
N PHE A 32 -41.29 -15.63 -30.43
CA PHE A 32 -39.96 -15.66 -29.83
C PHE A 32 -40.05 -15.64 -28.31
N ILE A 33 -40.98 -14.85 -27.76
CA ILE A 33 -41.19 -14.86 -26.31
C ILE A 33 -41.63 -16.25 -25.86
N ASP A 34 -42.57 -16.85 -26.59
CA ASP A 34 -43.01 -18.20 -26.28
C ASP A 34 -41.97 -19.23 -26.69
N GLY A 35 -41.52 -19.17 -27.94
CA GLY A 35 -40.69 -20.23 -28.47
C GLY A 35 -39.26 -20.23 -27.98
N VAL A 36 -38.70 -19.07 -27.65
CA VAL A 36 -37.29 -18.99 -27.28
C VAL A 36 -37.13 -18.61 -25.81
N ILE A 37 -37.64 -17.44 -25.41
CA ILE A 37 -37.37 -16.95 -24.06
C ILE A 37 -37.98 -17.89 -23.01
N LEU A 38 -39.31 -18.02 -23.02
CA LEU A 38 -39.96 -18.83 -21.98
C LEU A 38 -39.66 -20.31 -22.15
N ASN A 39 -39.64 -20.82 -23.38
CA ASN A 39 -39.26 -22.21 -23.60
C ASN A 39 -37.88 -22.48 -23.03
N LEU A 40 -36.92 -21.61 -23.35
CA LEU A 40 -35.55 -21.84 -22.93
C LEU A 40 -35.39 -21.68 -21.43
N SER A 41 -36.13 -20.76 -20.81
CA SER A 41 -36.05 -20.64 -19.36
C SER A 41 -36.65 -21.87 -18.68
N ALA A 42 -37.74 -22.39 -19.22
CA ALA A 42 -38.31 -23.62 -18.68
C ALA A 42 -37.33 -24.78 -18.80
N ILE A 43 -36.69 -24.91 -19.97
CA ILE A 43 -35.72 -25.99 -20.15
C ILE A 43 -34.50 -25.77 -19.26
N PHE A 44 -34.10 -24.52 -19.05
CA PHE A 44 -33.05 -24.21 -18.10
C PHE A 44 -33.41 -24.73 -16.72
N MET A 45 -34.64 -24.46 -16.28
CA MET A 45 -35.06 -25.00 -15.00
C MET A 45 -35.07 -26.51 -15.01
N ILE A 46 -35.59 -27.15 -16.05
CA ILE A 46 -35.56 -28.60 -16.07
C ILE A 46 -34.15 -29.08 -15.82
N THR A 47 -33.23 -28.72 -16.71
CA THR A 47 -31.86 -29.22 -16.61
C THR A 47 -31.23 -28.86 -15.28
N PHE A 48 -30.95 -27.58 -15.07
CA PHE A 48 -30.14 -27.18 -13.93
C PHE A 48 -30.89 -27.23 -12.61
N GLY A 49 -32.20 -26.97 -12.60
CA GLY A 49 -32.98 -27.15 -11.40
C GLY A 49 -33.11 -28.60 -10.99
N ILE A 50 -33.20 -29.54 -11.93
CA ILE A 50 -33.16 -30.94 -11.55
C ILE A 50 -31.78 -31.29 -11.00
N ARG A 51 -30.73 -30.79 -11.64
CA ARG A 51 -29.38 -31.03 -11.12
C ARG A 51 -29.26 -30.52 -9.68
N ASP A 52 -29.66 -29.27 -9.44
CA ASP A 52 -29.57 -28.70 -8.10
C ASP A 52 -30.49 -29.42 -7.13
N LEU A 53 -31.68 -29.82 -7.59
CA LEU A 53 -32.62 -30.54 -6.75
C LEU A 53 -32.02 -31.86 -6.28
N VAL A 54 -31.39 -32.59 -7.19
CA VAL A 54 -30.74 -33.84 -6.82
C VAL A 54 -29.61 -33.58 -5.84
N ASN A 55 -28.78 -32.58 -6.13
CA ASN A 55 -27.63 -32.31 -5.26
C ASN A 55 -28.09 -31.93 -3.85
N LEU A 56 -29.10 -31.05 -3.75
CA LEU A 56 -29.56 -30.58 -2.45
C LEU A 56 -30.30 -31.68 -1.69
N CYS A 57 -31.08 -32.51 -2.39
CA CYS A 57 -31.72 -33.63 -1.71
C CYS A 57 -30.68 -34.58 -1.14
N LYS A 58 -29.57 -34.74 -1.85
CA LYS A 58 -28.54 -35.70 -1.45
C LYS A 58 -27.75 -35.22 -0.23
N LYS A 59 -27.39 -33.94 -0.20
CA LYS A 59 -26.18 -33.54 0.53
C LYS A 59 -26.38 -33.50 2.04
N LYS A 60 -27.56 -33.10 2.53
CA LYS A 60 -27.76 -33.00 3.97
C LYS A 60 -29.22 -33.13 4.33
N HIS A 61 -29.48 -33.54 5.58
CA HIS A 61 -30.84 -33.70 6.07
C HIS A 61 -31.03 -33.27 7.52
N SER A 62 -30.09 -32.57 8.15
CA SER A 62 -30.18 -32.34 9.58
C SER A 62 -29.34 -31.13 9.99
N GLY A 63 -29.62 -30.64 11.19
CA GLY A 63 -28.77 -29.67 11.87
C GLY A 63 -28.96 -28.23 11.47
N ILE A 64 -28.68 -27.91 10.21
CA ILE A 64 -28.67 -26.52 9.76
C ILE A 64 -30.05 -26.00 9.40
N LYS A 65 -31.06 -26.89 9.37
CA LYS A 65 -32.36 -26.56 8.80
C LYS A 65 -32.96 -25.31 9.42
N TYR A 66 -33.64 -24.53 8.57
CA TYR A 66 -34.23 -23.25 8.92
C TYR A 66 -35.69 -23.41 9.36
N ARG A 67 -36.24 -22.36 9.95
CA ARG A 67 -37.62 -22.38 10.42
C ARG A 67 -38.58 -22.15 9.26
N ARG A 68 -39.69 -22.88 9.28
CA ARG A 68 -40.73 -22.78 8.25
C ARG A 68 -41.55 -21.51 8.44
N ASN A 69 -40.94 -20.35 8.22
CA ASN A 69 -41.57 -19.07 8.48
C ASN A 69 -42.52 -18.73 7.34
N TRP A 70 -43.21 -17.60 7.46
CA TRP A 70 -44.10 -17.13 6.41
C TRP A 70 -43.41 -17.09 5.05
N ILE A 71 -42.09 -16.99 5.02
CA ILE A 71 -41.37 -16.87 3.75
C ILE A 71 -41.63 -18.09 2.88
N ILE A 72 -41.41 -19.29 3.43
CA ILE A 72 -41.51 -20.49 2.61
C ILE A 72 -42.96 -20.73 2.19
N VAL A 73 -43.91 -20.50 3.09
CA VAL A 73 -45.30 -20.72 2.74
C VAL A 73 -45.73 -19.76 1.64
N SER A 74 -45.29 -18.50 1.71
CA SER A 74 -45.60 -17.56 0.64
C SER A 74 -44.98 -18.01 -0.68
N ARG A 75 -43.74 -18.48 -0.64
CA ARG A 75 -43.11 -18.98 -1.86
C ARG A 75 -43.93 -20.12 -2.46
N MET A 76 -44.26 -21.13 -1.66
CA MET A 76 -45.00 -22.27 -2.18
C MET A 76 -46.36 -21.84 -2.72
N ALA A 77 -47.05 -20.96 -1.99
CA ALA A 77 -48.36 -20.52 -2.45
C ALA A 77 -48.26 -19.80 -3.77
N LEU A 78 -47.24 -18.95 -3.94
CA LEU A 78 -47.10 -18.22 -5.20
C LEU A 78 -46.75 -19.16 -6.33
N VAL A 79 -45.94 -20.19 -6.08
CA VAL A 79 -45.72 -21.17 -7.13
C VAL A 79 -47.02 -21.87 -7.50
N LEU A 80 -47.83 -22.23 -6.50
CA LEU A 80 -49.09 -22.89 -6.81
C LEU A 80 -49.99 -21.97 -7.63
N LEU A 81 -49.99 -20.68 -7.32
CA LEU A 81 -50.73 -19.73 -8.13
C LEU A 81 -50.19 -19.69 -9.56
N GLU A 82 -48.87 -19.83 -9.71
CA GLU A 82 -48.30 -19.89 -11.06
C GLU A 82 -48.79 -21.12 -11.82
N ILE A 83 -48.81 -22.29 -11.18
CA ILE A 83 -49.40 -23.46 -11.83
C ILE A 83 -50.86 -23.19 -12.18
N ALA A 84 -51.59 -22.56 -11.28
CA ALA A 84 -52.98 -22.25 -11.55
C ALA A 84 -53.11 -21.41 -12.81
N PHE A 85 -52.35 -20.31 -12.88
CA PHE A 85 -52.48 -19.41 -14.02
C PHE A 85 -51.97 -20.03 -15.31
N VAL A 86 -50.94 -20.87 -15.26
CA VAL A 86 -50.45 -21.46 -16.50
C VAL A 86 -51.38 -22.57 -17.00
N SER A 87 -51.94 -23.39 -16.09
CA SER A 87 -52.97 -24.34 -16.51
C SER A 87 -54.17 -23.60 -17.08
N LEU A 88 -54.58 -22.51 -16.42
CA LEU A 88 -55.69 -21.71 -16.94
C LEU A 88 -55.34 -21.10 -18.29
N ALA A 89 -54.07 -20.77 -18.52
CA ALA A 89 -53.64 -20.30 -19.83
C ALA A 89 -53.81 -21.38 -20.89
N SER A 90 -53.33 -22.58 -20.58
CA SER A 90 -53.48 -23.68 -21.54
C SER A 90 -54.96 -23.93 -21.82
N LEU A 91 -55.80 -23.81 -20.80
CA LEU A 91 -57.25 -23.91 -21.01
C LEU A 91 -57.75 -22.80 -21.92
N ASN A 92 -57.29 -21.58 -21.70
CA ASN A 92 -57.71 -20.43 -22.51
C ASN A 92 -57.15 -20.48 -23.91
N ILE A 93 -56.23 -21.39 -24.20
CA ILE A 93 -55.64 -21.51 -25.54
C ILE A 93 -56.00 -22.83 -26.21
N SER A 94 -56.64 -23.77 -25.51
CA SER A 94 -56.87 -25.09 -26.06
C SER A 94 -57.63 -25.07 -27.38
N LYS A 95 -58.41 -24.03 -27.66
CA LYS A 95 -59.17 -23.94 -28.90
C LYS A 95 -58.76 -22.77 -29.78
N GLU A 96 -58.10 -21.74 -29.22
CA GLU A 96 -57.74 -20.54 -29.96
C GLU A 96 -56.46 -20.76 -30.77
N GLU A 97 -56.59 -21.59 -31.80
CA GLU A 97 -55.46 -21.92 -32.68
C GLU A 97 -54.35 -22.61 -31.90
N ALA A 98 -54.71 -23.69 -31.19
CA ALA A 98 -53.74 -24.45 -30.42
C ALA A 98 -52.68 -25.11 -31.28
N GLU A 99 -52.76 -25.00 -32.61
CA GLU A 99 -51.76 -25.61 -33.48
C GLU A 99 -50.41 -24.92 -33.37
N ASN A 100 -50.32 -23.75 -32.76
CA ASN A 100 -49.06 -23.01 -32.73
C ASN A 100 -48.09 -23.73 -31.80
N PHE A 101 -47.14 -24.43 -32.42
CA PHE A 101 -46.23 -25.28 -31.66
C PHE A 101 -45.52 -24.50 -30.57
N THR A 102 -45.07 -23.28 -30.87
CA THR A 102 -44.36 -22.52 -29.85
C THR A 102 -45.23 -22.29 -28.62
N ILE A 103 -46.47 -21.84 -28.81
CA ILE A 103 -47.33 -21.54 -27.67
C ILE A 103 -47.59 -22.82 -26.87
N VAL A 104 -48.04 -23.88 -27.54
CA VAL A 104 -48.45 -25.06 -26.79
C VAL A 104 -47.25 -25.73 -26.13
N SER A 105 -46.12 -25.80 -26.84
CA SER A 105 -44.93 -26.42 -26.28
C SER A 105 -44.39 -25.61 -25.11
N GLN A 106 -44.46 -24.28 -25.18
CA GLN A 106 -43.91 -23.52 -24.06
C GLN A 106 -44.85 -23.54 -22.87
N TYR A 107 -46.16 -23.68 -23.09
CA TYR A 107 -47.03 -23.96 -21.95
C TYR A 107 -46.69 -25.29 -21.30
N ALA A 108 -46.47 -26.33 -22.10
CA ALA A 108 -46.08 -27.61 -21.52
C ALA A 108 -44.78 -27.50 -20.73
N SER A 109 -43.77 -26.89 -21.35
CA SER A 109 -42.47 -26.75 -20.71
C SER A 109 -42.57 -25.91 -19.45
N THR A 110 -43.32 -24.82 -19.50
CA THR A 110 -43.49 -23.98 -18.32
C THR A 110 -44.17 -24.74 -17.20
N MET A 111 -45.17 -25.56 -17.52
CA MET A 111 -45.85 -26.32 -16.48
C MET A 111 -44.88 -27.30 -15.82
N LEU A 112 -44.13 -28.05 -16.62
CA LEU A 112 -43.18 -28.99 -16.04
C LEU A 112 -42.12 -28.25 -15.24
N SER A 113 -41.66 -27.11 -15.75
CA SER A 113 -40.66 -26.32 -15.03
C SER A 113 -41.22 -25.79 -13.72
N LEU A 114 -42.51 -25.44 -13.71
CA LEU A 114 -43.13 -24.99 -12.47
C LEU A 114 -43.21 -26.10 -11.45
N PHE A 115 -43.47 -27.34 -11.89
CA PHE A 115 -43.39 -28.44 -10.94
C PHE A 115 -41.97 -28.60 -10.40
N VAL A 116 -40.97 -28.48 -11.28
CA VAL A 116 -39.58 -28.60 -10.82
C VAL A 116 -39.26 -27.49 -9.82
N ALA A 117 -39.71 -26.27 -10.11
CA ALA A 117 -39.48 -25.16 -9.18
C ALA A 117 -40.21 -25.38 -7.87
N LEU A 118 -41.42 -25.94 -7.92
CA LEU A 118 -42.15 -26.25 -6.70
C LEU A 118 -41.36 -27.20 -5.83
N ALA A 119 -40.79 -28.24 -6.44
CA ALA A 119 -39.94 -29.16 -5.68
C ALA A 119 -38.70 -28.44 -5.15
N LEU A 120 -38.08 -27.61 -5.99
CA LEU A 120 -36.79 -27.03 -5.66
C LEU A 120 -36.90 -26.00 -4.55
N HIS A 121 -38.00 -25.24 -4.50
CA HIS A 121 -38.19 -24.33 -3.39
C HIS A 121 -38.13 -25.06 -2.06
N TRP A 122 -38.89 -26.15 -1.95
CA TRP A 122 -38.97 -26.87 -0.69
C TRP A 122 -37.64 -27.53 -0.36
N ILE A 123 -37.05 -28.23 -1.32
CA ILE A 123 -35.81 -28.95 -1.03
C ILE A 123 -34.67 -27.98 -0.76
N GLU A 124 -34.71 -26.79 -1.37
CA GLU A 124 -33.77 -25.73 -1.03
C GLU A 124 -33.95 -25.26 0.40
N TYR A 125 -35.18 -24.91 0.77
CA TYR A 125 -35.39 -24.06 1.94
C TYR A 125 -34.78 -24.69 3.18
N ASP A 126 -34.97 -26.00 3.36
CA ASP A 126 -34.44 -26.67 4.54
C ASP A 126 -32.93 -26.84 4.50
N ARG A 127 -32.31 -26.82 3.31
CA ARG A 127 -30.90 -27.13 3.20
C ARG A 127 -30.00 -25.91 3.07
N SER A 128 -30.22 -25.10 2.04
CA SER A 128 -29.24 -24.12 1.61
C SER A 128 -29.40 -22.80 2.36
N VAL A 129 -28.26 -22.19 2.69
CA VAL A 129 -28.27 -20.82 3.20
C VAL A 129 -28.53 -19.85 2.06
N VAL A 130 -27.84 -20.03 0.93
CA VAL A 130 -28.01 -19.16 -0.22
C VAL A 130 -29.33 -19.49 -0.91
N ALA A 131 -30.10 -18.45 -1.22
CA ALA A 131 -31.23 -18.64 -2.12
C ALA A 131 -30.71 -19.19 -3.44
N ASN A 132 -31.31 -20.28 -3.91
CA ASN A 132 -30.70 -21.05 -4.98
C ASN A 132 -30.52 -20.21 -6.23
N THR A 133 -29.31 -20.28 -6.80
CA THR A 133 -29.00 -19.49 -8.00
C THR A 133 -29.93 -19.85 -9.16
N VAL A 134 -30.12 -21.15 -9.39
CA VAL A 134 -30.95 -21.59 -10.52
C VAL A 134 -32.36 -21.08 -10.35
N LEU A 135 -32.89 -21.14 -9.13
CA LEU A 135 -34.25 -20.69 -8.88
C LEU A 135 -34.39 -19.19 -9.09
N LEU A 136 -33.40 -18.43 -8.64
CA LEU A 136 -33.43 -16.98 -8.84
C LEU A 136 -33.39 -16.62 -10.31
N PHE A 137 -32.47 -17.22 -11.08
CA PHE A 137 -32.45 -16.95 -12.51
C PHE A 137 -33.71 -17.43 -13.21
N TYR A 138 -34.27 -18.56 -12.77
CA TYR A 138 -35.51 -19.04 -13.36
C TYR A 138 -36.62 -18.02 -13.19
N TRP A 139 -36.80 -17.51 -11.97
CA TRP A 139 -37.84 -16.50 -11.78
C TRP A 139 -37.50 -15.18 -12.47
N LEU A 140 -36.23 -14.83 -12.58
CA LEU A 140 -35.89 -13.62 -13.34
C LEU A 140 -36.30 -13.78 -14.80
N PHE A 141 -35.98 -14.92 -15.39
CA PHE A 141 -36.33 -15.13 -16.80
C PHE A 141 -37.83 -15.33 -16.98
N GLU A 142 -38.53 -15.96 -16.04
CA GLU A 142 -39.97 -16.05 -16.15
C GLU A 142 -40.61 -14.67 -16.05
N THR A 143 -40.16 -13.84 -15.11
CA THR A 143 -40.69 -12.49 -15.01
C THR A 143 -40.41 -11.71 -16.28
N PHE A 144 -39.19 -11.79 -16.81
CA PHE A 144 -38.86 -11.05 -18.02
C PHE A 144 -39.65 -11.56 -19.21
N GLY A 145 -39.77 -12.87 -19.37
CA GLY A 145 -40.51 -13.41 -20.50
C GLY A 145 -41.99 -13.08 -20.43
N ASN A 146 -42.60 -13.22 -19.25
CA ASN A 146 -44.00 -12.87 -19.10
C ASN A 146 -44.21 -11.37 -19.25
N PHE A 147 -43.24 -10.56 -18.82
CA PHE A 147 -43.35 -9.12 -19.02
C PHE A 147 -43.23 -8.75 -20.48
N ALA A 148 -42.32 -9.41 -21.21
CA ALA A 148 -42.23 -9.21 -22.65
C ALA A 148 -43.51 -9.63 -23.34
N LYS A 149 -44.11 -10.73 -22.89
CA LYS A 149 -45.39 -11.16 -23.46
C LYS A 149 -46.49 -10.15 -23.15
N LEU A 150 -46.51 -9.62 -21.93
CA LEU A 150 -47.48 -8.58 -21.60
C LEU A 150 -47.30 -7.37 -22.49
N ILE A 151 -46.04 -6.95 -22.67
CA ILE A 151 -45.76 -5.80 -23.53
C ILE A 151 -46.22 -6.09 -24.95
N ASN A 152 -45.97 -7.31 -25.44
CA ASN A 152 -46.42 -7.68 -26.78
C ASN A 152 -47.93 -7.60 -26.89
N ILE A 153 -48.64 -8.26 -26.00
CA ILE A 153 -50.11 -8.26 -26.06
C ILE A 153 -50.64 -6.84 -26.01
N LEU A 154 -50.07 -6.02 -25.13
CA LEU A 154 -50.59 -4.67 -24.97
C LEU A 154 -50.24 -3.78 -26.16
N ILE A 155 -49.05 -3.95 -26.75
CA ILE A 155 -48.69 -3.18 -27.93
C ILE A 155 -49.63 -3.51 -29.08
N ARG A 156 -49.85 -4.79 -29.32
CA ARG A 156 -50.78 -5.15 -30.38
C ARG A 156 -52.20 -4.71 -30.06
N HIS A 157 -52.63 -4.75 -28.80
CA HIS A 157 -53.92 -4.16 -28.49
C HIS A 157 -53.98 -2.72 -28.94
N THR A 158 -53.00 -1.91 -28.53
CA THR A 158 -53.08 -0.47 -28.76
C THR A 158 -52.85 -0.09 -30.22
N TYR A 159 -52.21 -0.94 -31.01
CA TYR A 159 -51.89 -0.61 -32.40
C TYR A 159 -52.75 -1.32 -33.44
N GLU A 160 -53.31 -2.48 -33.11
CA GLU A 160 -54.09 -3.27 -34.06
C GLU A 160 -55.48 -3.61 -33.55
N GLY A 161 -55.82 -3.26 -32.31
CA GLY A 161 -57.15 -3.46 -31.80
C GLY A 161 -57.49 -4.87 -31.36
N ILE A 162 -56.56 -5.82 -31.42
CA ILE A 162 -56.85 -7.21 -31.09
C ILE A 162 -55.87 -7.71 -30.04
N TRP A 163 -56.36 -8.66 -29.23
CA TRP A 163 -55.55 -9.38 -28.26
C TRP A 163 -55.26 -10.76 -28.83
N TYR A 164 -53.98 -11.11 -28.96
CA TYR A 164 -53.64 -12.43 -29.48
C TYR A 164 -54.19 -13.54 -28.59
N SER A 165 -54.09 -13.35 -27.27
CA SER A 165 -54.59 -14.33 -26.31
C SER A 165 -55.98 -13.98 -25.79
N GLY A 166 -56.67 -13.05 -26.44
CA GLY A 166 -57.95 -12.61 -25.96
C GLY A 166 -57.81 -11.75 -24.73
N GLN A 167 -58.86 -11.01 -24.37
CA GLN A 167 -58.76 -10.15 -23.20
C GLN A 167 -58.54 -10.95 -21.93
N THR A 168 -59.10 -12.17 -21.86
CA THR A 168 -58.79 -13.05 -20.74
C THR A 168 -57.29 -13.34 -20.69
N GLY A 169 -56.70 -13.60 -21.86
CA GLY A 169 -55.27 -13.88 -21.89
C GLY A 169 -54.44 -12.73 -21.40
N PHE A 170 -54.86 -11.49 -21.68
CA PHE A 170 -54.12 -10.34 -21.19
C PHE A 170 -54.12 -10.29 -19.67
N ILE A 171 -55.30 -10.38 -19.05
CA ILE A 171 -55.38 -10.35 -17.59
C ILE A 171 -54.61 -11.50 -16.99
N LEU A 172 -54.71 -12.68 -17.61
CA LEU A 172 -54.02 -13.86 -17.08
C LEU A 172 -52.51 -13.70 -17.16
N THR A 173 -52.00 -13.15 -18.28
CA THR A 173 -50.57 -12.90 -18.39
C THR A 173 -50.13 -11.81 -17.40
N LEU A 174 -51.00 -10.82 -17.16
CA LEU A 174 -50.68 -9.82 -16.14
C LEU A 174 -50.52 -10.48 -14.78
N PHE A 175 -51.43 -11.39 -14.45
CA PHE A 175 -51.31 -12.11 -13.18
C PHE A 175 -50.03 -12.94 -13.15
N GLN A 176 -49.68 -13.59 -14.25
CA GLN A 176 -48.42 -14.33 -14.27
C GLN A 176 -47.24 -13.40 -14.02
N VAL A 177 -47.24 -12.22 -14.63
CA VAL A 177 -46.15 -11.28 -14.42
C VAL A 177 -46.06 -10.87 -12.96
N ILE A 178 -47.20 -10.54 -12.36
CA ILE A 178 -47.22 -10.11 -10.97
C ILE A 178 -46.71 -11.22 -10.06
N THR A 179 -47.18 -12.45 -10.29
CA THR A 179 -46.77 -13.54 -9.40
C THR A 179 -45.32 -13.92 -9.60
N CYS A 180 -44.81 -13.87 -10.84
CA CYS A 180 -43.40 -14.14 -11.05
C CYS A 180 -42.53 -13.08 -10.38
N ALA A 181 -42.88 -11.81 -10.52
CA ALA A 181 -42.11 -10.77 -9.86
C ALA A 181 -42.18 -10.92 -8.34
N SER A 182 -43.38 -11.23 -7.82
CA SER A 182 -43.54 -11.39 -6.38
C SER A 182 -42.67 -12.51 -5.85
N ILE A 183 -42.72 -13.68 -6.48
CA ILE A 183 -41.93 -14.79 -5.98
C ILE A 183 -40.45 -14.54 -6.20
N LEU A 184 -40.10 -13.82 -7.26
CA LEU A 184 -38.71 -13.40 -7.46
C LEU A 184 -38.22 -12.60 -6.26
N LEU A 185 -39.03 -11.65 -5.81
CA LEU A 185 -38.60 -10.81 -4.69
C LEU A 185 -38.59 -11.58 -3.39
N LEU A 186 -39.58 -12.44 -3.17
CA LEU A 186 -39.59 -13.24 -1.94
C LEU A 186 -38.48 -14.28 -1.92
N GLU A 187 -37.92 -14.61 -3.08
CA GLU A 187 -36.76 -15.48 -3.11
C GLU A 187 -35.48 -14.68 -2.87
N ALA A 188 -35.36 -13.51 -3.51
CA ALA A 188 -34.11 -12.76 -3.44
C ALA A 188 -33.92 -12.08 -2.09
N LEU A 189 -34.95 -11.44 -1.54
CA LEU A 189 -34.74 -10.55 -0.40
C LEU A 189 -34.65 -11.26 0.95
N PRO A 190 -35.59 -12.15 1.28
CA PRO A 190 -35.66 -12.66 2.66
C PRO A 190 -34.46 -13.53 3.03
N LYS A 191 -34.17 -13.56 4.34
CA LYS A 191 -32.97 -14.19 4.87
C LYS A 191 -33.18 -15.56 5.48
N LYS A 192 -34.41 -16.11 5.47
CA LYS A 192 -34.63 -17.46 5.99
C LYS A 192 -34.17 -17.63 7.44
N PRO A 193 -34.98 -17.24 8.43
CA PRO A 193 -34.52 -17.25 9.82
C PRO A 193 -34.00 -18.62 10.25
N LEU A 194 -32.97 -18.59 11.11
CA LEU A 194 -32.12 -19.74 11.39
C LEU A 194 -32.69 -20.71 12.43
N MET A 195 -33.88 -20.47 12.97
CA MET A 195 -34.45 -21.39 13.95
C MET A 195 -33.52 -21.52 15.15
N PRO A 196 -33.44 -20.50 16.01
CA PRO A 196 -32.49 -20.55 17.14
C PRO A 196 -32.58 -21.86 17.91
N HIS A 197 -31.44 -22.24 18.50
CA HIS A 197 -31.35 -23.46 19.29
C HIS A 197 -31.96 -23.26 20.68
N THR A 205 -14.43 -14.24 19.85
CA THR A 205 -14.57 -12.87 19.40
C THR A 205 -13.96 -12.67 18.02
N ARG A 206 -13.72 -13.78 17.32
CA ARG A 206 -13.09 -13.69 16.00
C ARG A 206 -14.02 -13.05 14.98
N ARG A 207 -13.45 -12.68 13.85
CA ARG A 207 -14.19 -11.98 12.80
C ARG A 207 -15.35 -12.83 12.30
N LYS A 208 -16.44 -12.16 11.93
CA LYS A 208 -17.63 -12.85 11.48
C LYS A 208 -17.43 -13.44 10.08
N PRO A 209 -18.20 -14.46 9.71
CA PRO A 209 -18.07 -15.03 8.37
C PRO A 209 -18.31 -13.99 7.28
N ASN A 210 -17.67 -14.20 6.14
CA ASN A 210 -17.77 -13.26 5.03
C ASN A 210 -19.19 -13.23 4.49
N PRO A 211 -19.77 -12.05 4.25
CA PRO A 211 -21.11 -12.01 3.64
C PRO A 211 -21.16 -12.60 2.25
N TYR A 212 -20.04 -12.63 1.53
CA TYR A 212 -20.06 -13.19 0.18
C TYR A 212 -20.51 -14.63 0.19
N ASP A 213 -20.21 -15.36 1.26
CA ASP A 213 -20.63 -16.76 1.34
C ASP A 213 -22.14 -16.90 1.38
N SER A 214 -22.84 -15.95 2.00
CA SER A 214 -24.29 -16.02 2.14
C SER A 214 -25.03 -15.32 1.01
N ALA A 215 -24.35 -14.49 0.22
CA ALA A 215 -25.02 -13.71 -0.80
C ALA A 215 -25.57 -14.59 -1.91
N ASN A 216 -26.87 -14.44 -2.18
CA ASN A 216 -27.49 -15.12 -3.31
C ASN A 216 -27.04 -14.47 -4.62
N ILE A 217 -27.38 -15.11 -5.74
CA ILE A 217 -26.75 -14.76 -7.01
C ILE A 217 -26.97 -13.30 -7.36
N PHE A 218 -28.16 -12.75 -7.11
CA PHE A 218 -28.35 -11.33 -7.40
C PHE A 218 -27.52 -10.46 -6.49
N SER A 219 -27.41 -10.82 -5.21
CA SER A 219 -26.56 -10.05 -4.31
C SER A 219 -25.11 -10.11 -4.75
N ARG A 220 -24.66 -11.27 -5.22
CA ARG A 220 -23.30 -11.41 -5.72
C ARG A 220 -23.09 -10.57 -6.97
N ILE A 221 -24.05 -10.59 -7.89
CA ILE A 221 -23.95 -9.81 -9.12
C ILE A 221 -23.87 -8.33 -8.80
N THR A 222 -24.76 -7.85 -7.93
CA THR A 222 -24.82 -6.43 -7.61
C THR A 222 -23.83 -6.01 -6.55
N PHE A 223 -23.08 -6.94 -5.95
CA PHE A 223 -22.16 -6.64 -4.87
C PHE A 223 -22.87 -5.96 -3.71
N SER A 224 -24.16 -6.25 -3.54
CA SER A 224 -24.90 -5.75 -2.39
C SER A 224 -24.46 -6.38 -1.08
N TRP A 225 -23.62 -7.41 -1.15
CA TRP A 225 -23.03 -7.99 0.05
C TRP A 225 -21.93 -7.12 0.64
N MET A 226 -21.37 -6.19 -0.14
CA MET A 226 -20.41 -5.23 0.38
C MET A 226 -21.07 -4.07 1.10
N SER A 227 -22.38 -3.87 0.92
CA SER A 227 -23.02 -2.65 1.43
C SER A 227 -22.88 -2.54 2.94
N GLY A 228 -22.98 -3.65 3.68
CA GLY A 228 -22.82 -3.57 5.11
C GLY A 228 -21.45 -3.05 5.51
N LEU A 229 -20.41 -3.55 4.84
CA LEU A 229 -19.07 -3.09 5.15
C LEU A 229 -18.88 -1.64 4.73
N MET A 230 -19.46 -1.24 3.61
CA MET A 230 -19.33 0.15 3.17
C MET A 230 -19.98 1.09 4.18
N LYS A 231 -21.16 0.74 4.68
CA LYS A 231 -21.82 1.57 5.69
C LYS A 231 -21.00 1.62 6.98
N THR A 232 -20.52 0.46 7.44
CA THR A 232 -19.78 0.44 8.69
C THR A 232 -18.50 1.26 8.57
N GLY A 233 -17.78 1.13 7.45
CA GLY A 233 -16.58 1.92 7.25
C GLY A 233 -16.87 3.40 7.02
N TYR A 234 -18.08 3.72 6.57
CA TYR A 234 -18.47 5.12 6.45
C TYR A 234 -18.74 5.74 7.81
N GLU A 235 -19.32 4.98 8.74
CA GLU A 235 -19.68 5.55 10.04
C GLU A 235 -18.55 5.47 11.05
N LYS A 236 -17.69 4.45 10.99
CA LYS A 236 -16.57 4.31 11.91
C LYS A 236 -15.28 4.03 11.17
N TYR A 237 -14.17 4.48 11.75
CA TYR A 237 -12.87 4.04 11.30
C TYR A 237 -12.73 2.54 11.52
N LEU A 238 -12.27 1.83 10.49
CA LEU A 238 -12.19 0.39 10.55
C LEU A 238 -10.88 -0.05 11.20
N VAL A 239 -10.99 -0.81 12.27
CA VAL A 239 -9.89 -1.62 12.75
C VAL A 239 -10.00 -2.99 12.11
N GLU A 240 -8.89 -3.73 12.08
CA GLU A 240 -8.87 -4.99 11.34
C GLU A 240 -9.93 -5.95 11.87
N ALA A 241 -10.38 -5.77 13.10
CA ALA A 241 -11.43 -6.61 13.65
C ALA A 241 -12.80 -6.31 13.05
N ASP A 242 -12.95 -5.24 12.26
CA ASP A 242 -14.21 -4.98 11.58
C ASP A 242 -14.36 -5.76 10.29
N LEU A 243 -13.25 -6.25 9.74
CA LEU A 243 -13.29 -7.04 8.52
C LEU A 243 -13.92 -8.40 8.80
N TYR A 244 -14.47 -8.99 7.74
CA TYR A 244 -15.01 -10.34 7.83
C TYR A 244 -13.91 -11.34 7.50
N LYS A 245 -13.99 -12.52 8.10
CA LYS A 245 -12.99 -13.52 7.82
C LYS A 245 -13.08 -13.92 6.35
N LEU A 246 -12.00 -14.48 5.84
CA LEU A 246 -11.83 -14.61 4.41
C LEU A 246 -12.79 -15.68 3.86
N PRO A 247 -13.24 -15.53 2.61
CA PRO A 247 -14.31 -16.40 2.10
C PRO A 247 -13.95 -17.89 2.13
N ARG A 248 -14.90 -18.67 1.63
CA ARG A 248 -14.88 -20.12 1.80
C ARG A 248 -13.55 -20.76 1.42
N ASN A 249 -13.09 -20.54 0.19
CA ASN A 249 -11.94 -21.26 -0.36
C ASN A 249 -10.76 -20.33 -0.66
N PHE A 250 -10.65 -19.23 0.06
CA PHE A 250 -9.59 -18.27 -0.16
C PHE A 250 -8.36 -18.53 0.72
N SER A 251 -8.40 -19.56 1.54
CA SER A 251 -7.33 -19.75 2.53
C SER A 251 -6.00 -20.01 1.84
N SER A 252 -4.95 -19.39 2.37
CA SER A 252 -3.63 -19.55 1.78
C SER A 252 -3.18 -21.00 1.82
N GLU A 253 -3.51 -21.72 2.88
CA GLU A 253 -3.14 -23.13 2.96
C GLU A 253 -3.79 -23.92 1.83
N GLU A 254 -5.10 -23.76 1.66
CA GLU A 254 -5.80 -24.48 0.59
C GLU A 254 -5.22 -24.13 -0.77
N LEU A 255 -5.02 -22.83 -1.04
CA LEU A 255 -4.58 -22.43 -2.37
C LEU A 255 -3.15 -22.90 -2.63
N SER A 256 -2.28 -22.83 -1.63
CA SER A 256 -0.92 -23.29 -1.81
C SER A 256 -0.85 -24.79 -1.94
N GLN A 257 -1.72 -25.52 -1.24
CA GLN A 257 -1.77 -26.96 -1.43
C GLN A 257 -2.19 -27.31 -2.85
N LYS A 258 -3.19 -26.59 -3.38
CA LYS A 258 -3.61 -26.83 -4.76
C LYS A 258 -2.47 -26.56 -5.74
N LEU A 259 -1.83 -25.39 -5.61
CA LEU A 259 -0.77 -25.05 -6.54
C LEU A 259 0.41 -26.00 -6.42
N GLU A 260 0.76 -26.39 -5.19
CA GLU A 260 1.82 -27.38 -4.99
C GLU A 260 1.44 -28.72 -5.62
N LYS A 261 0.19 -29.14 -5.44
CA LYS A 261 -0.23 -30.42 -5.98
C LYS A 261 -0.11 -30.45 -7.50
N ASN A 262 -0.30 -29.31 -8.16
CA ASN A 262 -0.08 -29.28 -9.61
C ASN A 262 1.40 -29.11 -9.97
N TRP A 263 2.13 -28.29 -9.20
CA TRP A 263 3.54 -28.06 -9.49
C TRP A 263 4.36 -29.32 -9.29
N GLU A 264 3.94 -30.19 -8.37
CA GLU A 264 4.60 -31.48 -8.23
C GLU A 264 4.45 -32.30 -9.50
N ASN A 265 3.27 -32.29 -10.11
CA ASN A 265 3.10 -32.96 -11.40
C ASN A 265 4.00 -32.33 -12.45
N GLU A 266 4.12 -31.00 -12.45
CA GLU A 266 5.04 -30.37 -13.38
C GLU A 266 6.46 -30.90 -13.20
N LEU A 267 6.90 -31.03 -11.94
CA LEU A 267 8.28 -31.47 -11.68
C LEU A 267 8.50 -32.93 -12.04
N LYS A 268 7.55 -33.81 -11.70
CA LYS A 268 7.80 -35.25 -11.73
C LYS A 268 7.18 -35.97 -12.92
N GLN A 269 6.08 -35.46 -13.48
CA GLN A 269 5.38 -36.13 -14.56
C GLN A 269 5.73 -35.60 -15.94
N LYS A 270 5.96 -34.29 -16.07
CA LYS A 270 6.36 -33.74 -17.36
C LYS A 270 7.85 -33.98 -17.61
N SER A 271 8.23 -33.95 -18.88
CA SER A 271 9.65 -34.03 -19.24
C SER A 271 10.40 -32.83 -18.71
N ASN A 272 9.81 -31.64 -18.82
CA ASN A 272 10.38 -30.42 -18.26
C ASN A 272 9.28 -29.62 -17.58
N PRO A 273 9.50 -29.18 -16.33
CA PRO A 273 8.44 -28.48 -15.60
C PRO A 273 8.20 -27.09 -16.13
N SER A 274 7.00 -26.57 -15.84
CA SER A 274 6.63 -25.20 -16.20
C SER A 274 5.75 -24.63 -15.11
N LEU A 275 6.27 -23.64 -14.38
CA LEU A 275 5.49 -23.03 -13.31
C LEU A 275 4.30 -22.27 -13.88
N SER A 276 4.45 -21.68 -15.07
CA SER A 276 3.33 -20.98 -15.68
C SER A 276 2.17 -21.94 -15.93
N TRP A 277 2.46 -23.14 -16.42
CA TRP A 277 1.39 -24.11 -16.62
C TRP A 277 0.90 -24.70 -15.31
N ALA A 278 1.75 -24.75 -14.28
CA ALA A 278 1.22 -25.11 -12.97
C ALA A 278 0.15 -24.13 -12.53
N ILE A 279 0.44 -22.84 -12.67
CA ILE A 279 -0.51 -21.80 -12.25
C ILE A 279 -1.77 -21.87 -13.11
N CYS A 280 -1.60 -22.04 -14.42
CA CYS A 280 -2.75 -22.14 -15.31
C CYS A 280 -3.61 -23.36 -14.96
N ARG A 281 -3.00 -24.55 -14.88
CA ARG A 281 -3.77 -25.74 -14.55
C ARG A 281 -4.47 -25.58 -13.21
N THR A 282 -3.90 -24.80 -12.28
CA THR A 282 -4.53 -24.65 -10.98
C THR A 282 -5.70 -23.68 -11.03
N PHE A 283 -5.48 -22.47 -11.53
CA PHE A 283 -6.43 -21.36 -11.40
C PHE A 283 -7.08 -20.93 -12.70
N GLY A 284 -6.99 -21.72 -13.77
CA GLY A 284 -7.46 -21.26 -15.07
C GLY A 284 -8.96 -21.27 -15.23
N SER A 285 -9.68 -22.04 -14.42
CA SER A 285 -11.13 -22.11 -14.56
C SER A 285 -11.75 -20.73 -14.35
N LYS A 286 -11.31 -20.02 -13.30
CA LYS A 286 -11.82 -18.69 -13.06
C LYS A 286 -11.49 -17.75 -14.20
N MET A 287 -10.31 -17.91 -14.81
CA MET A 287 -9.94 -17.05 -15.93
C MET A 287 -10.76 -17.36 -17.17
N LEU A 288 -11.10 -18.62 -17.41
CA LEU A 288 -12.00 -18.94 -18.50
C LEU A 288 -13.37 -18.32 -18.28
N LEU A 289 -13.88 -18.39 -17.05
CA LEU A 289 -15.16 -17.76 -16.77
C LEU A 289 -15.08 -16.25 -16.95
N ALA A 290 -13.98 -15.64 -16.49
CA ALA A 290 -13.79 -14.21 -16.68
C ALA A 290 -13.70 -13.87 -18.16
N ALA A 291 -13.04 -14.71 -18.95
CA ALA A 291 -12.97 -14.47 -20.39
C ALA A 291 -14.34 -14.51 -21.02
N PHE A 292 -15.19 -15.46 -20.61
CA PHE A 292 -16.56 -15.48 -21.08
C PHE A 292 -17.27 -14.17 -20.77
N PHE A 293 -17.19 -13.73 -19.51
CA PHE A 293 -17.84 -12.48 -19.13
C PHE A 293 -17.27 -11.30 -19.91
N LYS A 294 -15.97 -11.28 -20.15
CA LYS A 294 -15.38 -10.20 -20.92
C LYS A 294 -15.85 -10.19 -22.36
N ALA A 295 -16.00 -11.38 -22.97
CA ALA A 295 -16.52 -11.44 -24.32
C ALA A 295 -17.94 -10.89 -24.38
N ILE A 296 -18.77 -11.28 -23.41
CA ILE A 296 -20.13 -10.74 -23.38
C ILE A 296 -20.10 -9.23 -23.18
N HIS A 297 -19.20 -8.75 -22.33
CA HIS A 297 -19.09 -7.31 -22.12
C HIS A 297 -18.71 -6.59 -23.41
N ASP A 298 -17.74 -7.12 -24.15
CA ASP A 298 -17.33 -6.49 -25.41
C ASP A 298 -18.49 -6.43 -26.38
N VAL A 299 -19.19 -7.56 -26.53
CA VAL A 299 -20.32 -7.62 -27.46
C VAL A 299 -21.35 -6.57 -27.08
N LEU A 300 -21.75 -6.52 -25.81
CA LEU A 300 -22.78 -5.57 -25.40
C LEU A 300 -22.30 -4.13 -25.53
N ALA A 301 -21.04 -3.88 -25.17
CA ALA A 301 -20.51 -2.53 -25.25
C ALA A 301 -20.53 -2.01 -26.67
N PHE A 302 -20.40 -2.91 -27.65
CA PHE A 302 -20.49 -2.46 -29.03
C PHE A 302 -21.87 -2.65 -29.65
N THR A 303 -22.81 -3.28 -28.95
CA THR A 303 -24.20 -3.13 -29.35
C THR A 303 -24.76 -1.79 -28.91
N GLN A 304 -24.22 -1.21 -27.85
CA GLN A 304 -24.77 0.05 -27.36
C GLN A 304 -24.68 1.17 -28.42
N PRO A 305 -23.55 1.35 -29.10
CA PRO A 305 -23.54 2.30 -30.22
C PRO A 305 -24.53 1.94 -31.31
N GLN A 306 -24.78 0.65 -31.52
CA GLN A 306 -25.73 0.26 -32.54
C GLN A 306 -27.16 0.58 -32.14
N LEU A 307 -27.50 0.45 -30.86
CA LEU A 307 -28.79 0.94 -30.41
C LEU A 307 -28.87 2.46 -30.54
N LEU A 308 -27.75 3.17 -30.32
CA LEU A 308 -27.77 4.61 -30.53
C LEU A 308 -28.07 4.95 -31.99
N ARG A 309 -27.40 4.26 -32.92
CA ARG A 309 -27.70 4.47 -34.33
C ARG A 309 -29.15 4.15 -34.63
N ILE A 310 -29.65 3.03 -34.11
CA ILE A 310 -31.02 2.63 -34.40
C ILE A 310 -31.98 3.69 -33.91
N LEU A 311 -31.74 4.25 -32.73
CA LEU A 311 -32.63 5.25 -32.19
C LEU A 311 -32.60 6.53 -33.01
N ILE A 312 -31.40 6.98 -33.41
CA ILE A 312 -31.32 8.19 -34.22
C ILE A 312 -32.01 7.98 -35.55
N LYS A 313 -31.78 6.82 -36.19
CA LYS A 313 -32.40 6.52 -37.47
C LYS A 313 -33.91 6.42 -37.32
N PHE A 314 -34.38 5.85 -36.21
CA PHE A 314 -35.82 5.80 -35.96
C PHE A 314 -36.40 7.19 -35.81
N VAL A 315 -35.71 8.07 -35.07
CA VAL A 315 -36.23 9.42 -34.88
C VAL A 315 -36.33 10.14 -36.22
N THR A 316 -35.30 10.01 -37.06
CA THR A 316 -35.36 10.71 -38.34
C THR A 316 -36.46 10.12 -39.22
N ASP A 317 -36.61 8.80 -39.25
CA ASP A 317 -37.68 8.21 -40.06
C ASP A 317 -39.05 8.63 -39.55
N TYR A 318 -39.24 8.62 -38.23
CA TYR A 318 -40.51 9.00 -37.66
C TYR A 318 -40.86 10.45 -38.01
N ASN A 319 -39.90 11.35 -37.85
CA ASN A 319 -40.16 12.75 -38.17
C ASN A 319 -40.39 12.94 -39.66
N SER A 320 -39.68 12.18 -40.50
CA SER A 320 -39.88 12.28 -41.94
C SER A 320 -41.24 11.76 -42.35
N GLU A 321 -41.82 10.82 -41.60
CA GLU A 321 -43.15 10.34 -41.92
C GLU A 321 -44.24 11.23 -41.34
N ARG A 322 -43.96 11.96 -40.28
CA ARG A 322 -44.94 12.91 -39.74
C ARG A 322 -44.86 14.29 -40.37
N GLN A 323 -43.80 14.62 -41.08
CA GLN A 323 -43.79 15.86 -41.85
C GLN A 323 -44.72 15.74 -43.05
N ASP A 324 -45.13 16.89 -43.58
CA ASP A 324 -45.99 16.91 -44.75
C ASP A 324 -45.23 16.51 -46.01
N PRO A 337 -49.48 3.42 -45.14
CA PRO A 337 -49.58 2.23 -44.29
C PRO A 337 -48.34 1.96 -43.44
N GLN A 338 -48.56 1.51 -42.21
CA GLN A 338 -47.47 1.13 -41.31
C GLN A 338 -46.51 2.30 -41.06
N LYS A 339 -47.07 3.43 -40.65
CA LYS A 339 -46.24 4.52 -40.15
C LYS A 339 -45.56 4.10 -38.85
N LEU A 340 -44.32 4.52 -38.68
CA LEU A 340 -43.47 3.99 -37.63
C LEU A 340 -44.13 4.17 -36.26
N PRO A 341 -44.10 3.16 -35.39
CA PRO A 341 -44.72 3.29 -34.07
C PRO A 341 -43.75 3.80 -33.02
N ILE A 342 -44.24 4.69 -32.16
CA ILE A 342 -43.41 5.26 -31.10
C ILE A 342 -42.95 4.19 -30.12
N VAL A 343 -43.72 3.12 -29.96
CA VAL A 343 -43.32 2.06 -29.04
C VAL A 343 -42.01 1.46 -29.46
N ARG A 344 -41.67 1.53 -30.75
CA ARG A 344 -40.33 1.10 -31.16
C ARG A 344 -39.28 1.98 -30.52
N GLY A 345 -39.52 3.29 -30.48
CA GLY A 345 -38.57 4.18 -29.82
C GLY A 345 -38.43 3.88 -28.35
N PHE A 346 -39.56 3.70 -27.66
CA PHE A 346 -39.48 3.40 -26.23
C PHE A 346 -38.77 2.07 -25.99
N LEU A 347 -39.01 1.08 -26.84
CA LEU A 347 -38.35 -0.21 -26.66
C LEU A 347 -36.87 -0.12 -27.00
N ILE A 348 -36.47 0.73 -27.95
CA ILE A 348 -35.05 0.96 -28.18
C ILE A 348 -34.41 1.58 -26.95
N ALA A 349 -35.07 2.55 -26.34
CA ALA A 349 -34.54 3.14 -25.11
C ALA A 349 -34.38 2.09 -24.02
N PHE A 350 -35.39 1.25 -23.84
CA PHE A 350 -35.31 0.25 -22.79
C PHE A 350 -34.30 -0.83 -23.12
N ALA A 351 -34.09 -1.14 -24.40
CA ALA A 351 -33.03 -2.06 -24.79
C ALA A 351 -31.66 -1.46 -24.51
N MET A 352 -31.52 -0.14 -24.67
CA MET A 352 -30.28 0.51 -24.28
C MET A 352 -30.06 0.38 -22.78
N PHE A 353 -31.11 0.54 -21.99
CA PHE A 353 -31.00 0.30 -20.56
C PHE A 353 -30.56 -1.13 -20.27
N LEU A 354 -31.21 -2.10 -20.88
CA LEU A 354 -30.87 -3.50 -20.63
C LEU A 354 -29.43 -3.80 -21.05
N VAL A 355 -28.99 -3.23 -22.18
CA VAL A 355 -27.63 -3.44 -22.63
C VAL A 355 -26.64 -2.88 -21.60
N GLY A 356 -26.90 -1.67 -21.09
CA GLY A 356 -26.01 -1.12 -20.08
C GLY A 356 -26.00 -1.94 -18.80
N PHE A 357 -27.18 -2.37 -18.36
CA PHE A 357 -27.27 -3.14 -17.13
C PHE A 357 -26.55 -4.47 -17.25
N THR A 358 -26.70 -5.14 -18.40
CA THR A 358 -26.01 -6.41 -18.60
C THR A 358 -24.52 -6.19 -18.78
N GLN A 359 -24.11 -5.10 -19.44
CA GLN A 359 -22.70 -4.76 -19.51
C GLN A 359 -22.10 -4.70 -18.11
N THR A 360 -22.72 -3.91 -17.22
CA THR A 360 -22.12 -3.77 -15.90
C THR A 360 -22.17 -5.09 -15.13
N SER A 361 -23.27 -5.83 -15.26
CA SER A 361 -23.42 -7.07 -14.50
C SER A 361 -22.36 -8.10 -14.91
N VAL A 362 -22.09 -8.23 -16.21
CA VAL A 362 -21.08 -9.21 -16.64
C VAL A 362 -19.67 -8.66 -16.45
N LEU A 363 -19.49 -7.36 -16.65
CA LEU A 363 -18.17 -6.77 -16.48
C LEU A 363 -17.65 -6.96 -15.07
N HIS A 364 -18.51 -6.73 -14.08
CA HIS A 364 -18.02 -6.83 -12.72
C HIS A 364 -17.90 -8.26 -12.24
N GLN A 365 -18.60 -9.21 -12.87
CA GLN A 365 -18.27 -10.61 -12.63
C GLN A 365 -16.95 -10.99 -13.26
N TYR A 366 -16.62 -10.40 -14.42
CA TYR A 366 -15.28 -10.58 -14.98
C TYR A 366 -14.23 -10.05 -14.03
N PHE A 367 -14.41 -8.83 -13.53
CA PHE A 367 -13.44 -8.28 -12.59
C PHE A 367 -13.36 -9.12 -11.33
N LEU A 368 -14.50 -9.57 -10.83
CA LEU A 368 -14.49 -10.44 -9.65
C LEU A 368 -13.61 -11.67 -9.91
N ASN A 369 -13.82 -12.34 -11.04
CA ASN A 369 -13.12 -13.59 -11.30
C ASN A 369 -11.63 -13.35 -11.51
N VAL A 370 -11.26 -12.31 -12.26
CA VAL A 370 -9.85 -12.07 -12.50
C VAL A 370 -9.15 -11.64 -11.22
N PHE A 371 -9.79 -10.79 -10.40
CA PHE A 371 -9.14 -10.37 -9.17
C PHE A 371 -9.08 -11.50 -8.16
N ASN A 372 -10.09 -12.38 -8.15
CA ASN A 372 -10.01 -13.57 -7.32
C ASN A 372 -8.86 -14.46 -7.74
N THR A 373 -8.66 -14.63 -9.05
CA THR A 373 -7.50 -15.40 -9.52
C THR A 373 -6.20 -14.72 -9.14
N GLY A 374 -6.15 -13.39 -9.19
CA GLY A 374 -4.96 -12.69 -8.76
C GLY A 374 -4.66 -12.91 -7.30
N MET A 375 -5.69 -12.83 -6.45
CA MET A 375 -5.52 -13.10 -5.03
C MET A 375 -5.14 -14.55 -4.77
N TYR A 376 -5.66 -15.48 -5.56
CA TYR A 376 -5.26 -16.88 -5.43
C TYR A 376 -3.78 -17.05 -5.75
N ILE A 377 -3.33 -16.46 -6.85
CA ILE A 377 -1.93 -16.58 -7.23
C ILE A 377 -1.04 -15.93 -6.17
N LYS A 378 -1.45 -14.77 -5.68
CA LYS A 378 -0.73 -14.09 -4.61
C LYS A 378 -0.60 -14.99 -3.38
N SER A 379 -1.74 -15.37 -2.79
CA SER A 379 -1.70 -16.14 -1.55
C SER A 379 -1.21 -17.56 -1.75
N ALA A 380 -1.23 -18.08 -2.97
CA ALA A 380 -0.68 -19.40 -3.21
C ALA A 380 0.83 -19.33 -3.42
N LEU A 381 1.30 -18.46 -4.31
CA LEU A 381 2.74 -18.36 -4.56
C LEU A 381 3.47 -17.85 -3.32
N THR A 382 2.85 -16.97 -2.55
CA THR A 382 3.53 -16.47 -1.35
C THR A 382 3.80 -17.58 -0.37
N ALA A 383 2.80 -18.42 -0.09
CA ALA A 383 3.01 -19.51 0.85
C ALA A 383 3.94 -20.58 0.29
N LEU A 384 3.91 -20.81 -1.02
CA LEU A 384 4.85 -21.75 -1.61
C LEU A 384 6.27 -21.22 -1.55
N ILE A 385 6.47 -19.91 -1.74
CA ILE A 385 7.80 -19.33 -1.61
C ILE A 385 8.30 -19.49 -0.18
N TYR A 386 7.44 -19.22 0.81
CA TYR A 386 7.84 -19.41 2.19
C TYR A 386 8.21 -20.86 2.47
N GLN A 387 7.36 -21.79 2.06
CA GLN A 387 7.62 -23.20 2.33
C GLN A 387 8.89 -23.67 1.63
N LYS A 388 9.12 -23.21 0.40
CA LYS A 388 10.36 -23.56 -0.29
C LYS A 388 11.56 -22.96 0.41
N SER A 389 11.43 -21.74 0.92
CA SER A 389 12.54 -21.14 1.65
C SER A 389 12.91 -21.98 2.85
N LEU A 390 11.91 -22.48 3.58
CA LEU A 390 12.19 -23.35 4.71
C LEU A 390 13.00 -24.57 4.29
N VAL A 391 12.73 -25.11 3.10
CA VAL A 391 13.39 -26.34 2.65
C VAL A 391 14.66 -26.09 1.86
N LEU A 392 14.97 -24.84 1.53
CA LEU A 392 16.17 -24.56 0.74
C LEU A 392 17.42 -25.07 1.44
N SER A 393 18.30 -25.69 0.66
CA SER A 393 19.63 -25.98 1.14
C SER A 393 20.38 -24.69 1.43
N ASN A 394 21.29 -24.74 2.40
CA ASN A 394 22.18 -23.61 2.61
C ASN A 394 22.95 -23.29 1.34
N GLU A 395 23.14 -24.29 0.47
CA GLU A 395 23.78 -24.07 -0.81
C GLU A 395 23.04 -23.00 -1.61
N ALA A 396 21.73 -23.21 -1.81
CA ALA A 396 20.93 -22.23 -2.55
C ALA A 396 20.75 -20.94 -1.75
N SER A 397 20.61 -21.05 -0.43
CA SER A 397 20.40 -19.85 0.38
C SER A 397 21.62 -18.94 0.39
N GLY A 398 22.81 -19.50 0.15
CA GLY A 398 24.00 -18.69 -0.04
C GLY A 398 24.11 -18.23 -1.48
N LEU A 399 23.67 -19.09 -2.40
CA LEU A 399 23.69 -18.72 -3.81
C LEU A 399 22.77 -17.55 -4.12
N SER A 400 21.77 -17.29 -3.27
CA SER A 400 20.86 -16.18 -3.46
C SER A 400 20.75 -15.37 -2.17
N SER A 401 20.72 -14.04 -2.31
CA SER A 401 20.67 -13.15 -1.16
C SER A 401 19.29 -13.16 -0.51
N THR A 402 19.27 -12.84 0.79
CA THR A 402 18.01 -12.70 1.51
C THR A 402 17.14 -11.62 0.90
N GLY A 403 17.75 -10.50 0.52
CA GLY A 403 16.98 -9.43 -0.10
C GLY A 403 16.39 -9.85 -1.42
N ASP A 404 17.14 -10.61 -2.21
CA ASP A 404 16.62 -11.11 -3.49
C ASP A 404 15.39 -11.99 -3.27
N ILE A 405 15.44 -12.88 -2.29
CA ILE A 405 14.34 -13.79 -2.06
C ILE A 405 13.12 -13.03 -1.52
N VAL A 406 13.34 -12.12 -0.58
CA VAL A 406 12.20 -11.38 -0.05
C VAL A 406 11.60 -10.50 -1.14
N ASN A 407 12.41 -10.02 -2.09
CA ASN A 407 11.85 -9.34 -3.25
C ASN A 407 11.14 -10.33 -4.18
N LEU A 408 11.57 -11.58 -4.19
CA LEU A 408 10.83 -12.59 -4.93
C LEU A 408 9.41 -12.69 -4.42
N MET A 409 9.25 -12.68 -3.10
CA MET A 409 7.90 -12.70 -2.52
C MET A 409 7.19 -11.36 -2.72
N SER A 410 7.87 -10.25 -2.51
CA SER A 410 7.22 -8.95 -2.44
C SER A 410 6.84 -8.40 -3.82
N VAL A 411 7.70 -8.56 -4.81
CA VAL A 411 7.59 -7.86 -6.08
C VAL A 411 7.28 -8.83 -7.22
N ASP A 412 8.07 -9.90 -7.34
CA ASP A 412 7.87 -10.82 -8.45
C ASP A 412 6.49 -11.46 -8.41
N VAL A 413 6.01 -11.84 -7.23
CA VAL A 413 4.65 -12.35 -7.12
C VAL A 413 3.65 -11.24 -7.44
N GLN A 414 3.99 -10.00 -7.11
CA GLN A 414 3.09 -8.89 -7.41
C GLN A 414 2.86 -8.75 -8.91
N LYS A 415 3.91 -8.92 -9.71
CA LYS A 415 3.74 -8.86 -11.16
C LYS A 415 2.75 -9.90 -11.66
N LEU A 416 2.73 -11.09 -11.04
CA LEU A 416 1.81 -12.12 -11.46
C LEU A 416 0.39 -11.84 -10.99
N GLN A 417 0.23 -11.26 -9.80
CA GLN A 417 -1.09 -10.83 -9.37
C GLN A 417 -1.62 -9.74 -10.29
N ASP A 418 -0.81 -8.73 -10.57
CA ASP A 418 -1.23 -7.68 -11.48
C ASP A 418 -1.53 -8.23 -12.87
N LEU A 419 -0.79 -9.26 -13.29
CA LEU A 419 -0.98 -9.81 -14.63
C LEU A 419 -2.40 -10.30 -14.84
N THR A 420 -3.04 -10.83 -13.81
CA THR A 420 -4.40 -11.34 -13.97
C THR A 420 -5.34 -10.24 -14.42
N GLN A 421 -5.17 -9.03 -13.89
CA GLN A 421 -6.04 -7.93 -14.25
C GLN A 421 -6.03 -7.67 -15.75
N TRP A 422 -4.89 -7.87 -16.40
CA TRP A 422 -4.71 -7.54 -17.80
C TRP A 422 -4.72 -8.75 -18.72
N LEU A 423 -4.72 -9.96 -18.17
CA LEU A 423 -4.45 -11.13 -18.99
C LEU A 423 -5.47 -11.27 -20.12
N ASN A 424 -6.75 -11.09 -19.83
CA ASN A 424 -7.77 -11.29 -20.84
C ASN A 424 -7.69 -10.24 -21.94
N LEU A 425 -7.11 -9.08 -21.68
CA LEU A 425 -6.95 -8.10 -22.74
C LEU A 425 -5.97 -8.55 -23.81
N ILE A 426 -5.24 -9.65 -23.58
CA ILE A 426 -4.40 -10.20 -24.63
C ILE A 426 -5.25 -10.54 -25.85
N TRP A 427 -6.51 -10.91 -25.64
CA TRP A 427 -7.46 -11.17 -26.71
C TRP A 427 -8.63 -10.21 -26.71
N SER A 428 -9.05 -9.70 -25.56
CA SER A 428 -10.18 -8.78 -25.52
C SER A 428 -9.80 -7.41 -26.06
N GLY A 429 -8.53 -7.03 -26.02
CA GLY A 429 -8.08 -5.82 -26.64
C GLY A 429 -8.29 -5.88 -28.14
N PRO A 430 -7.65 -6.86 -28.78
CA PRO A 430 -7.91 -7.08 -30.20
C PRO A 430 -9.38 -7.31 -30.52
N PHE A 431 -10.10 -8.02 -29.66
CA PHE A 431 -11.50 -8.31 -29.95
C PHE A 431 -12.33 -7.03 -29.98
N GLN A 432 -12.11 -6.13 -29.02
CA GLN A 432 -12.78 -4.83 -29.08
C GLN A 432 -12.36 -4.07 -30.33
N ILE A 433 -11.06 -4.10 -30.65
CA ILE A 433 -10.57 -3.39 -31.83
C ILE A 433 -11.19 -3.99 -33.09
N ILE A 434 -11.23 -5.32 -33.18
CA ILE A 434 -11.74 -5.94 -34.40
C ILE A 434 -13.20 -5.56 -34.62
N ILE A 435 -14.04 -5.72 -33.61
CA ILE A 435 -15.46 -5.44 -33.80
C ILE A 435 -15.73 -3.94 -33.78
N CYS A 436 -14.87 -3.14 -33.14
CA CYS A 436 -15.03 -1.69 -33.23
C CYS A 436 -14.71 -1.21 -34.64
N LEU A 437 -13.64 -1.73 -35.23
CA LEU A 437 -13.32 -1.39 -36.60
C LEU A 437 -14.39 -1.87 -37.56
N TYR A 438 -14.94 -3.05 -37.33
CA TYR A 438 -16.03 -3.52 -38.19
C TYR A 438 -17.24 -2.58 -38.07
N SER A 439 -17.59 -2.19 -36.84
CA SER A 439 -18.72 -1.29 -36.64
C SER A 439 -18.48 0.05 -37.33
N LEU A 440 -17.29 0.62 -37.14
CA LEU A 440 -16.99 1.90 -37.77
C LEU A 440 -16.96 1.78 -39.29
N TYR A 441 -16.45 0.67 -39.82
CA TYR A 441 -16.44 0.49 -41.27
C TYR A 441 -17.85 0.44 -41.81
N LYS A 442 -18.70 -0.37 -41.19
CA LYS A 442 -20.08 -0.49 -41.66
C LYS A 442 -20.79 0.87 -41.56
N LEU A 443 -20.52 1.62 -40.49
CA LEU A 443 -21.17 2.90 -40.28
C LEU A 443 -20.68 3.96 -41.27
N LEU A 444 -19.37 4.09 -41.40
CA LEU A 444 -18.74 5.30 -41.92
C LEU A 444 -17.96 5.06 -43.20
N GLY A 445 -18.04 3.88 -43.80
CA GLY A 445 -17.28 3.62 -44.99
C GLY A 445 -15.79 3.53 -44.70
N ASN A 446 -15.01 3.56 -45.78
CA ASN A 446 -13.57 3.36 -45.65
C ASN A 446 -12.87 4.52 -44.97
N SER A 447 -13.53 5.69 -44.86
CA SER A 447 -12.90 6.84 -44.23
C SER A 447 -12.57 6.60 -42.77
N MET A 448 -13.16 5.57 -42.15
CA MET A 448 -12.71 5.09 -40.84
C MET A 448 -11.20 5.16 -40.69
N TRP A 449 -10.48 4.77 -41.74
CA TRP A 449 -9.08 4.44 -41.57
C TRP A 449 -8.24 5.67 -41.23
N VAL A 450 -8.68 6.87 -41.61
CA VAL A 450 -7.91 8.04 -41.22
C VAL A 450 -8.00 8.26 -39.71
N GLY A 451 -9.17 8.05 -39.11
CA GLY A 451 -9.26 8.14 -37.66
C GLY A 451 -8.51 7.05 -36.96
N VAL A 452 -8.58 5.82 -37.49
CA VAL A 452 -7.80 4.74 -36.89
C VAL A 452 -6.30 5.04 -37.00
N ILE A 453 -5.87 5.58 -38.13
CA ILE A 453 -4.49 5.97 -38.33
C ILE A 453 -4.08 7.03 -37.32
N ILE A 454 -4.96 7.99 -37.06
CA ILE A 454 -4.62 9.02 -36.08
C ILE A 454 -4.42 8.40 -34.71
N LEU A 455 -5.31 7.49 -34.30
CA LEU A 455 -5.12 6.84 -33.01
C LEU A 455 -3.82 6.06 -32.97
N VAL A 456 -3.52 5.32 -34.04
CA VAL A 456 -2.29 4.52 -34.08
C VAL A 456 -1.07 5.40 -34.06
N ILE A 457 -1.14 6.57 -34.72
CA ILE A 457 0.00 7.48 -34.76
C ILE A 457 0.21 8.12 -33.40
N MET A 458 -0.87 8.46 -32.70
CA MET A 458 -0.74 9.11 -31.40
C MET A 458 -0.35 8.13 -30.31
N MET A 459 -0.53 6.82 -30.52
CA MET A 459 -0.06 5.87 -29.52
C MET A 459 1.45 5.97 -29.29
N PRO A 460 2.30 5.88 -30.31
CA PRO A 460 3.74 6.07 -30.06
C PRO A 460 4.08 7.47 -29.55
N LEU A 461 3.35 8.49 -30.02
CA LEU A 461 3.56 9.82 -29.47
C LEU A 461 3.18 9.84 -28.00
N ASN A 462 2.12 9.14 -27.63
CA ASN A 462 1.77 9.03 -26.21
C ASN A 462 2.88 8.37 -25.43
N SER A 463 3.46 7.30 -25.96
CA SER A 463 4.57 6.64 -25.26
C SER A 463 5.75 7.59 -25.11
N PHE A 464 6.07 8.35 -26.16
CA PHE A 464 7.17 9.30 -26.10
C PHE A 464 6.93 10.36 -25.03
N LEU A 465 5.73 10.95 -25.02
CA LEU A 465 5.41 11.96 -24.03
C LEU A 465 5.46 11.39 -22.62
N MET A 466 4.92 10.19 -22.43
CA MET A 466 4.95 9.58 -21.09
C MET A 466 6.37 9.25 -20.67
N ARG A 467 7.24 8.90 -21.61
CA ARG A 467 8.64 8.68 -21.25
C ARG A 467 9.28 9.98 -20.79
N ILE A 468 8.97 11.10 -21.45
CA ILE A 468 9.47 12.38 -20.96
C ILE A 468 8.89 12.70 -19.59
N GLN A 469 7.60 12.40 -19.39
CA GLN A 469 7.00 12.64 -18.08
C GLN A 469 7.73 11.85 -17.00
N LYS A 470 8.05 10.58 -17.29
CA LYS A 470 8.78 9.77 -16.32
C LYS A 470 10.17 10.33 -16.07
N LYS A 471 10.86 10.77 -17.13
CA LYS A 471 12.18 11.36 -16.95
C LYS A 471 12.12 12.58 -16.04
N LEU A 472 11.17 13.48 -16.29
CA LEU A 472 11.08 14.68 -15.48
C LEU A 472 10.63 14.37 -14.06
N GLN A 473 9.76 13.36 -13.88
CA GLN A 473 9.42 12.93 -12.53
C GLN A 473 10.64 12.41 -11.80
N LYS A 474 11.49 11.65 -12.50
CA LYS A 474 12.72 11.16 -11.89
C LYS A 474 13.63 12.33 -11.50
N SER A 475 13.80 13.29 -12.41
CA SER A 475 14.66 14.44 -12.09
C SER A 475 14.08 15.25 -10.93
N GLN A 476 12.76 15.40 -10.90
CA GLN A 476 12.12 16.15 -9.84
C GLN A 476 12.28 15.44 -8.50
N MET A 477 12.15 14.11 -8.47
CA MET A 477 12.37 13.39 -7.22
C MET A 477 13.84 13.39 -6.83
N LYS A 478 14.76 13.41 -7.79
CA LYS A 478 16.16 13.57 -7.46
C LYS A 478 16.41 14.91 -6.78
N TYR A 479 15.85 15.97 -7.35
CA TYR A 479 15.96 17.29 -6.73
C TYR A 479 15.30 17.31 -5.36
N LYS A 480 14.16 16.62 -5.23
CA LYS A 480 13.46 16.55 -3.97
C LYS A 480 14.31 15.87 -2.92
N ASP A 481 15.00 14.78 -3.29
CA ASP A 481 15.87 14.10 -2.35
C ASP A 481 17.06 14.96 -1.97
N GLU A 482 17.64 15.67 -2.94
CA GLU A 482 18.73 16.59 -2.61
C GLU A 482 18.30 17.64 -1.59
N ARG A 483 17.18 18.30 -1.86
CA ARG A 483 16.68 19.33 -0.96
C ARG A 483 16.20 18.74 0.37
N THR A 484 15.73 17.50 0.35
CA THR A 484 15.39 16.83 1.60
C THR A 484 16.64 16.56 2.43
N ARG A 485 17.75 16.24 1.78
CA ARG A 485 19.00 16.05 2.50
C ARG A 485 19.50 17.35 3.09
N VAL A 486 19.35 18.45 2.34
CA VAL A 486 19.68 19.77 2.90
C VAL A 486 18.82 20.03 4.14
N ILE A 487 17.52 19.72 4.04
CA ILE A 487 16.64 19.89 5.19
C ILE A 487 17.12 19.03 6.35
N SER A 488 17.53 17.80 6.06
CA SER A 488 17.98 16.90 7.12
C SER A 488 19.21 17.48 7.81
N GLU A 489 20.13 18.06 7.04
CA GLU A 489 21.27 18.73 7.64
C GLU A 489 20.79 19.80 8.60
N ILE A 490 19.92 20.69 8.11
CA ILE A 490 19.45 21.80 8.93
C ILE A 490 18.79 21.29 10.20
N LEU A 491 17.94 20.28 10.07
CA LEU A 491 17.17 19.81 11.21
C LEU A 491 18.06 19.12 12.24
N ASN A 492 18.88 18.17 11.80
CA ASN A 492 19.73 17.47 12.75
C ASN A 492 20.72 18.42 13.40
N ASN A 493 21.08 19.52 12.73
CA ASN A 493 22.03 20.48 13.29
C ASN A 493 21.34 21.69 13.89
N ILE A 494 20.01 21.66 14.01
CA ILE A 494 19.26 22.83 14.45
C ILE A 494 19.83 23.45 15.72
N LYS A 495 20.36 22.65 16.64
CA LYS A 495 20.90 23.23 17.87
C LYS A 495 21.99 24.24 17.54
N SER A 496 23.08 23.78 16.91
CA SER A 496 24.17 24.69 16.57
C SER A 496 23.72 25.76 15.61
N LEU A 497 22.80 25.43 14.70
CA LEU A 497 22.32 26.41 13.72
C LEU A 497 21.65 27.59 14.42
N LYS A 498 20.79 27.30 15.40
CA LYS A 498 20.12 28.38 16.13
C LYS A 498 21.11 29.11 17.02
N LEU A 499 22.01 28.38 17.67
CA LEU A 499 22.98 29.01 18.56
C LEU A 499 23.85 30.01 17.80
N TYR A 500 24.36 29.62 16.65
CA TYR A 500 25.19 30.51 15.84
C TYR A 500 24.39 31.56 15.09
N ALA A 501 23.06 31.55 15.19
CA ALA A 501 22.20 32.42 14.40
C ALA A 501 22.37 32.19 12.91
N TRP A 502 22.86 31.03 12.52
CA TRP A 502 23.03 30.65 11.12
C TRP A 502 21.73 30.33 10.43
N GLU A 503 20.57 30.58 11.03
CA GLU A 503 19.32 30.26 10.38
C GLU A 503 19.22 30.92 9.00
N LYS A 504 19.57 32.20 8.92
CA LYS A 504 19.38 32.92 7.67
C LYS A 504 20.19 32.35 6.52
N PRO A 505 21.51 32.19 6.62
CA PRO A 505 22.26 31.67 5.47
C PRO A 505 21.82 30.27 5.03
N TYR A 506 21.51 29.37 5.97
CA TYR A 506 21.11 28.03 5.56
C TYR A 506 19.70 28.00 5.00
N ARG A 507 18.81 28.83 5.55
CA ARG A 507 17.47 28.93 4.98
C ARG A 507 17.53 29.55 3.59
N GLU A 508 18.44 30.52 3.37
CA GLU A 508 18.62 31.06 2.03
C GLU A 508 19.21 30.04 1.07
N LYS A 509 20.11 29.18 1.53
CA LYS A 509 20.61 28.11 0.68
C LYS A 509 19.49 27.13 0.33
N LEU A 510 18.68 26.78 1.32
CA LEU A 510 17.54 25.90 1.07
C LEU A 510 16.59 26.52 0.05
N GLU A 511 16.28 27.81 0.22
CA GLU A 511 15.43 28.52 -0.74
C GLU A 511 16.08 28.56 -2.12
N GLU A 512 17.39 28.75 -2.16
CA GLU A 512 18.09 28.76 -3.45
C GLU A 512 17.92 27.43 -4.15
N VAL A 513 18.14 26.32 -3.45
CA VAL A 513 17.95 25.02 -4.07
C VAL A 513 16.50 24.86 -4.51
N ARG A 514 15.57 25.13 -3.60
CA ARG A 514 14.15 25.00 -3.92
C ARG A 514 13.83 25.74 -5.21
N ASN A 515 13.98 27.07 -5.20
CA ASN A 515 13.50 27.92 -6.27
C ASN A 515 14.30 27.77 -7.56
N ASN A 516 15.61 27.52 -7.47
CA ASN A 516 16.43 27.48 -8.66
C ASN A 516 16.48 26.10 -9.31
N LYS A 517 16.26 25.01 -8.56
CA LYS A 517 16.30 23.68 -9.13
C LYS A 517 14.92 23.02 -9.09
N GLU A 518 14.32 22.87 -7.92
CA GLU A 518 13.16 22.00 -7.82
C GLU A 518 11.94 22.63 -8.47
N LEU A 519 11.66 23.90 -8.14
CA LEU A 519 10.53 24.57 -8.77
C LEU A 519 10.81 24.90 -10.23
N LYS A 520 12.05 25.18 -10.58
CA LYS A 520 12.39 25.39 -11.98
C LYS A 520 12.08 24.15 -12.80
N ASN A 521 12.49 22.98 -12.32
CA ASN A 521 12.12 21.74 -12.97
C ASN A 521 10.61 21.52 -12.94
N LEU A 522 9.96 21.93 -11.86
CA LEU A 522 8.52 21.73 -11.74
C LEU A 522 7.75 22.53 -12.78
N THR A 523 8.22 23.73 -13.13
CA THR A 523 7.55 24.48 -14.18
C THR A 523 7.61 23.72 -15.51
N LYS A 524 8.76 23.13 -15.82
CA LYS A 524 8.88 22.35 -17.05
C LYS A 524 7.99 21.12 -17.00
N LEU A 525 7.92 20.46 -15.85
CA LEU A 525 7.02 19.33 -15.70
C LEU A 525 5.58 19.76 -15.93
N GLY A 526 5.21 20.94 -15.44
CA GLY A 526 3.88 21.46 -15.68
C GLY A 526 3.62 21.75 -17.14
N CYS A 527 4.60 22.33 -17.83
CA CYS A 527 4.44 22.61 -19.25
C CYS A 527 4.23 21.31 -20.04
N TYR A 528 4.99 20.27 -19.72
CA TYR A 528 4.77 19.02 -20.44
C TYR A 528 3.49 18.30 -20.02
N MET A 529 3.01 18.46 -18.79
CA MET A 529 1.67 17.95 -18.51
C MET A 529 0.62 18.73 -19.29
N ALA A 530 0.86 20.03 -19.49
CA ALA A 530 -0.04 20.82 -20.33
C ALA A 530 -0.06 20.28 -21.76
N VAL A 531 1.12 19.96 -22.31
CA VAL A 531 1.16 19.34 -23.63
C VAL A 531 0.39 18.02 -23.64
N THR A 532 0.58 17.20 -22.61
CA THR A 532 -0.10 15.93 -22.54
C THR A 532 -1.62 16.11 -22.48
N SER A 533 -2.08 17.10 -21.72
CA SER A 533 -3.52 17.35 -21.62
C SER A 533 -4.07 17.90 -22.93
N PHE A 534 -3.30 18.75 -23.61
CA PHE A 534 -3.69 19.18 -24.95
C PHE A 534 -3.86 17.99 -25.86
N GLN A 535 -2.94 17.03 -25.81
CA GLN A 535 -3.06 15.84 -26.63
C GLN A 535 -4.33 15.06 -26.28
N PHE A 536 -4.52 14.76 -24.99
CA PHE A 536 -5.68 13.97 -24.59
C PHE A 536 -6.99 14.68 -24.84
N ASN A 537 -6.97 15.99 -25.06
CA ASN A 537 -8.19 16.68 -25.44
C ASN A 537 -8.39 16.71 -26.96
N ILE A 538 -7.30 16.92 -27.71
CA ILE A 538 -7.45 17.17 -29.14
C ILE A 538 -7.60 15.86 -29.90
N VAL A 539 -6.85 14.83 -29.52
CA VAL A 539 -6.81 13.60 -30.32
C VAL A 539 -8.19 12.96 -30.38
N PRO A 540 -8.91 12.82 -29.27
CA PRO A 540 -10.29 12.32 -29.37
C PRO A 540 -11.16 13.14 -30.30
N PHE A 541 -10.98 14.46 -30.30
CA PHE A 541 -11.65 15.29 -31.28
C PHE A 541 -11.08 15.08 -32.67
N LEU A 542 -9.75 15.02 -32.77
CA LEU A 542 -9.12 15.07 -34.08
C LEU A 542 -9.42 13.83 -34.90
N VAL A 543 -9.52 12.66 -34.27
CA VAL A 543 -9.84 11.46 -35.02
C VAL A 543 -11.18 11.62 -35.72
N SER A 544 -12.19 12.11 -34.99
CA SER A 544 -13.52 12.25 -35.58
C SER A 544 -13.56 13.37 -36.59
N CYS A 545 -12.85 14.48 -36.32
CA CYS A 545 -12.84 15.57 -37.30
C CYS A 545 -12.24 15.11 -38.61
N CYS A 546 -11.10 14.40 -38.55
CA CYS A 546 -10.43 13.98 -39.77
C CYS A 546 -11.22 12.90 -40.49
N THR A 547 -11.83 11.97 -39.76
CA THR A 547 -12.60 10.94 -40.44
C THR A 547 -13.86 11.52 -41.06
N PHE A 548 -14.50 12.49 -40.42
CA PHE A 548 -15.64 13.15 -41.05
C PHE A 548 -15.20 13.96 -42.26
N ALA A 549 -14.02 14.60 -42.21
CA ALA A 549 -13.53 15.32 -43.37
C ALA A 549 -13.30 14.39 -44.55
N VAL A 550 -12.60 13.29 -44.31
CA VAL A 550 -12.34 12.34 -45.40
C VAL A 550 -13.66 11.76 -45.92
N PHE A 551 -14.57 11.43 -45.02
CA PHE A 551 -15.89 10.96 -45.44
C PHE A 551 -16.57 11.97 -46.35
N VAL A 552 -16.63 13.23 -45.92
CA VAL A 552 -17.35 14.24 -46.68
C VAL A 552 -16.72 14.43 -48.05
N TYR A 553 -15.39 14.41 -48.13
CA TYR A 553 -14.73 14.68 -49.39
C TYR A 553 -14.41 13.43 -50.21
N THR A 554 -14.85 12.25 -49.77
CA THR A 554 -14.65 11.04 -50.57
C THR A 554 -15.90 10.17 -50.72
N GLU A 555 -16.90 10.30 -49.86
CA GLU A 555 -18.09 9.48 -49.94
C GLU A 555 -19.21 10.28 -50.60
N ASP A 556 -19.85 9.68 -51.60
CA ASP A 556 -20.96 10.32 -52.29
C ASP A 556 -22.26 10.09 -51.53
N ARG A 557 -22.28 10.40 -50.24
CA ARG A 557 -23.48 10.24 -49.44
C ARG A 557 -23.39 11.15 -48.22
N ALA A 558 -24.55 11.44 -47.63
CA ALA A 558 -24.65 12.47 -46.62
C ALA A 558 -24.02 12.01 -45.30
N LEU A 559 -23.25 12.90 -44.67
CA LEU A 559 -22.73 12.67 -43.32
C LEU A 559 -23.87 12.92 -42.34
N THR A 560 -24.74 11.93 -42.23
CA THR A 560 -25.98 12.09 -41.49
C THR A 560 -25.77 11.96 -39.98
N THR A 561 -26.75 12.47 -39.23
CA THR A 561 -26.69 12.45 -37.78
C THR A 561 -26.74 11.05 -37.19
N ASP A 562 -27.17 10.06 -37.94
CA ASP A 562 -27.04 8.69 -37.46
C ASP A 562 -25.67 8.10 -37.74
N LEU A 563 -24.83 8.82 -38.50
CA LEU A 563 -23.44 8.43 -38.69
C LEU A 563 -22.52 9.16 -37.71
N VAL A 564 -22.73 10.46 -37.53
CA VAL A 564 -21.73 11.26 -36.81
C VAL A 564 -21.61 10.79 -35.36
N PHE A 565 -22.73 10.63 -34.67
CA PHE A 565 -22.68 10.40 -33.23
C PHE A 565 -22.38 8.96 -32.86
N PRO A 566 -22.93 7.96 -33.55
CA PRO A 566 -22.44 6.59 -33.36
C PRO A 566 -20.97 6.47 -33.69
N ALA A 567 -20.48 7.23 -34.68
CA ALA A 567 -19.05 7.26 -34.95
C ALA A 567 -18.28 7.81 -33.77
N LEU A 568 -18.79 8.88 -33.16
CA LEU A 568 -18.13 9.43 -31.98
C LEU A 568 -18.05 8.39 -30.87
N THR A 569 -19.17 7.70 -30.60
CA THR A 569 -19.18 6.69 -29.56
C THR A 569 -18.19 5.58 -29.88
N LEU A 570 -18.14 5.16 -31.16
CA LEU A 570 -17.29 4.04 -31.52
C LEU A 570 -15.82 4.41 -31.45
N PHE A 571 -15.46 5.64 -31.84
CA PHE A 571 -14.08 6.07 -31.66
C PHE A 571 -13.71 6.19 -30.20
N ASN A 572 -14.64 6.67 -29.36
CA ASN A 572 -14.38 6.71 -27.93
C ASN A 572 -14.11 5.31 -27.41
N LEU A 573 -14.92 4.34 -27.83
CA LEU A 573 -14.71 2.96 -27.40
C LEU A 573 -13.40 2.40 -27.96
N LEU A 574 -13.00 2.84 -29.15
CA LEU A 574 -11.76 2.36 -29.76
C LEU A 574 -10.55 2.90 -29.03
N SER A 575 -10.66 4.08 -28.43
CA SER A 575 -9.49 4.71 -27.84
C SER A 575 -8.87 3.84 -26.76
N PHE A 576 -9.70 3.27 -25.89
CA PHE A 576 -9.15 2.56 -24.73
C PHE A 576 -8.34 1.33 -25.10
N PRO A 577 -8.83 0.40 -25.92
CA PRO A 577 -8.00 -0.77 -26.25
C PRO A 577 -6.67 -0.40 -26.87
N LEU A 578 -6.68 0.55 -27.81
CA LEU A 578 -5.44 0.90 -28.51
C LEU A 578 -4.43 1.50 -27.56
N MET A 579 -4.89 2.31 -26.61
CA MET A 579 -3.99 2.98 -25.69
C MET A 579 -3.59 2.10 -24.51
N ILE A 580 -4.31 1.01 -24.26
CA ILE A 580 -3.93 0.14 -23.14
C ILE A 580 -3.17 -1.11 -23.58
N ILE A 581 -3.26 -1.50 -24.85
CA ILE A 581 -2.57 -2.71 -25.31
C ILE A 581 -1.08 -2.63 -25.01
N PRO A 582 -0.39 -1.48 -25.17
CA PRO A 582 1.03 -1.46 -24.79
C PRO A 582 1.25 -1.79 -23.34
N MET A 583 0.39 -1.29 -22.44
CA MET A 583 0.55 -1.57 -21.02
C MET A 583 0.36 -3.06 -20.75
N VAL A 584 -0.60 -3.68 -21.43
CA VAL A 584 -0.83 -5.11 -21.27
C VAL A 584 0.39 -5.90 -21.72
N LEU A 585 0.97 -5.53 -22.87
CA LEU A 585 2.15 -6.25 -23.34
C LEU A 585 3.32 -6.08 -22.39
N ASN A 586 3.53 -4.85 -21.91
CA ASN A 586 4.56 -4.60 -20.90
C ASN A 586 4.37 -5.51 -19.69
N SER A 587 3.15 -5.52 -19.14
CA SER A 587 2.89 -6.35 -17.97
C SER A 587 3.14 -7.82 -18.28
N PHE A 588 2.79 -8.26 -19.50
CA PHE A 588 2.96 -9.66 -19.85
C PHE A 588 4.43 -10.04 -19.87
N ILE A 589 5.27 -9.24 -20.51
CA ILE A 589 6.69 -9.59 -20.56
C ILE A 589 7.33 -9.48 -19.17
N GLU A 590 6.93 -8.47 -18.40
CA GLU A 590 7.50 -8.33 -17.06
C GLU A 590 7.10 -9.50 -16.17
N ALA A 591 5.84 -9.94 -16.25
CA ALA A 591 5.41 -11.12 -15.51
C ALA A 591 6.09 -12.38 -16.02
N SER A 592 6.46 -12.43 -17.31
CA SER A 592 7.25 -13.57 -17.77
C SER A 592 8.63 -13.59 -17.12
N VAL A 593 9.25 -12.42 -16.97
CA VAL A 593 10.52 -12.36 -16.26
C VAL A 593 10.32 -12.81 -14.80
N SER A 594 9.25 -12.36 -14.17
CA SER A 594 8.96 -12.76 -12.80
C SER A 594 8.75 -14.27 -12.70
N ILE A 595 8.03 -14.86 -13.66
CA ILE A 595 7.87 -16.31 -13.70
C ILE A 595 9.22 -16.99 -13.82
N GLY A 596 10.12 -16.45 -14.62
CA GLY A 596 11.44 -17.03 -14.72
C GLY A 596 12.14 -17.05 -13.37
N ARG A 597 12.08 -15.93 -12.66
CA ARG A 597 12.73 -15.87 -11.35
C ARG A 597 12.09 -16.87 -10.38
N LEU A 598 10.76 -16.92 -10.33
CA LEU A 598 10.09 -17.86 -9.44
C LEU A 598 10.43 -19.30 -9.79
N PHE A 599 10.47 -19.63 -11.09
CA PHE A 599 10.78 -20.99 -11.48
C PHE A 599 12.19 -21.36 -11.06
N THR A 600 13.14 -20.45 -11.23
CA THR A 600 14.49 -20.71 -10.74
C THR A 600 14.48 -20.94 -9.24
N PHE A 601 13.67 -20.17 -8.50
CA PHE A 601 13.61 -20.34 -7.05
C PHE A 601 13.08 -21.72 -6.68
N PHE A 602 11.92 -22.09 -7.22
CA PHE A 602 11.27 -23.32 -6.78
C PHE A 602 12.10 -24.55 -7.13
N THR A 603 12.93 -24.47 -8.16
CA THR A 603 13.75 -25.60 -8.56
C THR A 603 15.07 -25.67 -7.81
N ASN A 604 15.34 -24.73 -6.91
CA ASN A 604 16.57 -24.77 -6.15
C ASN A 604 16.68 -26.08 -5.39
N GLU A 605 17.91 -26.55 -5.21
CA GLU A 605 18.16 -27.82 -4.55
C GLU A 605 17.83 -27.73 -3.06
N GLU A 606 17.43 -28.87 -2.50
CA GLU A 606 16.85 -28.96 -1.17
C GLU A 606 17.79 -29.70 -0.23
N LEU A 607 17.28 -29.96 0.98
CA LEU A 607 18.11 -30.36 2.11
C LEU A 607 18.46 -31.84 2.15
N GLN A 608 17.98 -32.66 1.22
CA GLN A 608 18.20 -34.10 1.35
C GLN A 608 17.57 -34.57 2.66
N PRO A 609 16.25 -34.65 2.73
CA PRO A 609 15.58 -34.79 4.04
C PRO A 609 15.99 -36.02 4.82
N ASP A 610 16.63 -37.00 4.19
CA ASP A 610 17.06 -38.21 4.88
C ASP A 610 18.55 -38.16 5.26
N SER A 611 19.15 -36.98 5.24
CA SER A 611 20.56 -36.87 5.63
C SER A 611 20.75 -37.37 7.05
N VAL A 612 19.98 -36.85 8.00
CA VAL A 612 20.00 -37.28 9.39
C VAL A 612 18.62 -37.79 9.74
N GLN A 613 18.52 -39.10 9.96
CA GLN A 613 17.25 -39.72 10.28
C GLN A 613 16.94 -39.47 11.75
N ARG A 614 15.94 -38.63 12.01
CA ARG A 614 15.52 -38.35 13.38
C ARG A 614 14.79 -39.55 13.96
N LEU A 615 14.99 -39.80 15.25
CA LEU A 615 14.40 -40.96 15.91
C LEU A 615 13.86 -40.55 17.27
N PRO A 616 12.94 -41.34 17.84
CA PRO A 616 12.34 -40.99 19.13
C PRO A 616 13.32 -40.96 20.30
N LYS A 617 12.79 -40.69 21.49
CA LYS A 617 13.60 -40.55 22.69
C LYS A 617 14.14 -41.90 23.15
N VAL A 618 15.06 -41.85 24.13
CA VAL A 618 15.51 -43.01 24.88
C VAL A 618 15.60 -42.61 26.35
N LYS A 619 15.27 -43.54 27.24
CA LYS A 619 15.03 -43.17 28.64
C LYS A 619 16.32 -43.11 29.45
N ASN A 620 17.14 -44.16 29.40
CA ASN A 620 18.18 -44.36 30.41
C ASN A 620 19.25 -43.28 30.26
N ILE A 621 19.39 -42.45 31.30
CA ILE A 621 20.33 -41.34 31.28
C ILE A 621 21.77 -41.86 31.17
N GLY A 622 22.64 -41.01 30.63
CA GLY A 622 24.06 -41.18 30.77
C GLY A 622 24.76 -42.09 29.79
N ASP A 623 24.13 -43.22 29.44
CA ASP A 623 24.84 -44.28 28.73
C ASP A 623 24.64 -44.23 27.21
N VAL A 624 23.40 -44.23 26.76
CA VAL A 624 23.11 -44.53 25.35
C VAL A 624 23.49 -43.35 24.47
N ALA A 625 24.07 -43.68 23.32
CA ALA A 625 24.41 -42.67 22.32
C ALA A 625 23.13 -42.06 21.74
N ILE A 626 23.22 -40.78 21.38
CA ILE A 626 22.08 -40.04 20.87
C ILE A 626 22.41 -39.52 19.48
N ASN A 627 23.60 -38.94 19.33
CA ASN A 627 24.09 -38.49 18.04
C ASN A 627 25.17 -39.46 17.56
N ILE A 628 25.12 -39.81 16.28
CA ILE A 628 25.97 -40.85 15.74
C ILE A 628 26.54 -40.44 14.39
N GLY A 629 27.75 -40.86 14.14
CA GLY A 629 28.33 -40.84 12.80
C GLY A 629 29.36 -41.94 12.68
N ASP A 630 29.43 -42.55 11.50
CA ASP A 630 30.34 -43.67 11.24
C ASP A 630 31.14 -43.38 9.98
N ASP A 631 32.27 -42.69 10.14
CA ASP A 631 33.16 -42.37 9.03
C ASP A 631 32.43 -41.63 7.93
N ALA A 632 31.39 -40.90 8.28
CA ALA A 632 30.52 -40.25 7.31
C ALA A 632 31.19 -39.01 6.72
N THR A 633 30.63 -38.55 5.61
CA THR A 633 31.12 -37.37 4.91
C THR A 633 29.94 -36.44 4.63
N PHE A 634 30.19 -35.13 4.76
CA PHE A 634 29.14 -34.13 4.58
C PHE A 634 29.68 -32.98 3.75
N LEU A 635 29.11 -32.77 2.58
CA LEU A 635 29.53 -31.70 1.67
C LEU A 635 28.86 -30.37 2.05
N TRP A 636 29.58 -29.27 1.83
CA TRP A 636 28.94 -27.96 1.92
C TRP A 636 28.18 -27.62 0.64
N GLN A 637 28.79 -27.81 -0.52
CA GLN A 637 28.17 -27.38 -1.78
C GLN A 637 28.50 -28.46 -2.82
N ARG A 638 27.45 -29.08 -3.35
CA ARG A 638 27.57 -30.37 -4.01
C ARG A 638 28.41 -30.28 -5.29
N LYS A 639 27.92 -29.54 -6.29
CA LYS A 639 28.43 -29.70 -7.64
C LYS A 639 29.93 -29.42 -7.77
N PRO A 640 30.56 -28.55 -6.97
CA PRO A 640 32.02 -28.39 -7.09
C PRO A 640 32.82 -29.34 -6.22
N GLU A 641 32.26 -29.84 -5.13
CA GLU A 641 33.04 -30.49 -4.07
C GLU A 641 32.91 -32.00 -4.11
N TYR A 642 34.05 -32.69 -4.12
CA TYR A 642 34.15 -34.08 -3.74
C TYR A 642 35.57 -34.32 -3.23
N LYS A 643 35.69 -35.24 -2.27
CA LYS A 643 36.93 -35.48 -1.53
C LYS A 643 37.45 -34.21 -0.85
N VAL A 644 36.59 -33.21 -0.66
CA VAL A 644 36.93 -32.00 0.10
C VAL A 644 35.84 -31.72 1.11
N ALA A 645 34.94 -32.69 1.32
CA ALA A 645 33.84 -32.51 2.24
C ALA A 645 34.32 -32.65 3.68
N LEU A 646 33.46 -32.26 4.62
CA LEU A 646 33.75 -32.45 6.03
C LEU A 646 33.61 -33.96 6.07
N LYS A 647 34.67 -34.68 6.42
CA LYS A 647 34.62 -36.11 6.23
C LYS A 647 35.22 -37.04 7.27
N ASN A 648 34.93 -38.33 7.09
CA ASN A 648 35.41 -39.43 7.93
C ASN A 648 35.11 -39.21 9.41
N ILE A 649 33.98 -38.57 9.70
CA ILE A 649 33.62 -38.29 11.09
C ILE A 649 33.01 -39.55 11.70
N ASN A 650 33.69 -40.11 12.69
CA ASN A 650 33.09 -41.10 13.58
C ASN A 650 32.87 -40.42 14.93
N PHE A 651 31.61 -40.31 15.34
CA PHE A 651 31.23 -39.41 16.42
C PHE A 651 30.19 -40.06 17.31
N GLN A 652 30.19 -39.67 18.59
CA GLN A 652 29.23 -40.13 19.57
C GLN A 652 28.86 -39.00 20.52
N ALA A 653 27.56 -38.88 20.80
CA ALA A 653 27.06 -38.05 21.89
C ALA A 653 25.97 -38.83 22.59
N LYS A 654 25.98 -38.80 23.92
CA LYS A 654 25.18 -39.71 24.72
C LYS A 654 24.44 -38.97 25.83
N LYS A 655 23.29 -39.52 26.20
CA LYS A 655 22.29 -38.79 26.97
C LYS A 655 22.88 -38.22 28.25
N GLY A 656 22.52 -36.97 28.54
CA GLY A 656 22.88 -36.32 29.79
C GLY A 656 24.27 -35.74 29.82
N ASN A 657 25.20 -36.35 29.11
CA ASN A 657 26.58 -35.89 29.12
C ASN A 657 26.75 -34.64 28.26
N LEU A 658 27.66 -33.76 28.68
CA LEU A 658 28.05 -32.61 27.89
C LEU A 658 29.32 -32.96 27.14
N THR A 659 29.25 -32.94 25.81
CA THR A 659 30.41 -33.17 24.95
C THR A 659 30.71 -31.90 24.18
N CYS A 660 31.98 -31.48 24.21
CA CYS A 660 32.38 -30.19 23.65
C CYS A 660 33.26 -30.41 22.42
N ILE A 661 32.99 -29.64 21.38
CA ILE A 661 33.74 -29.70 20.12
C ILE A 661 34.67 -28.51 20.06
N VAL A 662 35.91 -28.76 19.64
CA VAL A 662 36.96 -27.74 19.56
C VAL A 662 37.47 -27.68 18.13
N GLY A 663 37.77 -26.47 17.67
CA GLY A 663 38.33 -26.30 16.34
C GLY A 663 38.58 -24.85 15.96
N LYS A 664 39.59 -24.62 15.14
CA LYS A 664 39.88 -23.28 14.65
C LYS A 664 38.76 -22.78 13.74
N VAL A 665 38.69 -21.47 13.57
CA VAL A 665 37.70 -20.88 12.68
C VAL A 665 37.86 -21.51 11.30
N GLY A 666 36.76 -21.98 10.74
CA GLY A 666 36.77 -22.69 9.48
C GLY A 666 37.22 -24.13 9.57
N SER A 667 37.50 -24.63 10.78
CA SER A 667 37.95 -26.01 10.94
C SER A 667 36.84 -27.01 10.67
N GLY A 668 35.58 -26.57 10.64
CA GLY A 668 34.45 -27.46 10.60
C GLY A 668 33.70 -27.56 11.92
N LYS A 669 34.07 -26.76 12.90
CA LYS A 669 33.38 -26.77 14.19
C LYS A 669 31.89 -26.53 14.01
N THR A 670 31.53 -25.46 13.31
CA THR A 670 30.13 -25.21 12.99
C THR A 670 29.58 -26.27 12.05
N ALA A 671 30.43 -26.81 11.16
CA ALA A 671 29.95 -27.76 10.17
C ALA A 671 29.44 -29.03 10.82
N LEU A 672 30.11 -29.52 11.86
CA LEU A 672 29.67 -30.76 12.51
C LEU A 672 28.30 -30.58 13.15
N LEU A 673 28.08 -29.46 13.83
CA LEU A 673 26.77 -29.19 14.40
C LEU A 673 25.72 -29.04 13.31
N SER A 674 26.10 -28.45 12.18
CA SER A 674 25.16 -28.40 11.06
C SER A 674 24.83 -29.79 10.54
N CYS A 675 25.83 -30.68 10.51
CA CYS A 675 25.57 -32.05 10.10
C CYS A 675 24.54 -32.71 10.99
N MET A 676 24.85 -32.82 12.28
CA MET A 676 23.91 -33.49 13.16
C MET A 676 22.59 -32.74 13.25
N LEU A 677 22.56 -31.45 12.92
CA LEU A 677 21.30 -30.74 12.80
C LEU A 677 20.59 -31.09 11.50
N GLY A 678 21.33 -31.49 10.46
CA GLY A 678 20.74 -31.92 9.21
C GLY A 678 20.81 -30.92 8.06
N ASP A 679 21.73 -29.96 8.08
CA ASP A 679 21.81 -28.93 7.07
C ASP A 679 22.77 -29.25 5.94
N LEU A 680 23.39 -30.43 5.92
CA LEU A 680 24.46 -30.72 4.97
C LEU A 680 24.20 -32.04 4.25
N PHE A 681 24.63 -32.09 2.99
CA PHE A 681 24.43 -33.24 2.12
C PHE A 681 25.50 -34.29 2.40
N ARG A 682 25.08 -35.48 2.81
CA ARG A 682 26.00 -36.57 3.07
C ARG A 682 25.97 -37.58 1.93
N VAL A 683 27.12 -38.21 1.70
CA VAL A 683 27.26 -39.22 0.64
C VAL A 683 27.79 -40.54 1.15
N LYS A 684 28.48 -40.59 2.28
CA LYS A 684 29.01 -41.84 2.83
C LYS A 684 28.68 -41.91 4.31
N GLY A 685 28.53 -43.13 4.80
CA GLY A 685 28.15 -43.33 6.19
C GLY A 685 26.71 -42.90 6.43
N PHE A 686 26.33 -42.94 7.70
CA PHE A 686 25.00 -42.53 8.12
C PHE A 686 25.08 -41.75 9.42
N ALA A 687 24.03 -41.01 9.72
CA ALA A 687 23.94 -40.22 10.93
C ALA A 687 22.51 -40.25 11.45
N THR A 688 22.37 -40.06 12.76
CA THR A 688 21.05 -40.02 13.38
C THR A 688 21.11 -39.16 14.63
N VAL A 689 19.97 -38.58 14.99
CA VAL A 689 19.80 -37.85 16.24
C VAL A 689 18.47 -38.29 16.85
N HIS A 690 18.50 -38.74 18.09
CA HIS A 690 17.30 -39.20 18.78
C HIS A 690 16.62 -38.03 19.49
N GLY A 691 15.30 -38.09 19.57
CA GLY A 691 14.53 -37.11 20.31
C GLY A 691 14.62 -35.73 19.71
N SER A 692 13.84 -34.81 20.29
CA SER A 692 13.82 -33.44 19.83
C SER A 692 15.16 -32.77 20.10
N VAL A 693 15.44 -31.71 19.33
CA VAL A 693 16.71 -31.02 19.38
C VAL A 693 16.49 -29.51 19.43
N ALA A 694 17.36 -28.83 20.17
CA ALA A 694 17.35 -27.38 20.25
C ALA A 694 18.73 -26.85 19.89
N TYR A 695 18.76 -25.71 19.23
CA TYR A 695 19.97 -25.23 18.57
C TYR A 695 20.19 -23.76 18.86
N VAL A 696 21.44 -23.39 19.14
CA VAL A 696 21.83 -22.00 19.35
C VAL A 696 22.97 -21.69 18.39
N SER A 697 22.75 -20.72 17.50
CA SER A 697 23.73 -20.41 16.46
C SER A 697 24.86 -19.56 17.01
N GLN A 698 26.02 -19.66 16.36
CA GLN A 698 27.16 -18.85 16.76
C GLN A 698 26.82 -17.37 16.68
N VAL A 699 26.13 -16.96 15.62
CA VAL A 699 25.56 -15.63 15.53
C VAL A 699 24.10 -15.73 16.00
N PRO A 700 23.73 -15.11 17.11
CA PRO A 700 22.37 -15.27 17.62
C PRO A 700 21.35 -14.63 16.68
N TRP A 701 20.14 -15.18 16.71
CA TRP A 701 19.02 -14.64 15.94
C TRP A 701 17.84 -14.45 16.85
N ILE A 702 17.21 -13.28 16.75
CA ILE A 702 16.11 -12.89 17.63
C ILE A 702 14.98 -12.40 16.74
N MET A 703 13.90 -13.18 16.67
CA MET A 703 12.73 -12.74 15.94
C MET A 703 12.13 -11.51 16.63
N ASN A 704 11.72 -10.54 15.82
CA ASN A 704 11.21 -9.30 16.38
C ASN A 704 9.95 -9.58 17.19
N GLY A 705 9.89 -9.00 18.38
CA GLY A 705 8.80 -9.26 19.31
C GLY A 705 9.29 -9.08 20.72
N THR A 706 8.39 -9.39 21.65
CA THR A 706 8.76 -9.31 23.07
C THR A 706 9.81 -10.36 23.39
N VAL A 707 10.65 -10.04 24.39
CA VAL A 707 11.64 -11.00 24.84
C VAL A 707 10.97 -12.27 25.33
N LYS A 708 9.80 -12.12 25.95
CA LYS A 708 9.02 -13.29 26.36
C LYS A 708 8.68 -14.16 25.17
N GLU A 709 8.22 -13.56 24.08
CA GLU A 709 7.89 -14.35 22.89
C GLU A 709 9.13 -15.00 22.31
N ASN A 710 10.25 -14.28 22.28
CA ASN A 710 11.48 -14.85 21.75
C ASN A 710 11.94 -16.04 22.57
N ILE A 711 11.69 -16.02 23.89
CA ILE A 711 12.11 -17.14 24.72
C ILE A 711 11.13 -18.30 24.59
N LEU A 712 9.83 -18.03 24.70
CA LEU A 712 8.85 -19.11 24.64
C LEU A 712 8.89 -19.80 23.30
N PHE A 713 9.01 -19.04 22.21
CA PHE A 713 9.21 -19.58 20.87
C PHE A 713 8.16 -20.63 20.54
N GLY A 714 6.90 -20.30 20.84
CA GLY A 714 5.77 -21.13 20.48
C GLY A 714 5.45 -22.25 21.44
N HIS A 715 6.24 -22.43 22.50
CA HIS A 715 5.92 -23.41 23.53
C HIS A 715 4.98 -22.80 24.56
N ARG A 716 4.14 -23.65 25.15
CA ARG A 716 3.16 -23.17 26.10
C ARG A 716 3.84 -22.59 27.33
N TYR A 717 3.17 -21.62 27.95
CA TYR A 717 3.71 -20.88 29.08
C TYR A 717 3.65 -21.71 30.36
N ASP A 718 4.80 -21.85 31.02
CA ASP A 718 4.92 -22.35 32.39
C ASP A 718 5.70 -21.29 33.17
N ALA A 719 5.00 -20.57 34.06
CA ALA A 719 5.63 -19.45 34.75
C ALA A 719 6.85 -19.89 35.54
N GLU A 720 6.73 -21.00 36.28
CA GLU A 720 7.81 -21.39 37.18
C GLU A 720 9.06 -21.74 36.39
N PHE A 721 8.93 -22.52 35.32
CA PHE A 721 10.11 -22.89 34.56
C PHE A 721 10.62 -21.71 33.74
N TYR A 722 9.73 -20.82 33.31
CA TYR A 722 10.16 -19.62 32.60
C TYR A 722 11.09 -18.77 33.48
N GLU A 723 10.64 -18.48 34.71
CA GLU A 723 11.49 -17.73 35.63
C GLU A 723 12.73 -18.53 36.00
N LYS A 724 12.61 -19.86 36.11
CA LYS A 724 13.77 -20.68 36.39
C LYS A 724 14.82 -20.55 35.29
N THR A 725 14.40 -20.53 34.04
CA THR A 725 15.34 -20.35 32.94
C THR A 725 15.96 -18.96 32.98
N ILE A 726 15.16 -17.93 33.25
CA ILE A 726 15.73 -16.60 33.29
C ILE A 726 16.72 -16.49 34.44
N LYS A 727 16.55 -17.26 35.51
CA LYS A 727 17.47 -17.22 36.63
C LYS A 727 18.71 -18.06 36.39
N ALA A 728 18.55 -19.26 35.81
CA ALA A 728 19.69 -20.10 35.52
C ALA A 728 20.60 -19.43 34.51
N CYS A 729 20.03 -18.86 33.46
CA CYS A 729 20.78 -17.97 32.60
C CYS A 729 20.99 -16.64 33.32
N ALA A 730 22.10 -15.99 33.01
CA ALA A 730 22.36 -14.67 33.58
C ALA A 730 21.43 -13.59 33.03
N LEU A 731 20.43 -13.96 32.23
CA LEU A 731 19.56 -12.98 31.62
C LEU A 731 18.83 -12.11 32.62
N THR A 732 18.70 -12.55 33.87
CA THR A 732 17.92 -11.81 34.87
C THR A 732 18.34 -10.35 34.95
N ILE A 733 19.65 -10.09 34.93
CA ILE A 733 20.13 -8.71 35.07
C ILE A 733 19.68 -7.87 33.88
N ASP A 734 19.82 -8.38 32.66
CA ASP A 734 19.36 -7.64 31.49
C ASP A 734 17.85 -7.47 31.52
N LEU A 735 17.13 -8.52 31.91
CA LEU A 735 15.68 -8.44 32.00
C LEU A 735 15.22 -7.37 32.98
N ALA A 736 16.00 -7.12 34.02
CA ALA A 736 15.71 -6.02 34.93
C ALA A 736 16.13 -4.68 34.32
N ILE A 737 17.22 -4.66 33.55
CA ILE A 737 17.75 -3.40 33.03
C ILE A 737 16.84 -2.84 31.95
N LEU A 738 16.33 -3.70 31.06
CA LEU A 738 15.57 -3.22 29.91
C LEU A 738 14.31 -2.48 30.35
N MET A 739 13.89 -1.52 29.52
CA MET A 739 12.94 -0.51 29.93
C MET A 739 11.55 -1.07 30.23
N ASP A 740 11.22 -2.25 29.70
CA ASP A 740 9.90 -2.82 29.90
C ASP A 740 9.95 -4.31 30.23
N GLY A 741 11.02 -4.75 30.89
CA GLY A 741 11.11 -6.14 31.29
C GLY A 741 11.01 -7.07 30.10
N ASP A 742 10.38 -8.23 30.32
CA ASP A 742 10.26 -9.23 29.27
C ASP A 742 9.32 -8.81 28.16
N LYS A 743 8.44 -7.83 28.41
CA LYS A 743 7.61 -7.28 27.35
C LYS A 743 8.38 -6.32 26.46
N THR A 744 9.63 -6.00 26.79
CA THR A 744 10.44 -5.11 25.98
C THR A 744 10.42 -5.57 24.53
N LEU A 745 10.06 -4.66 23.63
CA LEU A 745 9.92 -4.99 22.22
C LEU A 745 11.28 -5.07 21.55
N VAL A 746 11.62 -6.24 21.02
CA VAL A 746 12.72 -6.34 20.07
C VAL A 746 12.21 -5.69 18.78
N GLY A 747 12.70 -4.49 18.49
CA GLY A 747 12.19 -3.70 17.39
C GLY A 747 12.63 -4.23 16.05
N GLU A 748 12.27 -3.51 15.00
CA GLU A 748 12.65 -3.89 13.65
C GLU A 748 14.16 -4.02 13.56
N LYS A 749 14.60 -5.11 12.93
CA LYS A 749 16.01 -5.46 12.81
C LYS A 749 16.69 -5.73 14.14
N GLY A 750 15.91 -5.87 15.22
CA GLY A 750 16.49 -6.27 16.49
C GLY A 750 17.37 -5.25 17.15
N ILE A 751 17.19 -3.96 16.84
CA ILE A 751 18.08 -2.92 17.35
C ILE A 751 18.02 -2.79 18.87
N SER A 752 16.99 -3.35 19.51
CA SER A 752 16.75 -3.08 20.92
C SER A 752 17.79 -3.72 21.84
N LEU A 753 18.51 -4.74 21.38
CA LEU A 753 19.46 -5.47 22.21
C LEU A 753 20.84 -5.48 21.58
N SER A 754 21.85 -5.73 22.42
CA SER A 754 23.24 -5.85 22.01
C SER A 754 23.69 -7.31 22.08
N GLY A 755 24.88 -7.56 21.53
CA GLY A 755 25.29 -8.92 21.23
C GLY A 755 25.29 -9.85 22.44
N GLY A 756 25.80 -9.37 23.58
CA GLY A 756 25.93 -10.25 24.73
C GLY A 756 24.60 -10.77 25.22
N GLN A 757 23.66 -9.85 25.48
CA GLN A 757 22.34 -10.27 25.91
C GLN A 757 21.58 -10.96 24.78
N LYS A 758 21.93 -10.68 23.53
CA LYS A 758 21.33 -11.42 22.42
C LYS A 758 21.69 -12.90 22.50
N ALA A 759 22.98 -13.21 22.67
CA ALA A 759 23.39 -14.59 22.82
C ALA A 759 22.79 -15.21 24.06
N ARG A 760 22.76 -14.43 25.15
CA ARG A 760 22.16 -14.92 26.39
C ARG A 760 20.70 -15.27 26.19
N LEU A 761 19.97 -14.44 25.45
CA LEU A 761 18.56 -14.68 25.16
C LEU A 761 18.36 -15.89 24.27
N SER A 762 19.25 -16.08 23.28
CA SER A 762 19.17 -17.29 22.47
C SER A 762 19.34 -18.53 23.33
N LEU A 763 20.32 -18.50 24.24
CA LEU A 763 20.50 -19.62 25.15
C LEU A 763 19.28 -19.79 26.04
N ALA A 764 18.65 -18.69 26.45
CA ALA A 764 17.45 -18.79 27.26
C ALA A 764 16.34 -19.50 26.51
N ARG A 765 16.16 -19.16 25.23
CA ARG A 765 15.18 -19.87 24.41
C ARG A 765 15.50 -21.36 24.33
N ALA A 766 16.77 -21.67 24.08
CA ALA A 766 17.18 -23.07 23.96
C ALA A 766 16.87 -23.83 25.24
N VAL A 767 17.21 -23.25 26.39
CA VAL A 767 16.93 -23.90 27.67
C VAL A 767 15.43 -24.09 27.85
N TYR A 768 14.66 -23.03 27.63
CA TYR A 768 13.22 -23.12 27.84
C TYR A 768 12.63 -24.23 26.98
N ALA A 769 13.16 -24.42 25.77
CA ALA A 769 12.59 -25.42 24.88
C ALA A 769 12.62 -26.81 25.49
N ARG A 770 13.49 -27.05 26.47
CA ARG A 770 13.59 -28.37 27.12
C ARG A 770 13.65 -29.49 26.09
N ALA A 771 14.44 -29.28 25.05
CA ALA A 771 14.59 -30.31 24.02
C ALA A 771 15.40 -31.47 24.57
N ASP A 772 15.38 -32.57 23.83
CA ASP A 772 16.12 -33.77 24.24
C ASP A 772 17.58 -33.73 23.85
N THR A 773 17.92 -32.99 22.80
CA THR A 773 19.30 -32.85 22.34
C THR A 773 19.59 -31.38 22.15
N TYR A 774 20.78 -30.96 22.54
CA TYR A 774 21.17 -29.56 22.50
C TYR A 774 22.42 -29.38 21.66
N LEU A 775 22.40 -28.41 20.77
CA LEU A 775 23.48 -28.14 19.83
C LEU A 775 23.91 -26.70 20.05
N LEU A 776 24.80 -26.48 21.01
CA LEU A 776 25.15 -25.14 21.46
C LEU A 776 26.36 -24.68 20.66
N ASP A 777 26.10 -23.99 19.54
CA ASP A 777 27.18 -23.52 18.66
C ASP A 777 27.76 -22.23 19.24
N ASP A 778 28.71 -22.39 20.16
CA ASP A 778 29.54 -21.32 20.71
C ASP A 778 28.72 -20.16 21.27
N PRO A 779 27.75 -20.41 22.16
CA PRO A 779 27.12 -19.26 22.83
C PRO A 779 28.09 -18.43 23.66
N LEU A 780 29.08 -19.07 24.27
CA LEU A 780 29.87 -18.43 25.32
C LEU A 780 30.90 -17.43 24.79
N ALA A 781 31.17 -17.41 23.49
CA ALA A 781 32.17 -16.48 22.96
C ALA A 781 31.72 -15.03 23.10
N ALA A 782 30.41 -14.79 23.13
CA ALA A 782 29.86 -13.44 23.23
C ALA A 782 29.57 -13.02 24.66
N VAL A 783 30.12 -13.74 25.64
CA VAL A 783 29.77 -13.55 27.05
C VAL A 783 31.04 -13.26 27.83
N ASP A 784 30.94 -12.33 28.79
CA ASP A 784 32.04 -12.09 29.72
C ASP A 784 32.38 -13.39 30.44
N GLU A 785 33.65 -13.54 30.83
CA GLU A 785 34.08 -14.80 31.42
C GLU A 785 33.33 -15.11 32.71
N HIS A 786 33.04 -14.10 33.52
CA HIS A 786 32.30 -14.34 34.76
C HIS A 786 30.88 -14.81 34.48
N VAL A 787 30.22 -14.19 33.51
CA VAL A 787 28.87 -14.61 33.14
C VAL A 787 28.90 -16.00 32.51
N ALA A 788 29.95 -16.32 31.77
CA ALA A 788 30.12 -17.67 31.23
C ALA A 788 30.29 -18.69 32.34
N ARG A 789 31.06 -18.34 33.37
CA ARG A 789 31.21 -19.23 34.52
C ARG A 789 29.88 -19.41 35.25
N HIS A 790 29.03 -18.39 35.22
CA HIS A 790 27.67 -18.53 35.75
C HIS A 790 26.84 -19.48 34.88
N LEU A 791 26.87 -19.27 33.57
CA LEU A 791 26.05 -20.06 32.65
C LEU A 791 26.45 -21.52 32.68
N ILE A 792 27.75 -21.80 32.70
CA ILE A 792 28.20 -23.19 32.65
C ILE A 792 27.79 -23.93 33.90
N GLU A 793 27.76 -23.25 35.05
CA GLU A 793 27.35 -23.90 36.28
C GLU A 793 25.83 -24.12 36.32
N HIS A 794 25.06 -23.12 35.90
CA HIS A 794 23.61 -23.22 36.04
C HIS A 794 22.96 -24.03 34.93
N VAL A 795 23.58 -24.10 33.75
CA VAL A 795 22.90 -24.64 32.57
C VAL A 795 23.66 -25.81 31.97
N LEU A 796 24.89 -25.56 31.52
CA LEU A 796 25.59 -26.55 30.70
C LEU A 796 26.07 -27.74 31.53
N GLY A 797 26.66 -27.49 32.69
CA GLY A 797 27.31 -28.53 33.43
C GLY A 797 26.33 -29.44 34.13
N PRO A 798 26.86 -30.52 34.72
CA PRO A 798 25.98 -31.45 35.44
C PRO A 798 25.25 -30.79 36.59
N ASN A 799 25.79 -29.71 37.15
CA ASN A 799 25.09 -28.96 38.16
C ASN A 799 23.90 -28.19 37.59
N GLY A 800 23.82 -28.08 36.27
CA GLY A 800 22.75 -27.32 35.65
C GLY A 800 21.47 -28.11 35.49
N LEU A 801 20.39 -27.39 35.22
CA LEU A 801 19.07 -28.00 35.10
C LEU A 801 18.95 -28.90 33.87
N LEU A 802 19.85 -28.76 32.89
CA LEU A 802 19.82 -29.57 31.70
C LEU A 802 20.63 -30.86 31.83
N HIS A 803 21.02 -31.24 33.05
CA HIS A 803 21.87 -32.41 33.22
C HIS A 803 21.26 -33.67 32.65
N THR A 804 19.93 -33.75 32.58
CA THR A 804 19.26 -34.92 32.04
C THR A 804 19.14 -34.91 30.52
N LYS A 805 19.53 -33.82 29.86
CA LYS A 805 19.38 -33.66 28.42
C LYS A 805 20.73 -33.76 27.73
N THR A 806 20.72 -34.33 26.53
CA THR A 806 21.94 -34.41 25.73
C THR A 806 22.40 -33.01 25.36
N LYS A 807 23.70 -32.75 25.52
CA LYS A 807 24.26 -31.46 25.15
C LYS A 807 25.52 -31.67 24.32
N VAL A 808 25.53 -31.08 23.14
CA VAL A 808 26.74 -30.90 22.34
C VAL A 808 27.04 -29.41 22.30
N LEU A 809 28.27 -29.05 22.65
CA LEU A 809 28.70 -27.66 22.71
C LEU A 809 29.92 -27.49 21.82
N ALA A 810 29.93 -26.41 21.04
CA ALA A 810 31.03 -26.15 20.11
C ALA A 810 31.67 -24.83 20.51
N THR A 811 32.63 -24.89 21.42
CA THR A 811 33.37 -23.71 21.87
C THR A 811 34.79 -24.12 22.24
N ASN A 812 35.73 -23.21 22.01
CA ASN A 812 37.13 -23.42 22.38
C ASN A 812 37.47 -22.82 23.75
N LYS A 813 36.51 -22.24 24.45
CA LYS A 813 36.76 -21.67 25.77
C LYS A 813 37.02 -22.78 26.77
N VAL A 814 38.10 -22.66 27.53
CA VAL A 814 38.65 -23.77 28.30
C VAL A 814 37.68 -24.23 29.39
N SER A 815 36.81 -23.34 29.88
CA SER A 815 35.89 -23.74 30.95
C SER A 815 34.93 -24.82 30.49
N ALA A 816 34.41 -24.69 29.27
CA ALA A 816 33.55 -25.73 28.72
C ALA A 816 34.31 -27.05 28.63
N LEU A 817 35.57 -26.99 28.20
CA LEU A 817 36.39 -28.19 28.19
C LEU A 817 36.53 -28.79 29.58
N SER A 818 36.70 -27.93 30.59
CA SER A 818 36.90 -28.41 31.96
C SER A 818 35.66 -29.10 32.49
N ILE A 819 34.48 -28.63 32.11
CA ILE A 819 33.24 -29.21 32.60
C ILE A 819 32.76 -30.37 31.71
N ALA A 820 33.25 -30.46 30.48
CA ALA A 820 32.71 -31.40 29.52
C ALA A 820 32.96 -32.85 29.93
N ASP A 821 32.04 -33.72 29.56
CA ASP A 821 32.22 -35.15 29.82
C ASP A 821 33.18 -35.78 28.81
N SER A 822 33.06 -35.40 27.53
CA SER A 822 33.93 -35.93 26.49
C SER A 822 34.19 -34.85 25.46
N ILE A 823 35.31 -34.97 24.75
CA ILE A 823 35.81 -33.91 23.90
C ILE A 823 36.16 -34.48 22.53
N ALA A 824 35.91 -33.69 21.49
CA ALA A 824 36.37 -33.98 20.14
C ALA A 824 37.07 -32.74 19.58
N LEU A 825 38.18 -32.95 18.89
CA LEU A 825 38.91 -31.87 18.24
C LEU A 825 39.03 -32.18 16.76
N LEU A 826 38.71 -31.21 15.92
CA LEU A 826 38.72 -31.39 14.48
C LEU A 826 39.39 -30.21 13.80
N ASP A 827 40.03 -30.49 12.67
CA ASP A 827 40.66 -29.47 11.83
C ASP A 827 40.62 -29.95 10.39
N ASN A 828 40.65 -28.98 9.48
CA ASN A 828 40.56 -29.26 8.05
C ASN A 828 39.30 -30.05 7.71
N GLY A 829 38.24 -29.85 8.50
CA GLY A 829 37.02 -30.60 8.27
C GLY A 829 37.13 -32.07 8.56
N GLU A 830 38.03 -32.48 9.44
CA GLU A 830 38.24 -33.88 9.78
C GLU A 830 38.41 -34.03 11.28
N ILE A 831 37.83 -35.08 11.84
CA ILE A 831 37.99 -35.36 13.27
C ILE A 831 39.40 -35.87 13.51
N THR A 832 40.14 -35.19 14.38
CA THR A 832 41.52 -35.53 14.66
C THR A 832 41.69 -36.30 15.97
N GLN A 833 41.02 -35.89 17.04
CA GLN A 833 41.17 -36.53 18.33
C GLN A 833 39.84 -36.47 19.07
N GLN A 834 39.49 -37.57 19.72
CA GLN A 834 38.21 -37.65 20.43
C GLN A 834 38.34 -38.64 21.58
N GLY A 835 37.63 -38.35 22.66
CA GLY A 835 37.59 -39.22 23.81
C GLY A 835 37.00 -38.48 25.00
N THR A 836 36.93 -39.18 26.12
CA THR A 836 36.47 -38.52 27.33
C THR A 836 37.53 -37.52 27.79
N TYR A 837 37.11 -36.63 28.70
CA TYR A 837 38.06 -35.67 29.25
C TYR A 837 39.26 -36.37 29.85
N ASP A 838 39.05 -37.55 30.43
CA ASP A 838 40.16 -38.28 31.05
C ASP A 838 41.21 -38.68 30.02
N GLU A 839 40.80 -39.35 28.95
CA GLU A 839 41.76 -39.78 27.95
C GLU A 839 42.41 -38.59 27.26
N ILE A 840 41.62 -37.57 26.91
CA ILE A 840 42.20 -36.44 26.21
C ILE A 840 43.14 -35.66 27.13
N THR A 841 42.95 -35.76 28.45
CA THR A 841 43.95 -35.22 29.38
C THR A 841 45.21 -36.07 29.39
N LYS A 842 45.05 -37.40 29.48
CA LYS A 842 46.20 -38.28 29.59
C LYS A 842 47.04 -38.27 28.33
N ASP A 843 46.44 -37.98 27.17
CA ASP A 843 47.17 -38.04 25.92
C ASP A 843 48.27 -36.97 25.83
N ALA A 844 48.20 -35.94 26.68
CA ALA A 844 49.20 -34.88 26.71
C ALA A 844 49.34 -34.17 25.36
N ASP A 845 48.37 -34.35 24.47
CA ASP A 845 48.40 -33.69 23.16
C ASP A 845 48.07 -32.22 23.31
N SER A 846 47.98 -31.53 22.17
CA SER A 846 47.62 -30.11 22.17
C SER A 846 46.35 -29.83 22.94
N PRO A 847 45.24 -30.56 22.73
CA PRO A 847 44.06 -30.33 23.57
C PRO A 847 44.30 -30.59 25.05
N LEU A 848 45.14 -31.57 25.38
CA LEU A 848 45.46 -31.82 26.77
C LEU A 848 46.21 -30.65 27.39
N TRP A 849 47.14 -30.07 26.64
CA TRP A 849 47.88 -28.91 27.16
C TRP A 849 46.96 -27.73 27.43
N LYS A 850 45.97 -27.51 26.56
CA LYS A 850 45.04 -26.41 26.77
C LYS A 850 44.01 -26.73 27.84
N LEU A 851 43.42 -27.93 27.78
CA LEU A 851 42.39 -28.31 28.74
C LEU A 851 42.93 -28.73 30.09
N LEU A 852 44.24 -28.93 30.21
CA LEU A 852 44.85 -29.33 31.47
C LEU A 852 46.16 -28.57 31.71
N ARG A 929 -14.54 5.43 17.55
CA ARG A 929 -13.78 6.08 16.51
C ARG A 929 -14.63 6.35 15.27
N GLU A 930 -15.63 7.20 15.43
CA GLU A 930 -16.49 7.59 14.32
C GLU A 930 -15.73 8.46 13.31
N GLN A 931 -16.17 8.38 12.06
CA GLN A 931 -15.54 9.15 10.99
C GLN A 931 -15.83 10.64 11.15
N GLY A 932 -14.83 11.46 10.85
CA GLY A 932 -14.97 12.90 10.93
C GLY A 932 -15.43 13.52 9.61
N LYS A 933 -15.86 14.78 9.71
CA LYS A 933 -16.27 15.52 8.53
C LYS A 933 -15.05 15.92 7.71
N VAL A 934 -15.29 16.21 6.43
CA VAL A 934 -14.20 16.66 5.55
C VAL A 934 -13.66 17.99 6.06
N LYS A 935 -12.33 18.12 6.03
CA LYS A 935 -11.64 19.30 6.56
C LYS A 935 -11.61 20.40 5.51
N TRP A 936 -12.78 21.02 5.32
CA TRP A 936 -12.89 22.06 4.30
C TRP A 936 -11.97 23.25 4.55
N ASN A 937 -11.63 23.51 5.82
CA ASN A 937 -10.73 24.62 6.09
C ASN A 937 -9.39 24.41 5.39
N ILE A 938 -8.95 23.16 5.27
CA ILE A 938 -7.69 22.88 4.57
C ILE A 938 -7.85 23.12 3.08
N TYR A 939 -9.00 22.76 2.51
CA TYR A 939 -9.23 23.00 1.10
C TYR A 939 -9.19 24.49 0.80
N LEU A 940 -9.84 25.29 1.66
CA LEU A 940 -9.80 26.74 1.47
C LEU A 940 -8.40 27.30 1.71
N GLU A 941 -7.64 26.71 2.63
CA GLU A 941 -6.26 27.16 2.82
C GLU A 941 -5.43 26.91 1.56
N TYR A 942 -5.62 25.75 0.92
CA TYR A 942 -4.91 25.50 -0.33
C TYR A 942 -5.37 26.44 -1.42
N ALA A 943 -6.66 26.74 -1.48
CA ALA A 943 -7.15 27.70 -2.46
C ALA A 943 -6.53 29.07 -2.22
N LYS A 944 -6.39 29.46 -0.95
CA LYS A 944 -5.75 30.72 -0.62
C LYS A 944 -4.29 30.74 -1.05
N ALA A 945 -3.59 29.62 -0.87
CA ALA A 945 -2.22 29.52 -1.37
C ALA A 945 -2.19 29.67 -2.89
N CYS A 946 -3.14 29.04 -3.58
CA CYS A 946 -3.20 29.10 -5.03
C CYS A 946 -3.69 30.43 -5.57
N ASN A 947 -3.79 31.48 -4.75
CA ASN A 947 -4.27 32.75 -5.24
C ASN A 947 -5.68 32.61 -5.81
N PRO A 948 -6.72 32.69 -4.95
CA PRO A 948 -8.09 32.45 -5.42
C PRO A 948 -8.41 33.08 -6.77
N LYS A 949 -7.82 34.22 -7.13
CA LYS A 949 -8.02 34.72 -8.48
C LYS A 949 -7.42 33.77 -9.52
N SER A 950 -6.22 33.26 -9.25
CA SER A 950 -5.61 32.32 -10.19
C SER A 950 -6.41 31.03 -10.29
N VAL A 951 -6.90 30.51 -9.15
CA VAL A 951 -7.69 29.29 -9.23
C VAL A 951 -9.02 29.53 -9.95
N CYS A 952 -9.59 30.72 -9.78
CA CYS A 952 -10.80 31.06 -10.53
C CYS A 952 -10.53 31.13 -12.02
N VAL A 953 -9.37 31.64 -12.42
CA VAL A 953 -9.03 31.63 -13.84
C VAL A 953 -8.87 30.20 -14.35
N PHE A 954 -8.28 29.33 -13.53
CA PHE A 954 -8.23 27.91 -13.88
C PHE A 954 -9.62 27.33 -14.10
N ILE A 955 -10.54 27.56 -13.16
CA ILE A 955 -11.87 26.98 -13.32
C ILE A 955 -12.57 27.59 -14.52
N LEU A 956 -12.32 28.88 -14.78
CA LEU A 956 -12.90 29.53 -15.94
C LEU A 956 -12.45 28.86 -17.23
N PHE A 957 -11.17 28.51 -17.33
CA PHE A 957 -10.73 27.83 -18.54
C PHE A 957 -11.17 26.37 -18.60
N ILE A 958 -11.41 25.73 -17.47
CA ILE A 958 -12.12 24.44 -17.53
C ILE A 958 -13.47 24.64 -18.18
N VAL A 959 -14.21 25.63 -17.71
CA VAL A 959 -15.55 25.90 -18.24
C VAL A 959 -15.47 26.20 -19.73
N ILE A 960 -14.46 26.98 -20.15
CA ILE A 960 -14.38 27.36 -21.56
C ILE A 960 -14.01 26.17 -22.43
N SER A 961 -13.08 25.34 -21.96
CA SER A 961 -12.72 24.14 -22.73
C SER A 961 -13.92 23.23 -22.91
N MET A 962 -14.62 22.94 -21.81
CA MET A 962 -15.79 22.06 -21.93
C MET A 962 -16.89 22.71 -22.74
N PHE A 963 -17.08 24.02 -22.60
CA PHE A 963 -18.09 24.73 -23.37
C PHE A 963 -17.80 24.60 -24.86
N LEU A 964 -16.55 24.83 -25.27
CA LEU A 964 -16.24 24.75 -26.68
C LEU A 964 -16.29 23.31 -27.19
N SER A 965 -15.99 22.33 -26.35
CA SER A 965 -16.20 20.94 -26.77
C SER A 965 -17.68 20.66 -26.99
N VAL A 966 -18.53 21.10 -26.06
CA VAL A 966 -19.96 20.88 -26.20
C VAL A 966 -20.50 21.60 -27.42
N MET A 967 -20.05 22.83 -27.66
CA MET A 967 -20.48 23.54 -28.86
C MET A 967 -19.90 22.93 -30.12
N GLY A 968 -18.75 22.26 -30.03
CA GLY A 968 -18.30 21.48 -31.16
C GLY A 968 -19.28 20.37 -31.50
N ASN A 969 -19.77 19.68 -30.47
CA ASN A 969 -20.76 18.63 -30.72
C ASN A 969 -22.11 19.21 -31.14
N VAL A 970 -22.46 20.40 -30.66
CA VAL A 970 -23.70 21.04 -31.09
C VAL A 970 -23.60 21.47 -32.55
N TRP A 971 -22.43 21.97 -32.96
CA TRP A 971 -22.21 22.27 -34.36
C TRP A 971 -22.22 21.01 -35.20
N LEU A 972 -21.68 19.92 -34.67
CA LEU A 972 -21.77 18.65 -35.39
C LEU A 972 -23.21 18.21 -35.55
N LYS A 973 -24.03 18.41 -34.51
CA LYS A 973 -25.46 18.13 -34.61
C LYS A 973 -26.11 18.96 -35.70
N HIS A 974 -25.84 20.28 -35.70
CA HIS A 974 -26.41 21.14 -36.73
C HIS A 974 -25.95 20.72 -38.12
N TRP A 975 -24.66 20.48 -38.28
CA TRP A 975 -24.11 20.10 -39.57
C TRP A 975 -24.70 18.80 -40.08
N SER A 976 -24.86 17.82 -39.19
CA SER A 976 -25.44 16.55 -39.59
C SER A 976 -26.91 16.67 -39.88
N GLU A 977 -27.64 17.54 -39.19
CA GLU A 977 -29.03 17.78 -39.54
C GLU A 977 -29.13 18.48 -40.89
N VAL A 978 -28.18 19.37 -41.19
CA VAL A 978 -28.15 19.99 -42.51
C VAL A 978 -27.92 18.95 -43.60
N ASN A 979 -26.95 18.07 -43.38
CA ASN A 979 -26.70 17.01 -44.37
C ASN A 979 -27.88 16.05 -44.48
N SER A 980 -28.62 15.85 -43.39
CA SER A 980 -29.81 15.00 -43.44
C SER A 980 -30.96 15.67 -44.16
N ARG A 981 -31.07 17.00 -44.03
CA ARG A 981 -32.07 17.74 -44.79
C ARG A 981 -31.77 17.73 -46.27
N TYR A 982 -30.49 17.96 -46.63
CA TYR A 982 -30.03 17.73 -47.98
C TYR A 982 -29.85 16.23 -48.21
N GLY A 983 -29.46 15.89 -49.42
CA GLY A 983 -28.96 14.56 -49.75
C GLY A 983 -27.46 14.50 -49.88
N SER A 984 -26.75 15.56 -49.49
CA SER A 984 -25.32 15.67 -49.73
C SER A 984 -24.76 16.65 -48.72
N ASN A 985 -23.46 16.83 -48.77
CA ASN A 985 -22.77 17.74 -47.86
C ASN A 985 -22.65 19.11 -48.52
N PRO A 986 -23.46 20.10 -48.10
CA PRO A 986 -23.54 21.34 -48.90
C PRO A 986 -22.29 22.19 -48.86
N ASN A 987 -21.74 22.45 -47.68
CA ASN A 987 -20.65 23.40 -47.50
C ASN A 987 -19.58 22.76 -46.63
N ALA A 988 -19.18 21.54 -47.01
CA ALA A 988 -18.16 20.80 -46.29
C ALA A 988 -17.06 21.71 -45.76
N ALA A 989 -16.56 22.60 -46.62
CA ALA A 989 -15.46 23.48 -46.20
C ALA A 989 -15.88 24.31 -44.99
N ARG A 990 -17.02 24.98 -45.08
CA ARG A 990 -17.46 25.86 -43.99
C ARG A 990 -17.73 25.06 -42.72
N TYR A 991 -18.49 23.97 -42.84
CA TYR A 991 -18.88 23.22 -41.66
C TYR A 991 -17.67 22.58 -40.99
N LEU A 992 -16.77 21.99 -41.77
CA LEU A 992 -15.56 21.43 -41.19
C LEU A 992 -14.70 22.51 -40.57
N ALA A 993 -14.61 23.67 -41.22
CA ALA A 993 -13.81 24.75 -40.66
C ALA A 993 -14.34 25.16 -39.29
N ILE A 994 -15.65 25.31 -39.15
CA ILE A 994 -16.19 25.76 -37.87
C ILE A 994 -16.09 24.65 -36.82
N TYR A 995 -16.33 23.40 -37.21
CA TYR A 995 -16.18 22.29 -36.27
C TYR A 995 -14.73 22.19 -35.78
N PHE A 996 -13.79 22.29 -36.70
CA PHE A 996 -12.37 22.30 -36.35
C PHE A 996 -12.05 23.48 -35.45
N ALA A 997 -12.60 24.65 -35.75
CA ALA A 997 -12.35 25.82 -34.92
C ALA A 997 -12.82 25.58 -33.49
N LEU A 998 -14.01 25.01 -33.32
CA LEU A 998 -14.51 24.79 -31.97
C LEU A 998 -13.71 23.72 -31.24
N GLY A 999 -13.35 22.63 -31.93
CA GLY A 999 -12.55 21.60 -31.29
C GLY A 999 -11.19 22.12 -30.86
N ILE A 1000 -10.51 22.84 -31.75
CA ILE A 1000 -9.21 23.41 -31.40
C ILE A 1000 -9.36 24.46 -30.32
N GLY A 1001 -10.47 25.20 -30.32
CA GLY A 1001 -10.72 26.11 -29.22
C GLY A 1001 -10.77 25.39 -27.90
N SER A 1002 -11.44 24.23 -27.87
CA SER A 1002 -11.45 23.43 -26.65
C SER A 1002 -10.04 22.98 -26.28
N ALA A 1003 -9.27 22.51 -27.26
CA ALA A 1003 -7.93 22.00 -26.97
C ALA A 1003 -7.03 23.11 -26.43
N LEU A 1004 -7.06 24.29 -27.06
CA LEU A 1004 -6.25 25.40 -26.59
C LEU A 1004 -6.73 25.88 -25.22
N ALA A 1005 -8.04 25.83 -24.98
CA ALA A 1005 -8.53 26.17 -23.65
C ALA A 1005 -8.00 25.20 -22.60
N THR A 1006 -7.85 23.92 -22.97
CA THR A 1006 -7.26 22.96 -22.02
C THR A 1006 -5.77 23.19 -21.85
N LEU A 1007 -5.07 23.60 -22.90
CA LEU A 1007 -3.66 23.96 -22.75
C LEU A 1007 -3.50 25.13 -21.79
N ILE A 1008 -4.29 26.18 -21.98
CA ILE A 1008 -4.24 27.34 -21.08
C ILE A 1008 -4.64 26.93 -19.67
N GLN A 1009 -5.69 26.12 -19.56
CA GLN A 1009 -6.04 25.47 -18.30
C GLN A 1009 -4.82 24.95 -17.56
N THR A 1010 -4.08 24.03 -18.18
CA THR A 1010 -2.99 23.38 -17.47
C THR A 1010 -1.82 24.33 -17.23
N ILE A 1011 -1.58 25.26 -18.16
CA ILE A 1011 -0.52 26.24 -17.94
C ILE A 1011 -0.84 27.09 -16.72
N VAL A 1012 -2.08 27.54 -16.60
CA VAL A 1012 -2.47 28.28 -15.40
C VAL A 1012 -2.30 27.40 -14.16
N LEU A 1013 -2.80 26.17 -14.22
CA LEU A 1013 -2.73 25.28 -13.07
C LEU A 1013 -1.31 25.22 -12.52
N TRP A 1014 -0.34 24.96 -13.39
CA TRP A 1014 1.02 24.76 -12.91
C TRP A 1014 1.71 26.09 -12.65
N VAL A 1015 1.81 26.94 -13.67
CA VAL A 1015 2.64 28.13 -13.56
C VAL A 1015 2.10 29.10 -12.51
N PHE A 1016 0.78 29.13 -12.29
CA PHE A 1016 0.20 30.12 -11.39
C PHE A 1016 -0.45 29.53 -10.14
N CYS A 1017 -1.12 28.39 -10.24
CA CYS A 1017 -1.87 27.86 -9.10
C CYS A 1017 -1.03 26.87 -8.28
N THR A 1018 -0.57 25.79 -8.90
CA THR A 1018 0.08 24.73 -8.15
C THR A 1018 1.49 25.12 -7.72
N ILE A 1019 2.27 25.73 -8.60
CA ILE A 1019 3.64 26.09 -8.26
C ILE A 1019 3.65 27.23 -7.25
N HIS A 1020 2.77 28.21 -7.42
CA HIS A 1020 2.68 29.29 -6.46
C HIS A 1020 2.32 28.74 -5.08
N ALA A 1021 1.33 27.85 -5.03
CA ALA A 1021 0.96 27.26 -3.75
C ALA A 1021 2.10 26.45 -3.16
N SER A 1022 2.81 25.69 -3.98
CA SER A 1022 3.92 24.90 -3.46
C SER A 1022 5.01 25.78 -2.87
N LYS A 1023 5.35 26.86 -3.57
CA LYS A 1023 6.37 27.78 -3.05
C LYS A 1023 5.88 28.43 -1.77
N TYR A 1024 4.65 28.91 -1.76
CA TYR A 1024 4.09 29.54 -0.57
C TYR A 1024 4.16 28.60 0.63
N LEU A 1025 3.67 27.37 0.46
CA LEU A 1025 3.63 26.44 1.57
C LEU A 1025 5.03 26.04 2.02
N HIS A 1026 5.96 25.83 1.09
CA HIS A 1026 7.30 25.45 1.52
C HIS A 1026 7.98 26.59 2.28
N ASN A 1027 7.88 27.81 1.76
CA ASN A 1027 8.50 28.93 2.46
C ASN A 1027 7.85 29.12 3.83
N LEU A 1028 6.52 29.00 3.90
CA LEU A 1028 5.84 29.19 5.18
C LEU A 1028 6.26 28.12 6.18
N MET A 1029 6.28 26.86 5.74
CA MET A 1029 6.64 25.78 6.65
C MET A 1029 8.08 25.89 7.12
N THR A 1030 9.01 26.11 6.19
CA THR A 1030 10.41 26.20 6.61
C THR A 1030 10.64 27.40 7.52
N ASN A 1031 10.06 28.54 7.19
CA ASN A 1031 10.23 29.72 8.03
C ASN A 1031 9.66 29.49 9.43
N SER A 1032 8.49 28.87 9.52
CA SER A 1032 7.90 28.63 10.83
C SER A 1032 8.68 27.57 11.60
N VAL A 1033 9.22 26.56 10.92
CA VAL A 1033 9.95 25.50 11.59
C VAL A 1033 11.24 26.04 12.18
N LEU A 1034 12.01 26.78 11.38
CA LEU A 1034 13.31 27.24 11.88
C LEU A 1034 13.15 28.17 13.07
N ARG A 1035 12.11 28.98 13.07
CA ARG A 1035 11.82 29.86 14.20
C ARG A 1035 11.05 29.16 15.31
N ALA A 1036 10.84 27.85 15.20
CA ALA A 1036 10.20 27.12 16.27
C ALA A 1036 11.14 26.98 17.46
N PRO A 1037 10.62 26.99 18.68
CA PRO A 1037 11.48 26.80 19.85
C PRO A 1037 11.87 25.34 20.00
N MET A 1038 12.91 25.11 20.82
CA MET A 1038 13.43 23.77 21.00
C MET A 1038 12.40 22.80 21.54
N THR A 1039 11.35 23.31 22.19
CA THR A 1039 10.26 22.45 22.62
C THR A 1039 9.80 21.59 21.45
N PHE A 1040 9.64 22.23 20.29
CA PHE A 1040 9.18 21.51 19.10
C PHE A 1040 10.17 20.44 18.66
N PHE A 1041 11.44 20.81 18.49
CA PHE A 1041 12.42 19.88 17.96
C PHE A 1041 12.71 18.74 18.92
N GLU A 1042 12.46 18.92 20.21
CA GLU A 1042 12.68 17.85 21.17
C GLU A 1042 11.44 16.97 21.35
N THR A 1043 10.24 17.56 21.30
CA THR A 1043 9.03 16.78 21.45
C THR A 1043 8.65 16.01 20.19
N THR A 1044 9.04 16.50 19.01
CA THR A 1044 8.74 15.79 17.77
C THR A 1044 10.01 15.24 17.17
N PRO A 1045 10.04 13.98 16.73
CA PRO A 1045 11.29 13.42 16.20
C PRO A 1045 11.66 14.05 14.86
N ILE A 1046 12.97 14.12 14.62
CA ILE A 1046 13.45 14.66 13.36
C ILE A 1046 12.91 13.84 12.20
N GLY A 1047 12.64 12.55 12.41
CA GLY A 1047 12.04 11.76 11.36
C GLY A 1047 10.68 12.30 10.95
N ARG A 1048 9.81 12.56 11.92
CA ARG A 1048 8.49 13.09 11.61
C ARG A 1048 8.58 14.50 11.03
N ILE A 1049 9.53 15.30 11.52
CA ILE A 1049 9.67 16.66 10.98
C ILE A 1049 10.10 16.58 9.52
N LEU A 1050 11.13 15.79 9.25
CA LEU A 1050 11.66 15.66 7.90
C LEU A 1050 10.65 15.02 6.96
N ASN A 1051 9.74 14.20 7.50
CA ASN A 1051 8.73 13.59 6.64
C ASN A 1051 7.87 14.63 5.94
N ARG A 1052 7.56 15.74 6.61
CA ARG A 1052 6.74 16.76 5.97
C ARG A 1052 7.51 17.47 4.86
N PHE A 1053 8.82 17.70 5.06
CA PHE A 1053 9.63 18.31 4.01
C PHE A 1053 9.92 17.35 2.88
N SER A 1054 9.87 16.04 3.13
CA SER A 1054 10.21 15.06 2.10
C SER A 1054 8.99 14.63 1.31
N ASN A 1055 7.98 14.06 1.98
CA ASN A 1055 6.85 13.44 1.32
C ASN A 1055 5.66 14.38 1.18
N ASP A 1056 5.27 15.05 2.27
CA ASP A 1056 4.07 15.87 2.21
C ASP A 1056 4.25 17.05 1.26
N ILE A 1057 5.43 17.67 1.27
CA ILE A 1057 5.64 18.78 0.35
C ILE A 1057 5.68 18.28 -1.08
N TYR A 1058 6.29 17.10 -1.30
CA TYR A 1058 6.32 16.52 -2.63
C TYR A 1058 4.93 16.28 -3.17
N LYS A 1059 4.03 15.74 -2.35
CA LYS A 1059 2.67 15.50 -2.81
C LYS A 1059 2.02 16.81 -3.22
N VAL A 1060 2.14 17.85 -2.38
CA VAL A 1060 1.58 19.14 -2.75
C VAL A 1060 2.17 19.63 -4.07
N ASP A 1061 3.47 19.40 -4.28
CA ASP A 1061 4.10 19.85 -5.51
C ASP A 1061 3.51 19.14 -6.74
N ALA A 1062 3.48 17.81 -6.70
CA ALA A 1062 3.37 17.03 -7.93
C ALA A 1062 2.10 16.22 -8.09
N LEU A 1063 1.31 16.01 -7.03
CA LEU A 1063 0.13 15.16 -7.10
C LEU A 1063 -1.16 15.94 -6.83
N LEU A 1064 -1.15 16.83 -5.85
CA LEU A 1064 -2.40 17.46 -5.42
C LEU A 1064 -2.96 18.37 -6.50
N GLY A 1065 -2.09 19.16 -7.15
CA GLY A 1065 -2.56 20.02 -8.22
C GLY A 1065 -3.14 19.23 -9.37
N ARG A 1066 -2.44 18.18 -9.78
CA ARG A 1066 -2.92 17.30 -10.85
C ARG A 1066 -4.27 16.71 -10.49
N THR A 1067 -4.43 16.28 -9.23
CA THR A 1067 -5.66 15.62 -8.83
C THR A 1067 -6.83 16.59 -8.79
N PHE A 1068 -6.60 17.80 -8.29
CA PHE A 1068 -7.65 18.82 -8.36
C PHE A 1068 -8.01 19.14 -9.80
N SER A 1069 -7.00 19.19 -10.68
CA SER A 1069 -7.27 19.45 -12.09
C SER A 1069 -8.19 18.39 -12.67
N GLN A 1070 -7.87 17.11 -12.43
CA GLN A 1070 -8.70 16.05 -12.96
C GLN A 1070 -10.09 16.06 -12.35
N PHE A 1071 -10.18 16.30 -11.03
CA PHE A 1071 -11.48 16.38 -10.38
C PHE A 1071 -12.35 17.45 -11.04
N PHE A 1072 -11.82 18.66 -11.18
CA PHE A 1072 -12.63 19.73 -11.75
C PHE A 1072 -12.92 19.49 -13.22
N VAL A 1073 -11.99 18.89 -13.96
CA VAL A 1073 -12.26 18.55 -15.36
C VAL A 1073 -13.48 17.64 -15.44
N ASN A 1074 -13.48 16.56 -14.66
CA ASN A 1074 -14.57 15.60 -14.75
C ASN A 1074 -15.86 16.16 -14.17
N ALA A 1075 -15.78 16.98 -13.12
CA ALA A 1075 -16.98 17.57 -12.56
C ALA A 1075 -17.64 18.53 -13.53
N VAL A 1076 -16.85 19.38 -14.19
CA VAL A 1076 -17.40 20.28 -15.19
C VAL A 1076 -17.94 19.49 -16.38
N LYS A 1077 -17.24 18.43 -16.78
CA LYS A 1077 -17.75 17.62 -17.89
C LYS A 1077 -19.09 17.01 -17.54
N VAL A 1078 -19.25 16.52 -16.31
CA VAL A 1078 -20.54 15.97 -15.90
C VAL A 1078 -21.60 17.06 -15.85
N THR A 1079 -21.23 18.24 -15.37
CA THR A 1079 -22.21 19.33 -15.33
C THR A 1079 -22.69 19.69 -16.73
N PHE A 1080 -21.78 19.73 -17.70
CA PHE A 1080 -22.17 20.07 -19.06
C PHE A 1080 -22.91 18.92 -19.74
N THR A 1081 -22.55 17.67 -19.41
CA THR A 1081 -23.33 16.53 -19.89
C THR A 1081 -24.78 16.62 -19.40
N ILE A 1082 -24.97 16.91 -18.12
CA ILE A 1082 -26.31 17.06 -17.58
C ILE A 1082 -27.00 18.26 -18.22
N THR A 1083 -26.26 19.33 -18.47
CA THR A 1083 -26.83 20.49 -19.12
C THR A 1083 -27.33 20.16 -20.51
N VAL A 1084 -26.54 19.42 -21.29
CA VAL A 1084 -26.96 19.03 -22.64
C VAL A 1084 -28.19 18.13 -22.58
N ILE A 1085 -28.18 17.15 -21.67
CA ILE A 1085 -29.31 16.23 -21.59
C ILE A 1085 -30.58 16.98 -21.19
N CYS A 1086 -30.48 17.88 -20.21
CA CYS A 1086 -31.64 18.64 -19.79
C CYS A 1086 -32.10 19.62 -20.87
N ALA A 1087 -31.17 20.23 -21.60
CA ALA A 1087 -31.56 21.10 -22.70
C ALA A 1087 -32.31 20.33 -23.77
N THR A 1088 -31.92 19.08 -24.02
CA THR A 1088 -32.67 18.26 -24.96
C THR A 1088 -34.03 17.85 -24.39
N THR A 1089 -34.07 17.52 -23.10
CA THR A 1089 -35.32 17.12 -22.44
C THR A 1089 -35.28 17.70 -21.03
N TRP A 1090 -35.99 18.81 -20.81
CA TRP A 1090 -35.89 19.49 -19.53
C TRP A 1090 -36.39 18.63 -18.38
N GLN A 1091 -37.27 17.67 -18.65
CA GLN A 1091 -37.77 16.81 -17.58
C GLN A 1091 -36.70 15.91 -17.01
N PHE A 1092 -35.53 15.83 -17.65
CA PHE A 1092 -34.44 15.03 -17.11
C PHE A 1092 -33.99 15.51 -15.74
N ILE A 1093 -34.35 16.75 -15.36
CA ILE A 1093 -34.00 17.26 -14.03
C ILE A 1093 -34.51 16.33 -12.96
N PHE A 1094 -35.76 15.85 -13.12
CA PHE A 1094 -36.38 15.01 -12.10
C PHE A 1094 -35.72 13.65 -12.02
N ILE A 1095 -34.96 13.26 -13.03
CA ILE A 1095 -34.21 12.01 -12.97
C ILE A 1095 -32.81 12.23 -12.40
N ILE A 1096 -32.16 13.33 -12.78
CA ILE A 1096 -30.81 13.56 -12.31
C ILE A 1096 -30.78 13.98 -10.84
N ILE A 1097 -31.87 14.53 -10.31
CA ILE A 1097 -31.86 14.93 -8.90
C ILE A 1097 -31.84 13.69 -8.01
N PRO A 1098 -32.79 12.75 -8.14
CA PRO A 1098 -32.68 11.51 -7.35
C PRO A 1098 -31.38 10.76 -7.60
N LEU A 1099 -30.96 10.68 -8.85
CA LEU A 1099 -29.68 10.04 -9.14
C LEU A 1099 -28.52 10.84 -8.59
N SER A 1100 -28.66 12.16 -8.48
CA SER A 1100 -27.63 12.94 -7.79
C SER A 1100 -27.56 12.54 -6.33
N VAL A 1101 -28.70 12.36 -5.68
CA VAL A 1101 -28.71 11.95 -4.28
C VAL A 1101 -28.02 10.59 -4.12
N PHE A 1102 -28.38 9.63 -4.97
CA PHE A 1102 -27.76 8.31 -4.89
C PHE A 1102 -26.27 8.38 -5.19
N TYR A 1103 -25.88 9.18 -6.17
CA TYR A 1103 -24.47 9.31 -6.52
C TYR A 1103 -23.68 9.85 -5.35
N ILE A 1104 -24.15 10.91 -4.72
CA ILE A 1104 -23.43 11.47 -3.58
C ILE A 1104 -23.39 10.47 -2.44
N TYR A 1105 -24.48 9.73 -2.22
CA TYR A 1105 -24.52 8.73 -1.17
C TYR A 1105 -23.45 7.68 -1.37
N TYR A 1106 -23.42 7.05 -2.56
CA TYR A 1106 -22.40 6.04 -2.83
C TYR A 1106 -21.01 6.65 -2.84
N GLN A 1107 -20.86 7.86 -3.36
CA GLN A 1107 -19.54 8.47 -3.42
C GLN A 1107 -18.98 8.70 -2.02
N GLN A 1108 -19.83 9.15 -1.08
CA GLN A 1108 -19.36 9.37 0.28
C GLN A 1108 -19.02 8.05 0.96
N TYR A 1109 -19.90 7.04 0.81
CA TYR A 1109 -19.60 5.74 1.40
C TYR A 1109 -18.28 5.20 0.88
N TYR A 1110 -18.05 5.31 -0.42
CA TYR A 1110 -16.79 4.83 -0.99
C TYR A 1110 -15.62 5.69 -0.52
N LEU A 1111 -15.77 7.01 -0.52
CA LEU A 1111 -14.67 7.87 -0.15
C LEU A 1111 -14.15 7.52 1.23
N ARG A 1112 -15.06 7.25 2.17
CA ARG A 1112 -14.59 6.88 3.51
C ARG A 1112 -14.10 5.43 3.57
N THR A 1113 -14.96 4.49 3.20
CA THR A 1113 -14.63 3.08 3.43
C THR A 1113 -13.46 2.62 2.57
N SER A 1114 -13.31 3.14 1.35
CA SER A 1114 -12.19 2.73 0.51
C SER A 1114 -10.86 3.21 1.10
N ARG A 1115 -10.83 4.42 1.64
CA ARG A 1115 -9.61 4.86 2.32
C ARG A 1115 -9.31 3.96 3.51
N GLU A 1116 -10.35 3.63 4.30
CA GLU A 1116 -10.13 2.72 5.43
C GLU A 1116 -9.58 1.37 4.96
N LEU A 1117 -10.19 0.79 3.94
CA LEU A 1117 -9.82 -0.55 3.51
C LEU A 1117 -8.44 -0.57 2.86
N ARG A 1118 -8.11 0.44 2.06
CA ARG A 1118 -6.76 0.49 1.50
C ARG A 1118 -5.73 0.69 2.60
N ARG A 1119 -6.07 1.48 3.63
CA ARG A 1119 -5.15 1.61 4.76
C ARG A 1119 -4.91 0.25 5.40
N LEU A 1120 -5.98 -0.48 5.70
CA LEU A 1120 -5.82 -1.79 6.32
C LEU A 1120 -5.03 -2.73 5.42
N ASP A 1121 -5.30 -2.69 4.12
CA ASP A 1121 -4.58 -3.55 3.18
C ASP A 1121 -3.09 -3.27 3.22
N SER A 1122 -2.71 -2.00 3.09
CA SER A 1122 -1.29 -1.66 3.06
C SER A 1122 -0.63 -1.95 4.40
N ILE A 1123 -1.35 -1.71 5.51
CA ILE A 1123 -0.80 -2.02 6.82
C ILE A 1123 -0.51 -3.51 6.95
N THR A 1124 -1.46 -4.36 6.54
CA THR A 1124 -1.31 -5.79 6.69
C THR A 1124 -0.44 -6.41 5.59
N ARG A 1125 -0.09 -5.65 4.56
CA ARG A 1125 0.73 -6.19 3.49
C ARG A 1125 2.18 -6.39 3.95
N SER A 1126 2.75 -5.38 4.61
CA SER A 1126 4.16 -5.45 4.98
C SER A 1126 4.50 -6.60 5.92
N PRO A 1127 3.70 -6.91 6.95
CA PRO A 1127 4.07 -7.99 7.87
C PRO A 1127 4.41 -9.31 7.18
N ILE A 1128 3.86 -9.55 6.00
CA ILE A 1128 4.22 -10.75 5.26
C ILE A 1128 5.70 -10.72 4.90
N TYR A 1129 6.15 -9.61 4.31
CA TYR A 1129 7.52 -9.53 3.83
C TYR A 1129 8.49 -9.42 4.98
N SER A 1130 8.15 -8.64 6.01
CA SER A 1130 9.02 -8.55 7.17
C SER A 1130 9.15 -9.90 7.86
N HIS A 1131 8.04 -10.63 7.99
CA HIS A 1131 8.11 -11.97 8.59
C HIS A 1131 8.96 -12.91 7.73
N PHE A 1132 8.79 -12.85 6.41
CA PHE A 1132 9.57 -13.74 5.55
C PHE A 1132 11.06 -13.43 5.67
N GLN A 1133 11.41 -12.14 5.70
CA GLN A 1133 12.81 -11.77 5.88
C GLN A 1133 13.35 -12.23 7.23
N GLU A 1134 12.54 -12.07 8.28
CA GLU A 1134 12.94 -12.57 9.60
C GLU A 1134 13.22 -14.06 9.55
N THR A 1135 12.32 -14.83 8.93
CA THR A 1135 12.52 -16.27 8.82
C THR A 1135 13.76 -16.59 8.02
N LEU A 1136 14.00 -15.87 6.93
CA LEU A 1136 15.22 -16.10 6.17
C LEU A 1136 16.45 -15.85 7.03
N GLY A 1137 16.38 -14.86 7.93
CA GLY A 1137 17.47 -14.66 8.87
C GLY A 1137 17.64 -15.83 9.81
N GLY A 1138 16.53 -16.30 10.39
CA GLY A 1138 16.53 -17.40 11.33
C GLY A 1138 16.41 -18.77 10.73
N LEU A 1139 16.60 -18.89 9.41
CA LEU A 1139 16.25 -20.13 8.72
C LEU A 1139 16.91 -21.34 9.36
N ALA A 1140 18.13 -21.18 9.86
CA ALA A 1140 18.83 -22.31 10.46
C ALA A 1140 18.17 -22.75 11.77
N THR A 1141 17.80 -21.79 12.63
CA THR A 1141 17.23 -22.15 13.92
C THR A 1141 15.80 -22.64 13.76
N VAL A 1142 15.06 -22.10 12.79
CA VAL A 1142 13.71 -22.59 12.52
C VAL A 1142 13.74 -24.09 12.25
N ARG A 1143 14.68 -24.53 11.42
CA ARG A 1143 14.87 -25.96 11.21
C ARG A 1143 15.40 -26.62 12.48
N GLY A 1144 16.29 -25.94 13.20
CA GLY A 1144 16.90 -26.54 14.37
C GLY A 1144 15.87 -26.96 15.41
N TYR A 1145 15.00 -26.03 15.80
CA TYR A 1145 13.91 -26.36 16.70
C TYR A 1145 12.84 -27.20 16.03
N SER A 1146 12.92 -27.36 14.71
CA SER A 1146 11.99 -28.21 13.97
C SER A 1146 10.54 -27.77 14.18
N GLN A 1147 10.32 -26.46 14.11
CA GLN A 1147 8.98 -25.89 14.14
C GLN A 1147 8.71 -25.10 12.87
N GLN A 1148 9.17 -25.69 11.76
CA GLN A 1148 8.82 -25.20 10.44
C GLN A 1148 7.32 -25.09 10.29
N LYS A 1149 6.58 -26.01 10.91
CA LYS A 1149 5.12 -25.93 10.85
C LYS A 1149 4.63 -24.64 11.49
N ARG A 1150 5.16 -24.26 12.64
CA ARG A 1150 4.69 -23.03 13.28
C ARG A 1150 5.04 -21.82 12.43
N PHE A 1151 6.26 -21.74 11.93
CA PHE A 1151 6.63 -20.56 11.14
C PHE A 1151 5.82 -20.49 9.85
N SER A 1152 5.63 -21.62 9.18
CA SER A 1152 4.82 -21.61 7.96
C SER A 1152 3.38 -21.21 8.27
N HIS A 1153 2.85 -21.68 9.40
CA HIS A 1153 1.50 -21.30 9.78
C HIS A 1153 1.41 -19.80 10.05
N ILE A 1154 2.42 -19.24 10.70
CA ILE A 1154 2.44 -17.79 10.92
C ILE A 1154 2.45 -17.06 9.58
N ASN A 1155 3.23 -17.55 8.63
CA ASN A 1155 3.24 -16.93 7.30
C ASN A 1155 1.86 -17.00 6.66
N GLN A 1156 1.20 -18.15 6.76
CA GLN A 1156 -0.12 -18.28 6.15
C GLN A 1156 -1.12 -17.37 6.83
N CYS A 1157 -0.98 -17.17 8.14
CA CYS A 1157 -1.85 -16.22 8.84
C CYS A 1157 -1.57 -14.79 8.38
N ARG A 1158 -0.31 -14.44 8.15
CA ARG A 1158 -0.02 -13.12 7.59
C ARG A 1158 -0.69 -12.95 6.24
N ILE A 1159 -0.57 -13.97 5.38
CA ILE A 1159 -1.14 -13.89 4.04
C ILE A 1159 -2.67 -13.77 4.13
N ASP A 1160 -3.28 -14.57 5.01
CA ASP A 1160 -4.73 -14.54 5.15
C ASP A 1160 -5.20 -13.20 5.70
N ASN A 1161 -4.45 -12.59 6.61
CA ASN A 1161 -4.84 -11.27 7.09
C ASN A 1161 -4.74 -10.23 5.97
N ASN A 1162 -3.69 -10.31 5.16
CA ASN A 1162 -3.57 -9.38 4.06
C ASN A 1162 -4.73 -9.54 3.09
N MET A 1163 -5.10 -10.78 2.77
CA MET A 1163 -6.26 -11.00 1.90
C MET A 1163 -7.56 -10.59 2.57
N SER A 1164 -7.67 -10.78 3.89
CA SER A 1164 -8.86 -10.36 4.60
C SER A 1164 -9.05 -8.86 4.48
N ALA A 1165 -7.96 -8.11 4.39
CA ALA A 1165 -8.06 -6.66 4.19
C ALA A 1165 -8.18 -6.29 2.71
N PHE A 1166 -7.56 -7.06 1.83
CA PHE A 1166 -7.52 -6.73 0.41
C PHE A 1166 -8.84 -7.06 -0.28
N TYR A 1167 -9.43 -8.20 0.04
CA TYR A 1167 -10.64 -8.64 -0.65
C TYR A 1167 -11.74 -7.59 -0.52
N PRO A 1168 -12.05 -7.06 0.66
CA PRO A 1168 -12.92 -5.89 0.71
C PRO A 1168 -12.39 -4.69 -0.05
N SER A 1169 -11.07 -4.48 -0.06
CA SER A 1169 -10.53 -3.29 -0.71
C SER A 1169 -10.98 -3.19 -2.16
N ILE A 1170 -10.90 -4.29 -2.90
CA ILE A 1170 -11.25 -4.26 -4.31
C ILE A 1170 -12.72 -4.60 -4.54
N ASN A 1171 -13.33 -5.38 -3.65
CA ASN A 1171 -14.77 -5.57 -3.78
C ASN A 1171 -15.52 -4.28 -3.51
N ALA A 1172 -14.91 -3.33 -2.80
CA ALA A 1172 -15.50 -2.00 -2.71
C ALA A 1172 -15.43 -1.27 -4.04
N ASN A 1173 -14.36 -1.47 -4.80
CA ASN A 1173 -14.32 -0.91 -6.15
C ASN A 1173 -15.40 -1.52 -7.01
N ARG A 1174 -15.63 -2.82 -6.88
CA ARG A 1174 -16.73 -3.45 -7.60
C ARG A 1174 -18.08 -2.88 -7.17
N TRP A 1175 -18.28 -2.72 -5.86
CA TRP A 1175 -19.52 -2.16 -5.34
C TRP A 1175 -19.77 -0.77 -5.92
N LEU A 1176 -18.78 0.11 -5.81
CA LEU A 1176 -18.91 1.46 -6.35
C LEU A 1176 -19.17 1.43 -7.84
N ALA A 1177 -18.37 0.66 -8.58
CA ALA A 1177 -18.48 0.66 -10.03
C ALA A 1177 -19.83 0.15 -10.48
N TYR A 1178 -20.35 -0.89 -9.84
CA TYR A 1178 -21.68 -1.35 -10.17
C TYR A 1178 -22.72 -0.27 -9.91
N ARG A 1179 -22.63 0.40 -8.75
CA ARG A 1179 -23.59 1.45 -8.47
C ARG A 1179 -23.52 2.56 -9.52
N LEU A 1180 -22.31 2.98 -9.87
CA LEU A 1180 -22.15 4.10 -10.80
C LEU A 1180 -22.55 3.72 -12.22
N GLU A 1181 -22.30 2.49 -12.63
CA GLU A 1181 -22.71 2.08 -13.97
C GLU A 1181 -24.21 1.85 -14.03
N LEU A 1182 -24.82 1.43 -12.92
CA LEU A 1182 -26.27 1.37 -12.85
C LEU A 1182 -26.86 2.77 -12.97
N ILE A 1183 -26.27 3.73 -12.27
CA ILE A 1183 -26.71 5.13 -12.38
C ILE A 1183 -26.54 5.62 -13.81
N GLY A 1184 -25.41 5.30 -14.44
CA GLY A 1184 -25.20 5.71 -15.81
C GLY A 1184 -26.21 5.11 -16.77
N SER A 1185 -26.53 3.84 -16.59
CA SER A 1185 -27.52 3.21 -17.46
C SER A 1185 -28.92 3.75 -17.20
N ILE A 1186 -29.24 4.11 -15.95
CA ILE A 1186 -30.53 4.74 -15.69
C ILE A 1186 -30.56 6.14 -16.29
N ILE A 1187 -29.41 6.83 -16.32
CA ILE A 1187 -29.34 8.12 -16.99
C ILE A 1187 -29.57 7.96 -18.48
N ILE A 1188 -28.99 6.92 -19.08
CA ILE A 1188 -29.25 6.67 -20.50
C ILE A 1188 -30.72 6.36 -20.73
N LEU A 1189 -31.32 5.55 -19.85
CA LEU A 1189 -32.74 5.26 -19.97
C LEU A 1189 -33.57 6.53 -19.85
N GLY A 1190 -33.27 7.39 -18.89
CA GLY A 1190 -34.02 8.61 -18.72
C GLY A 1190 -33.90 9.51 -19.93
N ALA A 1191 -32.67 9.73 -20.40
CA ALA A 1191 -32.48 10.58 -21.56
C ALA A 1191 -33.20 10.02 -22.77
N ALA A 1192 -33.09 8.71 -23.01
CA ALA A 1192 -33.69 8.12 -24.19
C ALA A 1192 -35.21 8.15 -24.13
N THR A 1193 -35.79 7.72 -23.00
CA THR A 1193 -37.24 7.69 -22.90
C THR A 1193 -37.84 9.10 -22.89
N LEU A 1194 -37.20 10.05 -22.24
CA LEU A 1194 -37.70 11.42 -22.29
C LEU A 1194 -37.58 12.00 -23.69
N SER A 1195 -36.51 11.66 -24.42
CA SER A 1195 -36.41 12.11 -25.80
C SER A 1195 -37.49 11.49 -26.66
N VAL A 1196 -37.82 10.22 -26.44
CA VAL A 1196 -38.90 9.61 -27.21
C VAL A 1196 -40.25 10.21 -26.84
N PHE A 1197 -40.44 10.61 -25.57
CA PHE A 1197 -41.66 11.35 -25.25
C PHE A 1197 -41.69 12.69 -25.98
N ARG A 1198 -40.56 13.39 -26.03
CA ARG A 1198 -40.50 14.63 -26.79
C ARG A 1198 -40.78 14.39 -28.26
N LEU A 1199 -40.39 13.22 -28.77
CA LEU A 1199 -40.73 12.85 -30.14
C LEU A 1199 -42.23 12.65 -30.30
N LYS A 1200 -42.83 11.91 -29.36
CA LYS A 1200 -44.27 11.73 -29.37
C LYS A 1200 -44.99 13.07 -29.39
N GLN A 1201 -44.47 14.04 -28.65
CA GLN A 1201 -45.00 15.39 -28.68
C GLN A 1201 -44.68 16.12 -29.98
N GLY A 1202 -43.98 15.48 -30.91
CA GLY A 1202 -43.78 16.07 -32.21
C GLY A 1202 -42.77 17.20 -32.26
N THR A 1203 -41.83 17.25 -31.32
CA THR A 1203 -40.88 18.35 -31.26
C THR A 1203 -39.46 17.87 -31.00
N LEU A 1204 -39.12 16.67 -31.46
CA LEU A 1204 -37.76 16.15 -31.37
C LEU A 1204 -37.21 15.90 -32.76
N THR A 1205 -35.98 16.34 -32.99
CA THR A 1205 -35.23 16.03 -34.19
C THR A 1205 -34.22 14.93 -33.89
N ALA A 1206 -33.75 14.28 -34.95
CA ALA A 1206 -32.79 13.19 -34.78
C ALA A 1206 -31.49 13.68 -34.15
N GLY A 1207 -31.05 14.89 -34.50
CA GLY A 1207 -29.80 15.39 -33.97
C GLY A 1207 -29.85 15.67 -32.49
N MET A 1208 -31.01 16.09 -31.96
CA MET A 1208 -31.10 16.35 -30.54
C MET A 1208 -30.89 15.06 -29.73
N VAL A 1209 -31.55 13.98 -30.15
CA VAL A 1209 -31.35 12.71 -29.47
C VAL A 1209 -29.94 12.19 -29.70
N GLY A 1210 -29.40 12.38 -30.89
CA GLY A 1210 -28.04 11.94 -31.13
C GLY A 1210 -27.06 12.59 -30.18
N LEU A 1211 -27.15 13.91 -30.03
CA LEU A 1211 -26.25 14.63 -29.13
C LEU A 1211 -26.49 14.23 -27.68
N SER A 1212 -27.76 14.27 -27.24
CA SER A 1212 -28.07 13.95 -25.86
C SER A 1212 -27.53 12.59 -25.47
N LEU A 1213 -27.70 11.59 -26.34
CA LEU A 1213 -27.25 10.25 -25.99
C LEU A 1213 -25.77 10.05 -26.23
N SER A 1214 -25.16 10.75 -27.19
CA SER A 1214 -23.71 10.75 -27.27
C SER A 1214 -23.11 11.15 -25.94
N TYR A 1215 -23.75 12.08 -25.23
CA TYR A 1215 -23.24 12.48 -23.92
C TYR A 1215 -23.66 11.51 -22.81
N ALA A 1216 -24.91 11.04 -22.86
CA ALA A 1216 -25.41 10.15 -21.82
C ALA A 1216 -24.63 8.84 -21.79
N LEU A 1217 -24.13 8.38 -22.94
CA LEU A 1217 -23.36 7.14 -22.94
C LEU A 1217 -22.04 7.31 -22.21
N GLN A 1218 -21.39 8.47 -22.36
CA GLN A 1218 -20.10 8.70 -21.74
C GLN A 1218 -20.19 9.15 -20.29
N ILE A 1219 -21.37 9.58 -19.82
CA ILE A 1219 -21.44 10.11 -18.45
C ILE A 1219 -20.96 9.08 -17.43
N THR A 1220 -21.19 7.79 -17.70
CA THR A 1220 -20.86 6.77 -16.71
C THR A 1220 -19.36 6.67 -16.45
N GLN A 1221 -18.52 7.05 -17.41
CA GLN A 1221 -17.08 7.08 -17.18
C GLN A 1221 -16.68 8.27 -16.33
N THR A 1222 -17.28 9.43 -16.60
CA THR A 1222 -16.95 10.61 -15.81
C THR A 1222 -17.41 10.45 -14.37
N LEU A 1223 -18.47 9.67 -14.13
CA LEU A 1223 -18.88 9.46 -12.75
C LEU A 1223 -17.79 8.73 -11.96
N ASN A 1224 -17.24 7.66 -12.55
CA ASN A 1224 -16.16 6.94 -11.89
C ASN A 1224 -14.94 7.83 -11.74
N TRP A 1225 -14.64 8.63 -12.77
CA TRP A 1225 -13.53 9.57 -12.64
C TRP A 1225 -13.73 10.52 -11.47
N ILE A 1226 -14.92 11.09 -11.33
CA ILE A 1226 -15.16 12.02 -10.24
C ILE A 1226 -14.99 11.34 -8.90
N VAL A 1227 -15.53 10.13 -8.74
CA VAL A 1227 -15.41 9.45 -7.46
C VAL A 1227 -13.94 9.17 -7.15
N ARG A 1228 -13.22 8.60 -8.11
CA ARG A 1228 -11.80 8.30 -7.89
C ARG A 1228 -11.02 9.56 -7.55
N MET A 1229 -11.32 10.67 -8.23
CA MET A 1229 -10.56 11.88 -7.98
C MET A 1229 -10.92 12.53 -6.65
N THR A 1230 -12.17 12.40 -6.20
CA THR A 1230 -12.46 12.82 -4.84
C THR A 1230 -11.66 11.99 -3.84
N VAL A 1231 -11.55 10.69 -4.09
CA VAL A 1231 -10.76 9.84 -3.21
C VAL A 1231 -9.31 10.32 -3.18
N GLU A 1232 -8.73 10.53 -4.35
CA GLU A 1232 -7.32 10.91 -4.42
C GLU A 1232 -7.07 12.31 -3.86
N VAL A 1233 -8.01 13.24 -4.08
CA VAL A 1233 -7.90 14.56 -3.48
C VAL A 1233 -7.94 14.46 -1.96
N GLU A 1234 -8.85 13.64 -1.43
CA GLU A 1234 -8.91 13.49 0.02
C GLU A 1234 -7.64 12.85 0.57
N THR A 1235 -7.02 11.93 -0.18
CA THR A 1235 -5.77 11.33 0.30
C THR A 1235 -4.62 12.32 0.22
N ASN A 1236 -4.62 13.24 -0.76
CA ASN A 1236 -3.49 14.14 -0.91
C ASN A 1236 -3.62 15.38 -0.03
N ILE A 1237 -4.84 15.87 0.19
CA ILE A 1237 -5.01 17.16 0.86
C ILE A 1237 -4.54 17.09 2.31
N VAL A 1238 -4.52 15.89 2.89
CA VAL A 1238 -3.90 15.76 4.21
C VAL A 1238 -2.46 16.20 4.15
N SER A 1239 -1.85 16.21 2.96
CA SER A 1239 -0.52 16.79 2.83
C SER A 1239 -0.54 18.27 3.19
N VAL A 1240 -1.51 19.02 2.67
CA VAL A 1240 -1.61 20.43 3.02
C VAL A 1240 -1.95 20.58 4.48
N GLU A 1241 -2.76 19.68 5.03
CA GLU A 1241 -3.05 19.72 6.46
C GLU A 1241 -1.78 19.56 7.28
N ARG A 1242 -0.97 18.56 6.94
CA ARG A 1242 0.26 18.26 7.66
C ARG A 1242 1.27 19.37 7.51
N ILE A 1243 1.29 20.03 6.35
CA ILE A 1243 2.18 21.17 6.15
C ILE A 1243 1.70 22.36 6.99
N LYS A 1244 0.39 22.62 6.99
CA LYS A 1244 -0.13 23.75 7.72
C LYS A 1244 0.10 23.60 9.22
N GLU A 1245 -0.01 22.38 9.74
CA GLU A 1245 0.18 22.21 11.17
C GLU A 1245 1.60 22.54 11.63
N TYR A 1246 2.57 22.56 10.73
CA TYR A 1246 3.88 23.10 11.06
C TYR A 1246 4.01 24.57 10.68
N ALA A 1247 3.40 24.98 9.57
CA ALA A 1247 3.55 26.37 9.14
C ALA A 1247 2.99 27.34 10.16
N ASP A 1248 2.14 26.88 11.07
CA ASP A 1248 1.57 27.73 12.12
C ASP A 1248 2.16 27.43 13.49
N LEU A 1249 3.30 26.73 13.53
CA LEU A 1249 3.95 26.41 14.80
C LEU A 1249 4.13 27.65 15.65
N LYS A 1250 4.01 27.49 16.97
CA LYS A 1250 4.33 28.56 17.89
C LYS A 1250 5.81 28.92 17.73
N SER A 1251 6.08 30.18 17.39
CA SER A 1251 7.44 30.63 17.16
C SER A 1251 8.05 31.14 18.46
N GLU A 1252 9.38 31.06 18.53
CA GLU A 1252 10.11 31.61 19.65
C GLU A 1252 10.13 33.13 19.57
N ALA A 1253 10.73 33.76 20.59
CA ALA A 1253 10.66 35.20 20.76
C ALA A 1253 11.05 35.95 19.50
N PRO A 1254 10.64 37.20 19.35
CA PRO A 1254 10.92 37.94 18.11
C PRO A 1254 12.41 37.95 17.77
N LEU A 1255 12.69 37.75 16.47
CA LEU A 1255 14.07 37.56 16.05
C LEU A 1255 14.88 38.85 16.18
N ILE A 1256 14.30 39.98 15.78
CA ILE A 1256 14.99 41.28 15.80
C ILE A 1256 14.08 42.30 16.45
N VAL A 1257 14.66 43.18 17.26
CA VAL A 1257 13.90 44.17 18.02
C VAL A 1257 14.61 45.52 17.91
N GLU A 1258 13.86 46.58 18.20
CA GLU A 1258 14.38 47.95 18.10
C GLU A 1258 15.66 48.17 18.89
N GLY A 1259 15.99 47.28 19.83
CA GLY A 1259 17.17 47.47 20.64
C GLY A 1259 18.45 47.07 19.94
N HIS A 1260 18.60 47.49 18.68
CA HIS A 1260 19.75 47.08 17.88
C HIS A 1260 21.06 47.39 18.62
N ARG A 1261 22.03 46.49 18.44
CA ARG A 1261 23.28 46.54 19.20
C ARG A 1261 24.22 47.58 18.61
N PRO A 1262 24.84 48.42 19.45
CA PRO A 1262 25.83 49.38 18.93
C PRO A 1262 27.08 48.68 18.39
N PRO A 1263 27.66 47.71 19.13
CA PRO A 1263 28.89 47.10 18.60
C PRO A 1263 28.70 46.45 17.23
N GLY A 1270 32.11 43.11 28.66
CA GLY A 1270 31.88 41.68 28.50
C GLY A 1270 31.35 41.01 29.76
N ASP A 1271 30.83 41.83 30.69
CA ASP A 1271 30.32 41.31 31.94
C ASP A 1271 28.97 40.62 31.74
N ILE A 1272 28.70 39.63 32.61
CA ILE A 1272 27.42 38.94 32.65
C ILE A 1272 26.88 39.07 34.06
N LYS A 1273 25.59 39.39 34.18
CA LYS A 1273 24.93 39.45 35.48
C LYS A 1273 23.55 38.82 35.38
N PHE A 1274 23.21 37.99 36.36
CA PHE A 1274 21.89 37.41 36.50
C PHE A 1274 21.13 38.12 37.61
N ASN A 1275 19.81 38.23 37.44
CA ASN A 1275 18.95 38.91 38.40
C ASN A 1275 17.76 38.01 38.70
N ASN A 1276 17.86 37.23 39.78
CA ASN A 1276 16.77 36.37 40.22
C ASN A 1276 16.28 35.47 39.08
N TYR A 1277 17.19 35.13 38.18
CA TYR A 1277 16.81 34.43 36.96
C TYR A 1277 16.45 32.97 37.24
N SER A 1278 15.40 32.49 36.58
CA SER A 1278 15.05 31.08 36.62
C SER A 1278 14.42 30.70 35.29
N THR A 1279 14.49 29.41 34.97
CA THR A 1279 14.00 28.93 33.68
C THR A 1279 13.69 27.45 33.79
N ARG A 1280 13.03 26.93 32.75
CA ARG A 1280 12.70 25.52 32.64
C ARG A 1280 13.32 24.94 31.38
N TYR A 1281 13.73 23.68 31.47
CA TYR A 1281 14.12 22.95 30.27
C TYR A 1281 12.93 22.76 29.33
N ARG A 1282 11.72 22.86 29.86
CA ARG A 1282 10.49 22.81 29.08
C ARG A 1282 9.45 23.63 29.82
N PRO A 1283 8.56 24.32 29.12
CA PRO A 1283 7.49 25.04 29.82
C PRO A 1283 6.67 24.16 30.75
N GLU A 1284 6.52 22.87 30.42
CA GLU A 1284 5.72 21.97 31.26
C GLU A 1284 6.50 21.40 32.44
N LEU A 1285 7.83 21.39 32.40
CA LEU A 1285 8.60 20.87 33.50
C LEU A 1285 8.79 21.93 34.58
N ASP A 1286 9.26 21.47 35.74
CA ASP A 1286 9.51 22.35 36.87
C ASP A 1286 10.80 23.13 36.65
N LEU A 1287 11.05 24.08 37.55
CA LEU A 1287 12.18 25.00 37.43
C LEU A 1287 13.46 24.22 37.64
N VAL A 1288 14.13 23.84 36.54
CA VAL A 1288 15.42 23.16 36.63
C VAL A 1288 16.55 24.11 36.99
N LEU A 1289 16.31 25.42 36.96
CA LEU A 1289 17.32 26.41 37.25
C LEU A 1289 16.64 27.57 37.97
N LYS A 1290 17.11 27.88 39.18
CA LYS A 1290 16.34 28.72 40.10
C LYS A 1290 17.20 29.84 40.66
N HIS A 1291 16.66 31.06 40.62
CA HIS A 1291 17.13 32.16 41.45
C HIS A 1291 18.64 32.34 41.42
N ILE A 1292 19.21 32.35 40.21
CA ILE A 1292 20.62 32.68 40.06
C ILE A 1292 20.79 34.19 40.02
N ASN A 1293 21.87 34.67 40.66
CA ASN A 1293 22.20 36.10 40.67
C ASN A 1293 23.66 36.36 40.39
N ILE A 1294 24.37 35.40 39.78
CA ILE A 1294 25.81 35.52 39.63
C ILE A 1294 26.17 36.75 38.81
N HIS A 1295 27.26 37.39 39.19
CA HIS A 1295 27.87 38.48 38.41
C HIS A 1295 29.23 38.04 37.94
N ILE A 1296 29.48 38.18 36.64
CA ILE A 1296 30.73 37.71 36.01
C ILE A 1296 31.40 38.93 35.38
N LYS A 1297 32.70 39.10 35.69
CA LYS A 1297 33.44 40.28 35.28
C LYS A 1297 34.02 40.12 33.87
N PRO A 1298 34.34 41.22 33.20
CA PRO A 1298 34.48 41.19 31.73
C PRO A 1298 35.44 40.14 31.18
N ASN A 1299 36.58 39.92 31.83
CA ASN A 1299 37.56 38.95 31.36
C ASN A 1299 37.51 37.66 32.15
N GLU A 1300 36.53 37.51 33.02
CA GLU A 1300 36.50 36.41 33.98
C GLU A 1300 36.29 35.08 33.28
N LYS A 1301 37.05 34.07 33.71
CA LYS A 1301 36.80 32.69 33.31
C LYS A 1301 35.98 32.02 34.40
N VAL A 1302 34.85 31.43 34.03
CA VAL A 1302 33.94 30.81 34.97
C VAL A 1302 33.77 29.34 34.59
N GLY A 1303 34.12 28.46 35.51
CA GLY A 1303 33.81 27.05 35.38
C GLY A 1303 32.48 26.72 36.04
N ILE A 1304 31.71 25.86 35.39
CA ILE A 1304 30.42 25.42 35.90
C ILE A 1304 30.49 23.93 36.16
N VAL A 1305 30.06 23.52 37.37
CA VAL A 1305 30.04 22.12 37.77
C VAL A 1305 28.68 21.84 38.41
N GLY A 1306 28.30 20.57 38.41
CA GLY A 1306 27.06 20.19 39.05
C GLY A 1306 26.81 18.70 38.91
N ARG A 1307 25.73 18.26 39.54
CA ARG A 1307 25.32 16.87 39.47
C ARG A 1307 24.68 16.58 38.12
N THR A 1308 24.56 15.28 37.81
CA THR A 1308 24.07 14.87 36.50
C THR A 1308 22.68 15.38 36.21
N GLY A 1309 21.89 15.67 37.25
CA GLY A 1309 20.55 16.22 37.09
C GLY A 1309 20.45 17.71 37.30
N ALA A 1310 21.56 18.40 37.57
CA ALA A 1310 21.52 19.82 37.84
C ALA A 1310 21.32 20.61 36.55
N GLY A 1311 21.03 21.91 36.72
CA GLY A 1311 20.71 22.77 35.59
C GLY A 1311 21.92 23.32 34.86
N LYS A 1312 23.12 22.82 35.18
CA LYS A 1312 24.32 23.37 34.57
C LYS A 1312 24.22 23.36 33.05
N SER A 1313 23.65 22.30 32.47
CA SER A 1313 23.50 22.23 31.03
C SER A 1313 22.55 23.31 30.52
N SER A 1314 21.50 23.61 31.27
CA SER A 1314 20.53 24.62 30.85
C SER A 1314 21.09 26.03 30.89
N LEU A 1315 22.27 26.23 31.49
CA LEU A 1315 22.81 27.58 31.60
C LEU A 1315 23.17 28.15 30.23
N THR A 1316 23.77 27.34 29.36
CA THR A 1316 24.10 27.82 28.02
C THR A 1316 22.85 28.10 27.21
N LEU A 1317 21.85 27.23 27.31
CA LEU A 1317 20.56 27.51 26.69
C LEU A 1317 19.97 28.79 27.26
N ALA A 1318 20.07 28.97 28.57
CA ALA A 1318 19.54 30.18 29.21
C ALA A 1318 20.28 31.42 28.74
N LEU A 1319 21.61 31.37 28.68
CA LEU A 1319 22.39 32.55 28.33
C LEU A 1319 22.12 32.98 26.89
N PHE A 1320 21.92 32.00 26.00
CA PHE A 1320 21.57 32.27 24.62
C PHE A 1320 20.07 32.50 24.44
N ARG A 1321 19.30 32.49 25.52
CA ARG A 1321 17.86 32.66 25.47
C ARG A 1321 17.21 31.70 24.49
N MET A 1322 17.75 30.48 24.43
CA MET A 1322 17.03 29.39 23.79
C MET A 1322 15.87 28.90 24.65
N ILE A 1323 15.88 29.24 25.94
CA ILE A 1323 14.75 29.04 26.84
C ILE A 1323 14.54 30.33 27.61
N GLU A 1324 13.28 30.71 27.79
CA GLU A 1324 12.96 32.02 28.35
C GLU A 1324 13.05 32.01 29.88
N ALA A 1325 13.14 33.20 30.45
CA ALA A 1325 13.25 33.37 31.89
C ALA A 1325 11.91 33.12 32.56
N SER A 1326 11.85 32.14 33.45
CA SER A 1326 10.65 31.95 34.24
C SER A 1326 10.38 33.15 35.14
N GLU A 1327 11.42 33.68 35.75
CA GLU A 1327 11.37 34.97 36.44
C GLU A 1327 12.76 35.57 36.41
N GLY A 1328 12.83 36.87 36.65
CA GLY A 1328 14.12 37.53 36.58
C GLY A 1328 14.57 37.74 35.14
N ASN A 1329 15.86 38.03 34.98
CA ASN A 1329 16.42 38.33 33.68
C ASN A 1329 17.93 38.16 33.74
N ILE A 1330 18.54 38.22 32.56
CA ILE A 1330 19.99 38.17 32.41
C ILE A 1330 20.45 39.46 31.74
N VAL A 1331 21.56 40.01 32.23
CA VAL A 1331 22.12 41.25 31.70
C VAL A 1331 23.51 40.96 31.13
N ILE A 1332 23.79 41.52 29.96
CA ILE A 1332 25.12 41.51 29.36
C ILE A 1332 25.47 42.93 28.98
N ASP A 1333 26.67 43.38 29.33
CA ASP A 1333 27.12 44.74 29.04
C ASP A 1333 26.06 45.74 29.46
N ASN A 1334 25.51 45.54 30.65
CA ASN A 1334 24.54 46.39 31.32
C ASN A 1334 23.25 46.58 30.51
N ILE A 1335 23.01 45.75 29.50
CA ILE A 1335 21.73 45.71 28.80
C ILE A 1335 21.11 44.34 29.02
N ALA A 1336 19.83 44.32 29.39
CA ALA A 1336 19.14 43.06 29.63
C ALA A 1336 18.86 42.38 28.29
N ILE A 1337 19.31 41.13 28.17
CA ILE A 1337 19.09 40.40 26.92
C ILE A 1337 17.65 39.93 26.78
N ASN A 1338 16.88 39.95 27.86
CA ASN A 1338 15.53 39.40 27.81
C ASN A 1338 14.63 40.14 26.83
N GLU A 1339 15.01 41.36 26.41
CA GLU A 1339 14.23 42.13 25.46
C GLU A 1339 15.00 42.52 24.20
N ILE A 1340 16.17 41.93 23.95
CA ILE A 1340 17.08 42.48 22.96
C ILE A 1340 16.91 41.86 21.57
N GLY A 1341 16.09 40.82 21.43
CA GLY A 1341 15.93 40.17 20.14
C GLY A 1341 16.91 39.05 19.90
N LEU A 1342 16.42 37.93 19.36
CA LEU A 1342 17.19 36.68 19.39
C LEU A 1342 18.38 36.73 18.45
N TYR A 1343 18.22 37.27 17.25
CA TYR A 1343 19.37 37.33 16.35
C TYR A 1343 20.44 38.28 16.90
N ASP A 1344 20.03 39.49 17.28
CA ASP A 1344 20.96 40.45 17.85
C ASP A 1344 21.68 39.88 19.04
N LEU A 1345 21.02 39.03 19.82
CA LEU A 1345 21.64 38.40 20.97
C LEU A 1345 22.62 37.33 20.53
N ARG A 1346 22.12 36.32 19.83
CA ARG A 1346 22.87 35.10 19.62
C ARG A 1346 24.06 35.30 18.68
N HIS A 1347 23.94 36.15 17.66
CA HIS A 1347 25.04 36.29 16.72
C HIS A 1347 26.19 37.10 17.29
N LYS A 1348 26.07 37.63 18.50
CA LYS A 1348 27.12 38.38 19.16
C LYS A 1348 27.86 37.58 20.23
N LEU A 1349 27.54 36.30 20.39
CA LEU A 1349 28.16 35.45 21.39
C LEU A 1349 28.85 34.27 20.72
N SER A 1350 30.03 33.92 21.21
CA SER A 1350 30.75 32.74 20.76
C SER A 1350 30.27 31.52 21.51
N ILE A 1351 30.40 30.35 20.87
CA ILE A 1351 30.10 29.08 21.51
C ILE A 1351 30.89 27.96 20.85
N ILE A 1352 31.22 26.95 21.64
CA ILE A 1352 31.62 25.64 21.15
C ILE A 1352 30.58 24.66 21.68
N PRO A 1353 29.51 24.39 20.94
CA PRO A 1353 28.39 23.62 21.51
C PRO A 1353 28.82 22.21 21.91
N GLN A 1354 28.17 21.69 22.94
CA GLN A 1354 28.49 20.34 23.42
C GLN A 1354 28.35 19.32 22.30
N ASP A 1355 27.39 19.51 21.41
CA ASP A 1355 27.14 18.58 20.30
C ASP A 1355 27.76 19.17 19.05
N SER A 1356 29.03 18.84 18.82
CA SER A 1356 29.73 19.31 17.62
C SER A 1356 29.01 18.82 16.38
N GLN A 1357 28.76 19.73 15.44
CA GLN A 1357 27.90 19.46 14.31
C GLN A 1357 28.52 20.01 13.03
N VAL A 1358 28.34 19.27 11.93
CA VAL A 1358 28.93 19.59 10.63
C VAL A 1358 27.84 19.65 9.57
N PHE A 1359 28.10 20.42 8.52
CA PHE A 1359 27.18 20.60 7.41
C PHE A 1359 27.90 20.25 6.11
N GLU A 1360 27.14 19.80 5.09
CA GLU A 1360 27.75 19.64 3.79
C GLU A 1360 28.19 20.99 3.23
N GLY A 1361 29.27 20.97 2.47
CA GLY A 1361 29.74 22.12 1.73
C GLY A 1361 31.19 22.41 2.03
N THR A 1362 31.63 23.57 1.54
CA THR A 1362 32.99 24.00 1.76
C THR A 1362 33.26 24.19 3.25
N VAL A 1363 34.55 24.24 3.59
CA VAL A 1363 34.94 24.67 4.93
C VAL A 1363 34.38 26.06 5.20
N ARG A 1364 34.27 26.88 4.16
CA ARG A 1364 33.65 28.20 4.32
C ARG A 1364 32.22 28.06 4.85
N GLU A 1365 31.44 27.18 4.24
CA GLU A 1365 30.04 27.04 4.66
C GLU A 1365 29.93 26.48 6.08
N ASN A 1366 30.94 25.77 6.56
CA ASN A 1366 30.95 25.27 7.93
C ASN A 1366 31.67 26.21 8.89
N ILE A 1367 32.23 27.32 8.40
CA ILE A 1367 32.93 28.28 9.24
C ILE A 1367 32.24 29.63 9.15
N ASP A 1368 31.97 30.08 7.93
CA ASP A 1368 31.34 31.39 7.69
C ASP A 1368 30.35 31.25 6.55
N PRO A 1369 29.21 30.61 6.80
CA PRO A 1369 28.21 30.46 5.73
C PRO A 1369 27.63 31.77 5.26
N ILE A 1370 27.72 32.84 6.07
CA ILE A 1370 27.29 34.15 5.61
C ILE A 1370 28.33 34.81 4.73
N ASN A 1371 29.55 34.27 4.68
CA ASN A 1371 30.63 34.85 3.91
C ASN A 1371 30.97 36.26 4.39
N GLN A 1372 30.73 36.52 5.67
CA GLN A 1372 30.89 37.87 6.22
C GLN A 1372 32.32 38.15 6.67
N TYR A 1373 33.18 37.14 6.75
CA TYR A 1373 34.53 37.31 7.24
C TYR A 1373 35.56 37.07 6.15
N THR A 1374 36.71 37.72 6.30
CA THR A 1374 37.74 37.72 5.27
C THR A 1374 38.50 36.39 5.22
N ASP A 1375 39.02 36.10 4.03
CA ASP A 1375 39.78 34.87 3.82
C ASP A 1375 40.97 34.79 4.77
N GLU A 1376 41.67 35.91 4.98
CA GLU A 1376 42.84 35.88 5.85
C GLU A 1376 42.44 35.56 7.29
N ALA A 1377 41.34 36.13 7.77
CA ALA A 1377 40.89 35.83 9.11
C ALA A 1377 40.45 34.37 9.23
N ILE A 1378 39.77 33.85 8.20
CA ILE A 1378 39.34 32.45 8.23
C ILE A 1378 40.57 31.54 8.31
N TRP A 1379 41.57 31.81 7.48
CA TRP A 1379 42.80 31.02 7.51
C TRP A 1379 43.51 31.15 8.85
N ARG A 1380 43.50 32.36 9.44
CA ARG A 1380 44.07 32.53 10.76
C ARG A 1380 43.38 31.63 11.78
N ALA A 1381 42.04 31.57 11.72
CA ALA A 1381 41.30 30.72 12.64
C ALA A 1381 41.65 29.25 12.44
N LEU A 1382 41.68 28.81 11.18
CA LEU A 1382 42.02 27.42 10.90
C LEU A 1382 43.43 27.09 11.36
N GLU A 1383 44.37 28.02 11.18
CA GLU A 1383 45.75 27.78 11.60
C GLU A 1383 45.84 27.70 13.11
N LEU A 1384 45.19 28.61 13.82
CA LEU A 1384 45.18 28.55 15.28
C LEU A 1384 44.58 27.23 15.76
N SER A 1385 43.49 26.81 15.14
CA SER A 1385 42.79 25.58 15.51
C SER A 1385 43.48 24.31 15.00
N HIS A 1386 44.65 24.44 14.39
CA HIS A 1386 45.50 23.28 14.07
C HIS A 1386 44.79 22.24 13.20
N LEU A 1387 44.00 22.69 12.22
CA LEU A 1387 43.51 21.80 11.18
C LEU A 1387 43.57 22.43 9.79
N LYS A 1388 44.17 23.62 9.67
CA LYS A 1388 44.74 24.07 8.40
C LYS A 1388 45.40 22.90 7.68
N GLU A 1389 46.21 22.15 8.42
CA GLU A 1389 46.89 20.99 7.85
C GLU A 1389 45.89 19.96 7.36
N HIS A 1390 44.80 19.75 8.11
CA HIS A 1390 43.85 18.71 7.73
C HIS A 1390 43.16 19.06 6.42
N VAL A 1391 42.70 20.30 6.27
CA VAL A 1391 42.05 20.68 5.01
C VAL A 1391 43.05 20.60 3.85
N LEU A 1392 44.29 21.05 4.07
CA LEU A 1392 45.27 20.95 3.00
C LEU A 1392 45.54 19.51 2.63
N SER A 1393 45.49 18.60 3.59
CA SER A 1393 45.62 17.18 3.29
C SER A 1393 44.39 16.65 2.57
N MET A 1394 43.20 17.18 2.89
CA MET A 1394 41.99 16.71 2.23
C MET A 1394 42.00 17.04 0.76
N SER A 1395 42.30 18.30 0.41
CA SER A 1395 42.31 18.64 -1.01
C SER A 1395 43.06 19.95 -1.24
N ASN A 1396 43.42 20.16 -2.50
CA ASN A 1396 44.01 21.41 -2.95
C ASN A 1396 43.01 22.56 -2.94
N ASP A 1397 41.72 22.27 -2.78
CA ASP A 1397 40.72 23.32 -2.72
C ASP A 1397 40.85 24.17 -1.47
N GLY A 1398 41.52 23.65 -0.44
CA GLY A 1398 41.72 24.39 0.78
C GLY A 1398 40.44 24.82 1.44
N LEU A 1399 40.20 26.13 1.49
CA LEU A 1399 38.99 26.63 2.16
C LEU A 1399 37.72 26.14 1.49
N ASP A 1400 37.79 25.73 0.22
CA ASP A 1400 36.63 25.17 -0.47
C ASP A 1400 36.58 23.65 -0.35
N ALA A 1401 37.47 23.03 0.40
CA ALA A 1401 37.40 21.60 0.62
C ALA A 1401 36.06 21.23 1.24
N GLN A 1402 35.49 20.13 0.79
CA GLN A 1402 34.07 19.82 1.01
C GLN A 1402 33.92 18.78 2.11
N LEU A 1403 33.14 19.13 3.13
CA LEU A 1403 32.67 18.18 4.12
C LEU A 1403 31.31 17.64 3.69
N THR A 1404 30.99 16.42 4.13
CA THR A 1404 29.74 15.78 3.77
C THR A 1404 29.04 15.23 5.01
N GLU A 1405 27.74 15.47 5.07
CA GLU A 1405 26.89 14.91 6.11
C GLU A 1405 26.76 13.41 5.93
N GLY A 1406 26.86 12.67 7.03
CA GLY A 1406 26.88 11.22 6.97
C GLY A 1406 28.22 10.64 6.61
N GLY A 1407 29.21 11.48 6.33
CA GLY A 1407 30.58 11.02 6.11
C GLY A 1407 31.42 11.16 7.36
N GLY A 1408 32.73 11.02 7.16
CA GLY A 1408 33.68 11.10 8.26
C GLY A 1408 34.89 11.94 7.93
N ASN A 1409 34.70 13.05 7.20
CA ASN A 1409 35.83 13.89 6.81
C ASN A 1409 36.56 14.41 8.04
N LEU A 1410 35.83 14.82 9.07
CA LEU A 1410 36.39 15.37 10.30
C LEU A 1410 36.02 14.48 11.47
N SER A 1411 37.03 13.89 12.08
CA SER A 1411 36.85 13.16 13.33
C SER A 1411 36.49 14.12 14.46
N VAL A 1412 35.95 13.56 15.54
CA VAL A 1412 35.31 14.38 16.56
C VAL A 1412 36.25 15.46 17.08
N GLY A 1413 37.51 15.10 17.36
CA GLY A 1413 38.41 16.07 17.97
C GLY A 1413 38.66 17.26 17.08
N GLN A 1414 39.10 17.01 15.84
CA GLN A 1414 39.25 18.09 14.88
C GLN A 1414 37.90 18.71 14.53
N ARG A 1415 36.81 17.98 14.72
CA ARG A 1415 35.48 18.60 14.61
C ARG A 1415 35.27 19.62 15.72
N GLN A 1416 35.68 19.30 16.95
CA GLN A 1416 35.60 20.29 18.02
C GLN A 1416 36.51 21.47 17.73
N LEU A 1417 37.65 21.22 17.08
CA LEU A 1417 38.51 22.33 16.69
C LEU A 1417 37.87 23.19 15.59
N LEU A 1418 37.12 22.56 14.69
CA LEU A 1418 36.33 23.31 13.71
C LEU A 1418 35.32 24.20 14.41
N CYS A 1419 34.63 23.66 15.41
CA CYS A 1419 33.69 24.48 16.18
C CYS A 1419 34.43 25.60 16.91
N LEU A 1420 35.62 25.31 17.43
CA LEU A 1420 36.41 26.34 18.09
C LEU A 1420 36.79 27.44 17.12
N ALA A 1421 37.09 27.08 15.87
CA ALA A 1421 37.34 28.08 14.85
C ALA A 1421 36.12 28.96 14.62
N ARG A 1422 34.95 28.34 14.48
CA ARG A 1422 33.73 29.12 14.37
C ARG A 1422 33.62 30.10 15.53
N ALA A 1423 33.94 29.63 16.74
CA ALA A 1423 33.91 30.50 17.90
C ALA A 1423 34.93 31.64 17.78
N MET A 1424 36.10 31.37 17.21
CA MET A 1424 37.13 32.38 17.11
C MET A 1424 36.74 33.51 16.17
N LEU A 1425 36.09 33.18 15.04
CA LEU A 1425 35.77 34.25 14.09
C LEU A 1425 34.88 35.32 14.70
N VAL A 1426 33.77 34.91 15.32
CA VAL A 1426 32.78 35.88 15.79
C VAL A 1426 33.39 36.69 16.94
N PRO A 1427 33.01 37.97 17.10
CA PRO A 1427 33.49 38.74 18.26
C PRO A 1427 33.16 38.05 19.56
N SER A 1428 34.20 37.66 20.30
CA SER A 1428 34.09 36.76 21.45
C SER A 1428 34.01 37.51 22.77
N LYS A 1429 33.38 38.69 22.83
CA LYS A 1429 33.27 39.39 24.10
C LYS A 1429 32.76 38.46 25.20
N ILE A 1430 31.91 37.51 24.84
CA ILE A 1430 31.53 36.40 25.70
C ILE A 1430 31.72 35.11 24.93
N LEU A 1431 32.20 34.08 25.62
CA LEU A 1431 32.31 32.75 25.04
C LEU A 1431 31.72 31.72 25.99
N VAL A 1432 31.08 30.71 25.42
CA VAL A 1432 30.55 29.58 26.18
C VAL A 1432 31.05 28.31 25.53
N LEU A 1433 31.39 27.31 26.34
CA LEU A 1433 31.79 26.03 25.76
C LEU A 1433 31.41 24.92 26.73
N ASP A 1434 31.23 23.73 26.18
CA ASP A 1434 30.92 22.55 26.97
C ASP A 1434 31.58 21.33 26.31
N GLU A 1435 31.88 20.33 27.14
CA GLU A 1435 32.48 19.12 26.62
C GLU A 1435 31.47 18.28 25.86
N ALA A 1436 31.96 17.47 24.94
CA ALA A 1436 31.19 16.32 24.49
C ALA A 1436 31.20 15.29 25.61
N THR A 1437 30.02 14.97 26.15
CA THR A 1437 29.93 14.27 27.42
C THR A 1437 30.72 12.96 27.40
N ALA A 1438 31.83 12.94 28.14
CA ALA A 1438 32.69 11.76 28.24
C ALA A 1438 33.19 11.31 26.86
N ALA A 1439 33.33 12.24 25.93
CA ALA A 1439 33.78 11.92 24.59
C ALA A 1439 34.99 12.76 24.19
N VAL A 1440 35.97 12.88 25.08
CA VAL A 1440 37.15 13.72 24.86
C VAL A 1440 38.41 12.94 25.21
N ASP A 1441 39.55 13.48 24.78
CA ASP A 1441 40.86 12.89 25.04
C ASP A 1441 41.79 13.99 25.51
N VAL A 1442 42.92 13.58 26.11
CA VAL A 1442 43.87 14.53 26.66
C VAL A 1442 44.48 15.41 25.57
N GLU A 1443 44.74 14.84 24.39
CA GLU A 1443 45.27 15.65 23.28
C GLU A 1443 44.27 16.71 22.86
N THR A 1444 42.99 16.32 22.73
CA THR A 1444 41.97 17.29 22.36
C THR A 1444 41.83 18.34 23.43
N ASP A 1445 41.86 17.94 24.70
CA ASP A 1445 41.87 18.91 25.77
C ASP A 1445 43.01 19.90 25.59
N LYS A 1446 44.26 19.43 25.66
CA LYS A 1446 45.38 20.36 25.66
C LYS A 1446 45.32 21.31 24.48
N VAL A 1447 44.97 20.81 23.29
CA VAL A 1447 44.85 21.71 22.16
C VAL A 1447 43.74 22.72 22.40
N VAL A 1448 42.62 22.28 22.99
CA VAL A 1448 41.51 23.20 23.23
C VAL A 1448 41.91 24.30 24.20
N GLN A 1449 42.47 23.92 25.36
CA GLN A 1449 42.84 24.95 26.33
C GLN A 1449 43.92 25.89 25.79
N GLU A 1450 44.92 25.37 25.07
CA GLU A 1450 45.94 26.28 24.56
C GLU A 1450 45.32 27.25 23.56
N THR A 1451 44.42 26.77 22.69
CA THR A 1451 43.77 27.67 21.75
C THR A 1451 42.91 28.70 22.47
N ILE A 1452 42.20 28.28 23.52
CA ILE A 1452 41.35 29.20 24.28
C ILE A 1452 42.20 30.27 24.94
N ARG A 1453 43.29 29.86 25.60
CA ARG A 1453 44.18 30.82 26.23
C ARG A 1453 44.74 31.79 25.20
N THR A 1454 45.04 31.31 24.00
CA THR A 1454 45.58 32.17 22.95
C THR A 1454 44.54 33.19 22.48
N ALA A 1455 43.32 32.74 22.21
CA ALA A 1455 42.37 33.54 21.44
C ALA A 1455 41.36 34.29 22.30
N PHE A 1456 40.99 33.77 23.47
CA PHE A 1456 39.86 34.28 24.22
C PHE A 1456 40.18 34.73 25.63
N LYS A 1457 41.40 34.48 26.12
CA LYS A 1457 41.69 34.77 27.52
C LYS A 1457 41.39 36.22 27.88
N ASP A 1458 41.49 37.11 26.89
CA ASP A 1458 41.20 38.54 27.10
C ASP A 1458 39.71 38.86 27.06
N ARG A 1459 38.85 37.86 26.99
CA ARG A 1459 37.41 38.07 27.00
C ARG A 1459 36.75 37.01 27.86
N THR A 1460 35.52 37.29 28.27
CA THR A 1460 34.81 36.40 29.19
C THR A 1460 34.70 35.00 28.58
N ILE A 1461 34.93 33.99 29.42
CA ILE A 1461 34.77 32.60 29.03
C ILE A 1461 33.98 31.90 30.12
N LEU A 1462 32.96 31.13 29.70
CA LEU A 1462 32.20 30.30 30.62
C LEU A 1462 32.33 28.86 30.14
N THR A 1463 32.80 27.98 31.04
CA THR A 1463 33.04 26.58 30.71
C THR A 1463 32.12 25.70 31.53
N ILE A 1464 31.38 24.82 30.86
CA ILE A 1464 30.46 23.90 31.52
C ILE A 1464 31.00 22.48 31.54
N ALA A 1465 32.21 22.25 31.03
CA ALA A 1465 32.72 20.90 30.88
C ALA A 1465 32.74 20.17 32.23
N HIS A 1466 32.36 18.90 32.19
CA HIS A 1466 32.25 18.09 33.41
C HIS A 1466 33.61 17.56 33.85
N ARG A 1467 34.56 17.38 32.93
CA ARG A 1467 35.92 17.04 33.30
C ARG A 1467 36.59 18.23 33.99
N LEU A 1468 36.91 18.06 35.29
CA LEU A 1468 37.34 19.20 36.09
C LEU A 1468 38.69 19.76 35.63
N ASN A 1469 39.52 18.92 35.01
CA ASN A 1469 40.81 19.40 34.53
C ASN A 1469 40.65 20.59 33.59
N THR A 1470 39.51 20.66 32.89
CA THR A 1470 39.22 21.77 31.99
C THR A 1470 39.01 23.09 32.72
N ILE A 1471 38.76 23.08 34.02
CA ILE A 1471 38.40 24.28 34.75
C ILE A 1471 39.24 24.49 36.01
N MET A 1472 40.23 23.65 36.28
CA MET A 1472 41.09 23.90 37.43
C MET A 1472 41.73 25.29 37.38
N ASP A 1473 42.00 25.82 36.18
CA ASP A 1473 42.71 27.09 36.06
C ASP A 1473 41.79 28.31 36.12
N SER A 1474 40.47 28.11 36.11
CA SER A 1474 39.55 29.23 36.14
C SER A 1474 39.72 30.04 37.41
N ASP A 1475 39.60 31.37 37.31
CA ASP A 1475 39.62 32.20 38.50
C ASP A 1475 38.26 32.31 39.16
N ARG A 1476 37.23 31.71 38.57
CA ARG A 1476 35.92 31.61 39.19
C ARG A 1476 35.32 30.25 38.84
N ILE A 1477 34.62 29.67 39.80
CA ILE A 1477 33.97 28.37 39.61
C ILE A 1477 32.59 28.44 40.24
N ILE A 1478 31.68 27.61 39.74
CA ILE A 1478 30.33 27.53 40.24
C ILE A 1478 29.91 26.07 40.30
N VAL A 1479 29.24 25.69 41.38
CA VAL A 1479 28.61 24.39 41.53
C VAL A 1479 27.11 24.59 41.61
N LEU A 1480 26.38 23.95 40.70
CA LEU A 1480 24.92 24.03 40.69
C LEU A 1480 24.35 22.97 41.62
N ASP A 1481 24.00 23.37 42.85
CA ASP A 1481 23.36 22.45 43.78
C ASP A 1481 21.92 22.21 43.33
N ASN A 1482 21.71 21.20 42.50
CA ASN A 1482 20.39 20.87 41.97
C ASN A 1482 19.67 22.11 41.44
N GLY A 1483 20.44 23.07 40.93
CA GLY A 1483 19.90 24.28 40.34
C GLY A 1483 19.90 25.50 41.23
N LYS A 1484 20.22 25.36 42.51
CA LYS A 1484 20.34 26.54 43.35
C LYS A 1484 21.83 26.79 43.21
N VAL A 1485 22.25 27.92 42.62
CA VAL A 1485 23.69 28.15 42.40
C VAL A 1485 24.50 28.03 43.70
N ALA A 1486 24.21 28.92 44.66
CA ALA A 1486 24.80 29.01 46.02
C ALA A 1486 26.20 28.40 46.10
N GLU A 1487 27.17 29.00 45.41
CA GLU A 1487 28.55 28.54 45.51
C GLU A 1487 29.52 29.69 45.26
N PHE A 1488 30.78 29.50 45.68
CA PHE A 1488 31.72 30.59 45.95
C PHE A 1488 32.85 30.67 44.94
N ASP A 1489 33.64 31.74 45.08
CA ASP A 1489 34.54 32.25 44.05
C ASP A 1489 35.47 31.23 43.38
N SER A 1490 36.45 30.71 44.13
CA SER A 1490 37.62 30.18 43.41
C SER A 1490 37.64 28.65 43.40
N PRO A 1491 38.23 28.05 42.35
CA PRO A 1491 38.42 26.59 42.37
C PRO A 1491 39.35 26.13 43.47
N GLY A 1492 40.48 26.83 43.65
CA GLY A 1492 41.39 26.46 44.72
C GLY A 1492 40.79 26.66 46.09
N GLN A 1493 40.10 27.78 46.29
CA GLN A 1493 39.44 28.04 47.57
C GLN A 1493 38.37 26.98 47.85
N LEU A 1494 37.59 26.64 46.81
CA LEU A 1494 36.58 25.59 46.96
C LEU A 1494 37.22 24.26 47.28
N LEU A 1495 38.36 23.96 46.66
CA LEU A 1495 39.04 22.68 46.88
C LEU A 1495 39.65 22.60 48.26
N SER A 1496 40.13 23.72 48.80
CA SER A 1496 40.88 23.75 50.05
C SER A 1496 40.03 24.12 51.25
N ASP A 1497 39.14 25.09 51.11
CA ASP A 1497 38.44 25.65 52.26
C ASP A 1497 37.39 24.72 52.84
N ASN A 1498 37.00 23.68 52.13
CA ASN A 1498 35.97 22.77 52.62
C ASN A 1498 36.09 21.43 51.91
N LYS A 1499 35.45 20.42 52.49
CA LYS A 1499 35.30 19.12 51.85
C LYS A 1499 34.16 19.21 50.83
N SER A 1500 34.33 20.14 49.88
CA SER A 1500 33.27 20.48 48.95
C SER A 1500 32.96 19.33 48.01
N LEU A 1501 31.78 19.41 47.38
CA LEU A 1501 31.47 18.50 46.28
C LEU A 1501 32.56 18.55 45.22
N PHE A 1502 33.02 19.76 44.88
CA PHE A 1502 34.17 19.91 44.01
C PHE A 1502 35.37 19.18 44.57
N TYR A 1503 35.62 19.30 45.88
CA TYR A 1503 36.73 18.58 46.49
C TYR A 1503 36.52 17.08 46.39
N SER A 1504 35.29 16.61 46.63
CA SER A 1504 35.03 15.18 46.59
C SER A 1504 35.20 14.62 45.17
N LEU A 1505 34.77 15.35 44.16
CA LEU A 1505 34.94 14.89 42.79
C LEU A 1505 36.42 14.80 42.42
N CYS A 1506 37.20 15.81 42.79
CA CYS A 1506 38.61 15.84 42.49
C CYS A 1506 39.38 14.84 43.36
N UNK B 1 13.51 -35.99 32.95
CA UNK B 1 12.88 -35.41 34.13
C UNK B 1 12.11 -34.13 33.84
N UNK B 2 12.25 -33.57 32.63
CA UNK B 2 11.56 -32.34 32.28
C UNK B 2 11.14 -32.42 30.81
N UNK B 3 10.07 -31.70 30.46
CA UNK B 3 9.55 -31.71 29.11
C UNK B 3 8.81 -30.42 28.83
N UNK B 4 8.63 -30.13 27.54
CA UNK B 4 7.90 -28.95 27.09
C UNK B 4 6.98 -29.36 25.94
N UNK B 5 6.04 -28.48 25.60
CA UNK B 5 5.07 -28.79 24.56
C UNK B 5 4.69 -27.51 23.82
N UNK B 6 4.30 -27.67 22.56
CA UNK B 6 3.96 -26.54 21.71
C UNK B 6 2.54 -26.05 21.98
N UNK B 7 2.35 -24.75 21.80
CA UNK B 7 1.01 -24.16 21.91
C UNK B 7 0.21 -24.44 20.64
N UNK B 8 -1.11 -24.28 20.76
CA UNK B 8 -1.99 -24.48 19.62
C UNK B 8 -1.76 -23.41 18.57
N UNK B 9 -1.56 -23.85 17.33
CA UNK B 9 -1.33 -22.92 16.22
C UNK B 9 -2.67 -22.38 15.72
N UNK B 10 -2.79 -21.06 15.66
CA UNK B 10 -4.04 -20.43 15.26
C UNK B 10 -3.73 -19.05 14.69
N UNK B 11 -4.78 -18.34 14.30
CA UNK B 11 -4.63 -17.02 13.69
C UNK B 11 -3.77 -16.12 14.57
N UNK B 12 -2.81 -15.45 13.94
CA UNK B 12 -1.91 -14.55 14.67
C UNK B 12 -2.69 -13.37 15.27
N UNK B 13 -3.76 -12.97 14.59
CA UNK B 13 -4.60 -11.86 15.02
C UNK B 13 -3.79 -10.61 15.38
C1 PTY C . -47.35 4.81 -25.57
C2 PTY C . -52.07 4.76 -32.58
C3 PTY C . -51.30 5.69 -31.67
O4 PTY C . -46.03 4.58 -25.18
C5 PTY C . -48.04 4.91 -27.95
C6 PTY C . -47.64 3.97 -26.81
O7 PTY C . -48.71 3.10 -26.55
C8 PTY C . -48.32 1.79 -26.28
O10 PTY C . -48.65 0.92 -27.01
C11 PTY C . -47.51 1.47 -25.04
C12 PTY C . -48.08 0.28 -24.27
C13 PTY C . -47.02 -0.53 -23.55
C14 PTY C . -45.69 -0.57 -24.31
C15 PTY C . -44.61 0.27 -23.64
C16 PTY C . -43.70 -0.57 -22.75
C17 PTY C . -42.27 -0.03 -22.70
C18 PTY C . -41.38 -0.87 -21.79
C30 PTY C . -45.79 4.85 -23.83
C31 PTY C . -45.02 3.86 -22.98
O30 PTY C . -46.21 5.85 -23.35
C32 PTY C . -44.15 4.53 -21.92
C33 PTY C . -42.98 3.65 -21.52
C34 PTY C . -42.21 4.18 -20.31
C35 PTY C . -40.74 3.77 -20.34
C36 PTY C . -40.21 3.45 -18.95
C37 PTY C . -39.16 2.33 -18.99
P1 PTY C . -50.15 5.67 -29.31
O11 PTY C . -50.61 4.93 -30.72
O12 PTY C . -49.27 6.84 -29.63
O13 PTY C . -51.38 6.15 -28.58
O14 PTY C . -49.34 4.60 -28.35
N1 PTY C . -51.41 4.64 -33.86
C1 PTY D . -19.16 16.31 -1.05
C2 PTY D . -22.18 17.91 5.53
C3 PTY D . -21.52 16.83 4.66
O4 PTY D . -18.96 15.35 -2.04
C5 PTY D . -18.66 16.78 1.34
C6 PTY D . -18.22 16.00 0.11
O7 PTY D . -16.91 16.36 -0.24
C8 PTY D . -15.97 15.34 -0.06
O10 PTY D . -16.24 14.40 0.60
C11 PTY D . -14.60 15.44 -0.71
C12 PTY D . -14.65 16.02 -2.12
C13 PTY D . -13.74 17.23 -2.27
C14 PTY D . -14.34 18.27 -3.20
C15 PTY D . -13.28 19.21 -3.78
C16 PTY D . -13.67 20.68 -3.61
C17 PTY D . -12.48 21.60 -3.83
C18 PTY D . -12.70 22.98 -3.22
C19 PTY D . -11.38 23.69 -2.93
C20 PTY D . -10.69 24.17 -4.21
C21 PTY D . -9.26 24.61 -3.95
C22 PTY D . -8.25 23.81 -4.77
C23 PTY D . -7.83 24.53 -6.04
C24 PTY D . -6.51 24.02 -6.59
C25 PTY D . -6.37 24.28 -8.09
C30 PTY D . -19.09 15.85 -3.33
C31 PTY D . -18.21 15.33 -4.46
O30 PTY D . -19.89 16.70 -3.55
C32 PTY D . -18.97 15.15 -5.77
C33 PTY D . -18.85 16.37 -6.68
C34 PTY D . -19.06 16.03 -8.15
C35 PTY D . -20.20 16.83 -8.78
C36 PTY D . -20.84 16.10 -9.95
C37 PTY D . -22.34 16.34 -10.05
C38 PTY D . -23.16 15.10 -9.68
C39 PTY D . -23.90 14.50 -10.86
C40 PTY D . -24.90 13.42 -10.44
C41 PTY D . -24.96 12.25 -11.43
P1 PTY D . -19.16 16.09 3.82
O11 PTY D . -20.20 17.21 4.43
O12 PTY D . -17.74 16.53 4.10
O13 PTY D . -19.40 14.75 4.49
O14 PTY D . -19.38 15.93 2.20
N1 PTY D . -23.60 17.97 5.27
#